data_2N82
#
_entry.id   2N82
#
loop_
_entity.id
_entity.type
_entity.pdbx_description
1 polymer "RNA (5'-R(*GP*GP*UP*AP*GP*UP*UP*UP*UP*GP*GP*CP*AP*UP*GP*AP*CP*UP*CP*UP*AP*CP*C)-3')"
2 polymer 'RNA binding protein fox-1 homolog 1'
#
loop_
_entity_poly.entity_id
_entity_poly.type
_entity_poly.pdbx_seq_one_letter_code
_entity_poly.pdbx_strand_id
1 'polyribonucleotide' GGUAGUUUUGGCAUGACUCUACC A
2 'polypeptide(L)'
;GSHMNTENKSQPKRLHVSNIPFRFRDPDLRQMFGQFGKILDVEIIFNERGSKGFGFVTFENSADADRAREKLHGTVVEGR
KIEVNNATARVMTNKKTVNPYTNG
;
B
#
# COMPACT_ATOMS: atom_id res chain seq x y z
N GLY B 1 14.66 -20.65 13.05
CA GLY B 1 14.95 -19.20 13.16
C GLY B 1 14.42 -18.42 11.97
N SER B 2 14.08 -17.15 12.18
CA SER B 2 13.44 -16.26 11.17
C SER B 2 13.97 -14.82 11.28
N HIS B 3 13.87 -14.06 10.18
CA HIS B 3 14.34 -12.66 10.07
C HIS B 3 13.59 -11.67 10.99
N MET B 4 12.35 -12.00 11.36
CA MET B 4 11.46 -11.20 12.22
C MET B 4 10.40 -12.10 12.90
N ASN B 5 9.59 -11.52 13.79
CA ASN B 5 8.39 -12.14 14.36
C ASN B 5 7.30 -11.09 14.65
N THR B 6 6.06 -11.54 14.86
CA THR B 6 4.86 -10.70 15.14
C THR B 6 4.78 -10.26 16.60
N GLU B 7 5.91 -9.79 17.14
CA GLU B 7 6.09 -9.36 18.54
C GLU B 7 6.26 -7.85 18.69
N ASN B 8 6.76 -7.16 17.65
CA ASN B 8 7.02 -5.71 17.67
C ASN B 8 7.02 -5.02 16.28
N LYS B 9 7.14 -5.78 15.17
CA LYS B 9 7.37 -5.24 13.82
C LYS B 9 6.32 -4.27 13.28
N SER B 10 5.09 -4.63 13.58
CA SER B 10 3.86 -4.05 13.04
C SER B 10 2.61 -4.25 13.93
N GLN B 11 1.52 -3.59 13.52
CA GLN B 11 0.16 -3.70 14.04
C GLN B 11 -0.86 -3.79 12.88
N PRO B 12 -0.88 -2.80 11.95
CA PRO B 12 -1.62 -2.92 10.69
C PRO B 12 -0.97 -3.90 9.70
N LYS B 13 -1.61 -4.06 8.54
CA LYS B 13 -1.04 -4.78 7.37
C LYS B 13 -0.90 -3.85 6.18
N ARG B 14 -0.12 -4.26 5.17
CA ARG B 14 0.16 -3.47 3.95
C ARG B 14 -0.04 -4.29 2.70
N LEU B 15 -0.52 -3.62 1.66
CA LEU B 15 -1.02 -4.20 0.43
C LEU B 15 -0.43 -3.51 -0.80
N HIS B 16 0.28 -4.25 -1.64
CA HIS B 16 0.73 -3.81 -2.97
C HIS B 16 -0.46 -3.81 -3.94
N VAL B 17 -0.52 -2.82 -4.84
CA VAL B 17 -1.54 -2.73 -5.88
C VAL B 17 -0.92 -2.34 -7.20
N SER B 18 -1.02 -3.23 -8.18
CA SER B 18 -0.34 -3.09 -9.48
C SER B 18 -1.29 -2.66 -10.59
N ASN B 19 -0.73 -2.29 -11.74
CA ASN B 19 -1.39 -1.86 -12.97
C ASN B 19 -2.34 -0.63 -12.88
N ILE B 20 -2.40 0.06 -11.74
CA ILE B 20 -3.24 1.26 -11.53
C ILE B 20 -2.89 2.41 -12.52
N PRO B 21 -3.82 3.31 -12.84
CA PRO B 21 -3.54 4.52 -13.62
C PRO B 21 -2.42 5.38 -13.07
N PHE B 22 -1.61 5.95 -13.97
CA PHE B 22 -0.65 7.02 -13.66
C PHE B 22 -1.36 8.29 -13.13
N ARG B 23 -2.68 8.40 -13.38
CA ARG B 23 -3.53 9.54 -12.99
C ARG B 23 -4.22 9.35 -11.63
N PHE B 24 -4.10 8.18 -11.00
CA PHE B 24 -4.52 7.98 -9.60
C PHE B 24 -3.53 8.65 -8.64
N ARG B 25 -4.06 9.16 -7.51
CA ARG B 25 -3.28 9.63 -6.37
C ARG B 25 -3.72 8.86 -5.12
N ASP B 26 -3.07 9.12 -3.98
CA ASP B 26 -3.39 8.57 -2.68
C ASP B 26 -4.90 8.64 -2.27
N PRO B 27 -5.67 9.70 -2.59
CA PRO B 27 -7.12 9.73 -2.38
C PRO B 27 -7.90 8.92 -3.43
N ASP B 28 -7.42 8.82 -4.68
CA ASP B 28 -8.05 7.96 -5.70
C ASP B 28 -7.92 6.47 -5.33
N LEU B 29 -6.79 6.09 -4.73
CA LEU B 29 -6.57 4.73 -4.22
C LEU B 29 -7.50 4.40 -3.05
N ARG B 30 -7.41 5.12 -1.92
CA ARG B 30 -8.16 4.75 -0.70
C ARG B 30 -9.68 4.71 -0.88
N GLN B 31 -10.22 5.47 -1.83
CA GLN B 31 -11.64 5.46 -2.19
C GLN B 31 -12.13 4.06 -2.61
N MET B 32 -11.32 3.30 -3.36
CA MET B 32 -11.63 1.93 -3.77
C MET B 32 -11.37 0.91 -2.64
N PHE B 33 -10.23 1.03 -1.94
CA PHE B 33 -9.78 0.06 -0.95
C PHE B 33 -10.50 0.15 0.41
N GLY B 34 -10.94 1.34 0.82
CA GLY B 34 -11.52 1.59 2.15
C GLY B 34 -12.92 1.01 2.42
N GLN B 35 -13.61 0.49 1.39
CA GLN B 35 -14.92 -0.17 1.55
C GLN B 35 -14.86 -1.49 2.35
N PHE B 36 -13.66 -2.05 2.59
CA PHE B 36 -13.45 -3.31 3.32
C PHE B 36 -12.85 -3.13 4.72
N GLY B 37 -12.22 -1.99 4.99
CA GLY B 37 -11.61 -1.64 6.28
C GLY B 37 -10.91 -0.29 6.22
N LYS B 38 -10.66 0.33 7.38
CA LYS B 38 -10.09 1.68 7.49
C LYS B 38 -8.65 1.75 6.98
N ILE B 39 -8.39 2.62 6.00
CA ILE B 39 -7.03 2.98 5.58
C ILE B 39 -6.35 3.80 6.67
N LEU B 40 -5.09 3.47 6.96
CA LEU B 40 -4.22 4.19 7.90
C LEU B 40 -3.12 5.00 7.15
N ASP B 41 -2.69 4.54 5.98
CA ASP B 41 -1.69 5.20 5.13
C ASP B 41 -1.75 4.67 3.68
N VAL B 42 -1.16 5.41 2.73
CA VAL B 42 -1.10 5.09 1.29
C VAL B 42 0.26 5.53 0.73
N GLU B 43 0.78 4.85 -0.29
CA GLU B 43 2.07 5.12 -0.91
C GLU B 43 1.97 4.99 -2.44
N ILE B 44 2.62 5.90 -3.19
CA ILE B 44 2.78 5.79 -4.65
C ILE B 44 4.27 5.99 -5.00
N ILE B 45 4.69 5.24 -6.00
CA ILE B 45 6.07 4.94 -6.39
C ILE B 45 6.51 5.90 -7.50
N PHE B 46 7.63 6.61 -7.38
CA PHE B 46 8.00 7.70 -8.31
C PHE B 46 9.44 7.66 -8.77
N ASN B 47 9.61 7.33 -10.05
CA ASN B 47 10.90 7.50 -10.73
C ASN B 47 11.20 8.99 -10.94
N GLU B 48 10.19 9.63 -11.52
CA GLU B 48 10.14 10.98 -12.10
C GLU B 48 8.76 11.12 -12.73
N ARG B 49 8.43 10.09 -13.52
CA ARG B 49 7.28 9.86 -14.38
C ARG B 49 5.90 9.86 -13.72
N GLY B 50 5.83 10.09 -12.41
CA GLY B 50 4.64 9.84 -11.63
C GLY B 50 4.68 8.43 -11.07
N SER B 51 3.50 7.89 -10.78
CA SER B 51 3.30 6.50 -10.42
C SER B 51 4.07 5.55 -11.33
N LYS B 52 4.96 4.72 -10.76
CA LYS B 52 5.62 3.60 -11.46
C LYS B 52 4.65 2.44 -11.78
N GLY B 53 3.40 2.78 -11.98
CA GLY B 53 2.32 1.90 -12.37
C GLY B 53 1.68 1.11 -11.22
N PHE B 54 2.30 1.12 -10.03
CA PHE B 54 1.77 0.48 -8.82
C PHE B 54 1.78 1.47 -7.64
N GLY B 55 1.10 1.08 -6.56
CA GLY B 55 1.10 1.77 -5.28
C GLY B 55 0.93 0.78 -4.13
N PHE B 56 0.79 1.27 -2.91
CA PHE B 56 0.48 0.46 -1.74
C PHE B 56 -0.50 1.15 -0.80
N VAL B 57 -1.15 0.36 0.04
CA VAL B 57 -2.19 0.76 0.99
C VAL B 57 -1.94 0.08 2.34
N THR B 58 -2.20 0.77 3.45
CA THR B 58 -2.08 0.23 4.82
C THR B 58 -3.46 0.12 5.47
N PHE B 59 -3.79 -1.07 5.98
CA PHE B 59 -5.11 -1.47 6.49
C PHE B 59 -5.05 -1.76 7.99
N GLU B 60 -6.10 -1.39 8.72
CA GLU B 60 -6.19 -1.48 10.19
C GLU B 60 -5.75 -2.84 10.79
N ASN B 61 -6.05 -3.96 10.11
CA ASN B 61 -5.50 -5.29 10.38
C ASN B 61 -5.64 -6.24 9.17
N SER B 62 -4.91 -7.36 9.20
CA SER B 62 -4.84 -8.34 8.10
C SER B 62 -6.19 -8.93 7.67
N ALA B 63 -7.08 -9.22 8.64
CA ALA B 63 -8.37 -9.83 8.36
C ALA B 63 -9.37 -8.93 7.60
N ASP B 64 -9.05 -7.64 7.38
CA ASP B 64 -9.81 -6.70 6.58
C ASP B 64 -9.04 -6.27 5.32
N ALA B 65 -7.70 -6.26 5.40
CA ALA B 65 -6.81 -6.11 4.26
C ALA B 65 -7.03 -7.21 3.20
N ASP B 66 -6.97 -8.47 3.62
CA ASP B 66 -7.10 -9.61 2.69
C ASP B 66 -8.51 -9.72 2.06
N ARG B 67 -9.55 -9.14 2.68
CA ARG B 67 -10.88 -8.97 2.04
C ARG B 67 -10.81 -8.06 0.81
N ALA B 68 -10.13 -6.93 0.91
CA ALA B 68 -9.89 -6.07 -0.23
C ALA B 68 -9.09 -6.78 -1.32
N ARG B 69 -8.06 -7.53 -0.94
CA ARG B 69 -7.19 -8.27 -1.83
C ARG B 69 -7.95 -9.29 -2.67
N GLU B 70 -8.77 -10.14 -2.05
CA GLU B 70 -9.54 -11.15 -2.78
C GLU B 70 -10.64 -10.55 -3.69
N LYS B 71 -11.08 -9.32 -3.43
CA LYS B 71 -12.14 -8.62 -4.17
C LYS B 71 -11.64 -7.74 -5.33
N LEU B 72 -10.63 -6.90 -5.08
CA LEU B 72 -10.07 -5.94 -6.06
C LEU B 72 -8.98 -6.53 -6.96
N HIS B 73 -8.33 -7.62 -6.56
CA HIS B 73 -7.45 -8.37 -7.48
C HIS B 73 -8.22 -8.84 -8.74
N GLY B 74 -7.89 -8.27 -9.90
CA GLY B 74 -8.56 -8.54 -11.18
C GLY B 74 -9.57 -7.48 -11.63
N THR B 75 -9.82 -6.42 -10.83
CA THR B 75 -10.70 -5.30 -11.20
C THR B 75 -10.02 -4.42 -12.25
N VAL B 76 -10.70 -4.12 -13.35
CA VAL B 76 -10.19 -3.23 -14.39
C VAL B 76 -10.70 -1.81 -14.16
N VAL B 77 -9.77 -0.85 -14.05
CA VAL B 77 -10.04 0.56 -13.75
C VAL B 77 -9.40 1.41 -14.85
N GLU B 78 -10.15 2.34 -15.43
CA GLU B 78 -9.80 3.07 -16.66
C GLU B 78 -9.27 2.17 -17.81
N GLY B 79 -9.69 0.91 -17.82
CA GLY B 79 -9.33 -0.15 -18.78
C GLY B 79 -8.25 -1.12 -18.31
N ARG B 80 -7.54 -0.86 -17.20
CA ARG B 80 -6.37 -1.61 -16.74
C ARG B 80 -6.70 -2.51 -15.54
N LYS B 81 -6.67 -3.84 -15.75
CA LYS B 81 -6.84 -4.90 -14.73
C LYS B 81 -5.73 -4.85 -13.68
N ILE B 82 -6.06 -4.35 -12.48
CA ILE B 82 -5.14 -4.22 -11.35
C ILE B 82 -4.84 -5.56 -10.68
N GLU B 83 -3.70 -5.62 -10.00
CA GLU B 83 -3.35 -6.73 -9.10
C GLU B 83 -3.42 -6.21 -7.66
N VAL B 84 -3.67 -7.09 -6.70
CA VAL B 84 -3.62 -6.76 -5.26
C VAL B 84 -2.91 -7.88 -4.52
N ASN B 85 -1.95 -7.50 -3.68
CA ASN B 85 -0.98 -8.38 -3.04
C ASN B 85 -0.60 -7.94 -1.64
N ASN B 86 0.12 -8.79 -0.90
CA ASN B 86 0.80 -8.34 0.32
C ASN B 86 2.06 -7.56 -0.11
N ALA B 87 2.40 -6.46 0.56
CA ALA B 87 3.68 -5.80 0.29
C ALA B 87 4.86 -6.66 0.79
N THR B 88 6.07 -6.47 0.23
CA THR B 88 7.23 -7.35 0.44
C THR B 88 8.52 -6.57 0.70
N ALA B 89 8.71 -6.19 1.98
CA ALA B 89 9.93 -5.62 2.59
C ALA B 89 10.56 -4.37 1.89
N ARG B 90 10.22 -3.16 2.37
CA ARG B 90 10.70 -1.86 1.84
C ARG B 90 12.21 -1.65 1.80
N VAL B 91 12.56 -0.62 1.04
CA VAL B 91 13.86 0.06 0.93
C VAL B 91 14.27 0.69 2.27
N MET B 92 15.52 1.17 2.38
CA MET B 92 16.06 1.92 3.54
C MET B 92 15.51 3.37 3.63
N THR B 93 14.19 3.53 3.70
CA THR B 93 13.45 4.80 3.68
C THR B 93 14.05 5.86 4.63
N ASN B 94 14.56 6.97 4.08
CA ASN B 94 15.34 7.97 4.83
C ASN B 94 15.06 9.44 4.42
N LYS B 95 13.79 9.81 4.23
CA LYS B 95 13.32 11.16 3.82
C LYS B 95 13.39 12.19 4.97
N LYS B 96 14.47 12.17 5.76
CA LYS B 96 14.67 12.88 7.04
C LYS B 96 16.10 13.43 7.20
N THR B 97 16.75 13.80 6.09
CA THR B 97 18.17 14.16 5.99
C THR B 97 18.62 15.25 6.96
N VAL B 98 17.91 16.39 7.01
CA VAL B 98 18.26 17.56 7.84
C VAL B 98 17.09 18.56 7.94
N ASN B 99 16.94 19.18 9.11
CA ASN B 99 16.03 20.31 9.39
C ASN B 99 16.45 20.99 10.71
N PRO B 100 16.18 22.30 10.95
CA PRO B 100 16.56 22.98 12.20
C PRO B 100 16.00 22.28 13.46
N TYR B 101 14.75 21.83 13.37
CA TYR B 101 14.00 21.14 14.42
C TYR B 101 14.60 19.80 14.87
N THR B 102 15.44 19.15 14.04
CA THR B 102 15.98 17.81 14.32
C THR B 102 16.86 17.74 15.58
N ASN B 103 17.47 18.86 16.00
CA ASN B 103 18.23 18.95 17.26
C ASN B 103 18.29 20.38 17.87
N GLY B 104 18.34 21.43 17.03
CA GLY B 104 18.45 22.84 17.47
C GLY B 104 18.92 23.78 16.36
N GLY B 1 14.24 -28.23 -5.98
CA GLY B 1 14.09 -27.13 -5.01
C GLY B 1 15.45 -26.54 -4.64
N SER B 2 15.60 -25.22 -4.77
CA SER B 2 16.90 -24.51 -4.66
C SER B 2 16.79 -23.19 -3.88
N HIS B 3 15.72 -23.00 -3.10
CA HIS B 3 15.35 -21.75 -2.42
C HIS B 3 14.64 -21.99 -1.08
N MET B 4 14.43 -20.91 -0.32
CA MET B 4 13.75 -20.89 0.99
C MET B 4 12.93 -19.60 1.16
N ASN B 5 12.00 -19.57 2.12
CA ASN B 5 11.09 -18.46 2.38
C ASN B 5 10.94 -18.16 3.89
N THR B 6 10.40 -17.00 4.25
CA THR B 6 10.32 -16.46 5.63
C THR B 6 9.04 -15.63 5.80
N GLU B 7 8.53 -15.53 7.03
CA GLU B 7 7.29 -14.81 7.37
C GLU B 7 7.47 -13.93 8.63
N ASN B 8 6.66 -12.86 8.72
CA ASN B 8 6.57 -11.93 9.85
C ASN B 8 5.15 -11.31 9.93
N LYS B 9 4.85 -10.59 11.02
CA LYS B 9 3.54 -9.93 11.23
C LYS B 9 3.63 -8.62 12.02
N SER B 10 2.72 -7.70 11.70
CA SER B 10 2.37 -6.46 12.37
C SER B 10 0.90 -6.47 12.81
N GLN B 11 0.55 -5.56 13.72
CA GLN B 11 -0.85 -5.30 14.10
C GLN B 11 -1.70 -4.96 12.84
N PRO B 12 -1.30 -3.96 12.04
CA PRO B 12 -1.86 -3.70 10.72
C PRO B 12 -1.35 -4.67 9.65
N LYS B 13 -1.70 -4.39 8.39
CA LYS B 13 -1.18 -5.08 7.20
C LYS B 13 -0.89 -4.07 6.09
N ARG B 14 0.11 -4.34 5.25
CA ARG B 14 0.50 -3.50 4.09
C ARG B 14 0.18 -4.24 2.79
N LEU B 15 -0.35 -3.50 1.83
CA LEU B 15 -0.98 -4.00 0.63
C LEU B 15 -0.50 -3.31 -0.64
N HIS B 16 0.15 -4.09 -1.50
CA HIS B 16 0.54 -3.75 -2.87
C HIS B 16 -0.65 -3.70 -3.81
N VAL B 17 -0.57 -2.82 -4.81
CA VAL B 17 -1.46 -2.82 -5.97
C VAL B 17 -0.65 -2.57 -7.23
N SER B 18 -1.07 -3.15 -8.34
CA SER B 18 -0.38 -3.08 -9.63
C SER B 18 -1.32 -2.65 -10.76
N ASN B 19 -0.75 -2.32 -11.92
CA ASN B 19 -1.42 -1.87 -13.15
C ASN B 19 -2.37 -0.66 -13.05
N ILE B 20 -2.48 -0.01 -11.88
CA ILE B 20 -3.30 1.20 -11.68
C ILE B 20 -2.88 2.36 -12.62
N PRO B 21 -3.76 3.33 -12.93
CA PRO B 21 -3.40 4.54 -13.67
C PRO B 21 -2.20 5.33 -13.12
N PHE B 22 -1.42 5.92 -14.02
CA PHE B 22 -0.40 6.92 -13.67
C PHE B 22 -1.00 8.19 -13.03
N ARG B 23 -2.32 8.37 -13.12
CA ARG B 23 -3.09 9.50 -12.54
C ARG B 23 -3.90 9.13 -11.30
N PHE B 24 -3.85 7.87 -10.84
CA PHE B 24 -4.37 7.49 -9.53
C PHE B 24 -3.52 8.15 -8.43
N ARG B 25 -4.15 8.45 -7.29
CA ARG B 25 -3.52 9.13 -6.15
C ARG B 25 -3.95 8.45 -4.85
N ASP B 26 -3.35 8.84 -3.73
CA ASP B 26 -3.71 8.40 -2.39
C ASP B 26 -5.23 8.45 -2.08
N PRO B 27 -5.99 9.51 -2.47
CA PRO B 27 -7.45 9.56 -2.32
C PRO B 27 -8.17 8.68 -3.34
N ASP B 28 -7.62 8.44 -4.53
CA ASP B 28 -8.22 7.49 -5.48
C ASP B 28 -8.09 6.05 -4.96
N LEU B 29 -6.95 5.72 -4.34
CA LEU B 29 -6.73 4.43 -3.71
C LEU B 29 -7.61 4.25 -2.46
N ARG B 30 -7.51 5.14 -1.46
CA ARG B 30 -8.19 4.94 -0.16
C ARG B 30 -9.71 4.83 -0.25
N GLN B 31 -10.34 5.47 -1.25
CA GLN B 31 -11.77 5.31 -1.53
C GLN B 31 -12.11 3.92 -2.08
N MET B 32 -11.32 3.38 -3.02
CA MET B 32 -11.51 2.04 -3.59
C MET B 32 -11.26 0.92 -2.56
N PHE B 33 -10.22 1.05 -1.73
CA PHE B 33 -9.83 0.06 -0.74
C PHE B 33 -10.59 0.18 0.59
N GLY B 34 -10.96 1.39 1.00
CA GLY B 34 -11.59 1.67 2.30
C GLY B 34 -13.04 1.19 2.48
N GLN B 35 -13.72 0.78 1.40
CA GLN B 35 -15.03 0.11 1.49
C GLN B 35 -14.97 -1.29 2.16
N PHE B 36 -13.76 -1.83 2.40
CA PHE B 36 -13.52 -3.16 2.99
C PHE B 36 -12.75 -3.15 4.33
N GLY B 37 -12.25 -1.99 4.76
CA GLY B 37 -11.58 -1.80 6.05
C GLY B 37 -10.98 -0.40 6.21
N LYS B 38 -10.67 0.00 7.46
CA LYS B 38 -10.07 1.32 7.74
C LYS B 38 -8.63 1.38 7.23
N ILE B 39 -8.36 2.27 6.28
CA ILE B 39 -6.99 2.62 5.87
C ILE B 39 -6.28 3.39 7.00
N LEU B 40 -5.00 3.08 7.20
CA LEU B 40 -4.10 3.72 8.16
C LEU B 40 -3.07 4.63 7.46
N ASP B 41 -2.63 4.27 6.25
CA ASP B 41 -1.68 5.04 5.43
C ASP B 41 -1.75 4.61 3.95
N VAL B 42 -1.15 5.39 3.05
CA VAL B 42 -1.08 5.15 1.60
C VAL B 42 0.20 5.76 1.02
N GLU B 43 0.82 5.12 0.02
CA GLU B 43 1.90 5.71 -0.79
C GLU B 43 1.93 5.19 -2.23
N ILE B 44 2.47 6.01 -3.13
CA ILE B 44 2.60 5.69 -4.56
C ILE B 44 4.05 5.97 -4.97
N ILE B 45 4.58 5.05 -5.76
CA ILE B 45 5.99 4.90 -6.14
C ILE B 45 6.22 5.76 -7.37
N PHE B 46 7.28 6.58 -7.44
CA PHE B 46 7.47 7.54 -8.53
C PHE B 46 8.91 7.64 -9.02
N ASN B 47 9.04 7.47 -10.33
CA ASN B 47 10.25 7.79 -11.07
C ASN B 47 10.34 9.29 -11.36
N GLU B 48 9.21 9.85 -11.77
CA GLU B 48 8.98 11.20 -12.28
C GLU B 48 7.69 11.28 -13.06
N ARG B 49 7.45 10.22 -13.84
CA ARG B 49 6.39 10.18 -14.84
C ARG B 49 4.97 10.07 -14.29
N GLY B 50 4.86 9.79 -12.99
CA GLY B 50 3.65 9.44 -12.28
C GLY B 50 3.91 8.21 -11.43
N SER B 51 2.83 7.53 -11.06
CA SER B 51 2.92 6.20 -10.47
C SER B 51 3.92 5.35 -11.24
N LYS B 52 4.69 4.49 -10.57
CA LYS B 52 5.54 3.46 -11.18
C LYS B 52 4.71 2.30 -11.77
N GLY B 53 3.52 2.66 -12.19
CA GLY B 53 2.42 1.81 -12.56
C GLY B 53 1.71 1.12 -11.37
N PHE B 54 2.23 1.29 -10.16
CA PHE B 54 1.82 0.52 -8.97
C PHE B 54 1.81 1.40 -7.71
N GLY B 55 1.22 0.91 -6.61
CA GLY B 55 1.05 1.64 -5.35
C GLY B 55 1.03 0.72 -4.12
N PHE B 56 1.00 1.30 -2.92
CA PHE B 56 0.77 0.58 -1.67
C PHE B 56 -0.22 1.31 -0.73
N VAL B 57 -0.76 0.54 0.23
CA VAL B 57 -1.80 0.91 1.20
C VAL B 57 -1.47 0.23 2.54
N THR B 58 -1.95 0.77 3.67
CA THR B 58 -1.90 0.13 4.98
C THR B 58 -3.31 0.02 5.58
N PHE B 59 -3.64 -1.13 6.15
CA PHE B 59 -4.97 -1.52 6.65
C PHE B 59 -4.93 -1.83 8.16
N GLU B 60 -6.05 -1.58 8.84
CA GLU B 60 -6.26 -1.80 10.28
C GLU B 60 -5.76 -3.17 10.78
N ASN B 61 -6.05 -4.25 10.04
CA ASN B 61 -5.49 -5.60 10.23
C ASN B 61 -5.64 -6.49 8.98
N SER B 62 -4.94 -7.62 8.95
CA SER B 62 -4.93 -8.59 7.85
C SER B 62 -6.31 -9.13 7.45
N ALA B 63 -7.22 -9.36 8.40
CA ALA B 63 -8.56 -9.89 8.14
C ALA B 63 -9.53 -8.89 7.48
N ASP B 64 -9.10 -7.66 7.20
CA ASP B 64 -9.81 -6.68 6.39
C ASP B 64 -9.00 -6.32 5.12
N ALA B 65 -7.67 -6.32 5.23
CA ALA B 65 -6.74 -6.18 4.11
C ALA B 65 -6.92 -7.29 3.07
N ASP B 66 -6.78 -8.56 3.46
CA ASP B 66 -6.91 -9.70 2.53
C ASP B 66 -8.35 -9.88 1.99
N ARG B 67 -9.35 -9.27 2.66
CA ARG B 67 -10.74 -9.16 2.17
C ARG B 67 -10.85 -8.10 1.06
N ALA B 68 -10.17 -6.96 1.19
CA ALA B 68 -10.04 -6.01 0.09
C ALA B 68 -9.30 -6.63 -1.10
N ARG B 69 -8.21 -7.36 -0.83
CA ARG B 69 -7.39 -7.99 -1.85
C ARG B 69 -8.18 -8.96 -2.72
N GLU B 70 -8.96 -9.86 -2.14
CA GLU B 70 -9.78 -10.79 -2.93
C GLU B 70 -10.87 -10.09 -3.76
N LYS B 71 -11.37 -8.93 -3.29
CA LYS B 71 -12.36 -8.11 -4.00
C LYS B 71 -11.78 -7.27 -5.14
N LEU B 72 -10.66 -6.56 -4.91
CA LEU B 72 -10.05 -5.63 -5.89
C LEU B 72 -9.07 -6.31 -6.84
N HIS B 73 -8.36 -7.37 -6.42
CA HIS B 73 -7.52 -8.15 -7.35
C HIS B 73 -8.29 -8.64 -8.58
N GLY B 74 -7.83 -8.27 -9.77
CA GLY B 74 -8.45 -8.63 -11.05
C GLY B 74 -9.64 -7.76 -11.50
N THR B 75 -9.88 -6.62 -10.86
CA THR B 75 -10.84 -5.61 -11.38
C THR B 75 -10.10 -4.69 -12.35
N VAL B 76 -10.82 -3.98 -13.23
CA VAL B 76 -10.24 -3.02 -14.17
C VAL B 76 -10.77 -1.62 -13.91
N VAL B 77 -9.84 -0.67 -13.79
CA VAL B 77 -10.06 0.69 -13.37
C VAL B 77 -9.46 1.62 -14.43
N GLU B 78 -10.28 2.56 -14.93
CA GLU B 78 -10.06 3.42 -16.11
C GLU B 78 -9.62 2.75 -17.43
N GLY B 79 -9.32 1.45 -17.44
CA GLY B 79 -9.01 0.63 -18.62
C GLY B 79 -7.96 -0.47 -18.42
N ARG B 80 -7.30 -0.55 -17.25
CA ARG B 80 -6.27 -1.53 -16.90
C ARG B 80 -6.71 -2.42 -15.73
N LYS B 81 -6.61 -3.75 -15.89
CA LYS B 81 -6.91 -4.77 -14.86
C LYS B 81 -5.77 -4.89 -13.85
N ILE B 82 -6.07 -4.58 -12.59
CA ILE B 82 -5.11 -4.41 -11.49
C ILE B 82 -4.81 -5.72 -10.76
N GLU B 83 -3.66 -5.75 -10.10
CA GLU B 83 -3.33 -6.80 -9.13
C GLU B 83 -3.36 -6.22 -7.72
N VAL B 84 -3.56 -7.03 -6.69
CA VAL B 84 -3.49 -6.64 -5.27
C VAL B 84 -2.81 -7.75 -4.47
N ASN B 85 -1.88 -7.37 -3.59
CA ASN B 85 -0.99 -8.30 -2.91
C ASN B 85 -0.53 -7.81 -1.53
N ASN B 86 0.16 -8.66 -0.77
CA ASN B 86 0.92 -8.23 0.40
C ASN B 86 2.21 -7.53 -0.09
N ALA B 87 2.65 -6.48 0.60
CA ALA B 87 3.90 -5.79 0.22
C ALA B 87 5.15 -6.60 0.62
N THR B 88 6.28 -6.41 -0.08
CA THR B 88 7.54 -7.17 0.08
C THR B 88 8.76 -6.26 0.33
N ALA B 89 10.01 -6.70 0.21
CA ALA B 89 11.21 -5.89 0.51
C ALA B 89 11.43 -4.67 -0.44
N ARG B 90 11.71 -3.46 0.11
CA ARG B 90 12.02 -2.20 -0.61
C ARG B 90 13.28 -2.27 -1.50
N VAL B 91 13.53 -1.23 -2.30
CA VAL B 91 14.55 -1.19 -3.37
C VAL B 91 16.00 -1.10 -2.88
N MET B 92 16.22 -0.93 -1.56
CA MET B 92 17.49 -0.89 -0.85
C MET B 92 18.44 0.30 -1.16
N THR B 93 18.03 1.23 -2.03
CA THR B 93 18.73 2.53 -2.25
C THR B 93 18.63 3.48 -1.05
N ASN B 94 17.85 3.11 -0.03
CA ASN B 94 17.40 3.94 1.11
C ASN B 94 18.53 4.53 1.99
N LYS B 95 19.75 3.98 1.93
CA LYS B 95 20.92 4.35 2.76
C LYS B 95 21.59 5.67 2.32
N LYS B 96 20.84 6.78 2.36
CA LYS B 96 21.24 8.13 1.90
C LYS B 96 20.95 9.26 2.91
N THR B 97 20.10 9.01 3.91
CA THR B 97 19.70 9.99 4.94
C THR B 97 20.86 10.42 5.84
N VAL B 98 20.85 11.68 6.30
CA VAL B 98 21.96 12.31 7.05
C VAL B 98 21.47 13.37 8.06
N ASN B 99 20.22 13.24 8.53
CA ASN B 99 19.52 14.21 9.38
C ASN B 99 20.29 14.53 10.70
N PRO B 100 20.46 15.81 11.09
CA PRO B 100 21.08 16.18 12.36
C PRO B 100 20.10 16.09 13.57
N TYR B 101 18.81 15.92 13.31
CA TYR B 101 17.72 15.86 14.32
C TYR B 101 17.69 14.57 15.16
N THR B 102 18.54 13.58 14.86
CA THR B 102 18.59 12.23 15.47
C THR B 102 19.14 12.20 16.91
N ASN B 103 18.44 12.90 17.81
CA ASN B 103 18.62 12.95 19.28
C ASN B 103 19.93 13.59 19.82
N GLY B 104 20.99 13.72 19.00
CA GLY B 104 22.27 14.34 19.39
C GLY B 104 23.36 14.23 18.32
N GLY B 1 22.21 -20.34 26.11
CA GLY B 1 21.03 -20.19 25.23
C GLY B 1 20.80 -18.73 24.84
N SER B 2 20.45 -18.48 23.58
CA SER B 2 20.37 -17.13 22.98
C SER B 2 19.12 -16.90 22.11
N HIS B 3 18.16 -17.84 22.15
CA HIS B 3 16.91 -17.82 21.37
C HIS B 3 16.06 -16.57 21.67
N MET B 4 15.51 -15.94 20.63
CA MET B 4 14.82 -14.64 20.73
C MET B 4 13.51 -14.72 21.53
N ASN B 5 12.70 -15.76 21.29
CA ASN B 5 11.38 -16.04 21.91
C ASN B 5 10.39 -14.84 21.96
N THR B 6 10.60 -13.80 21.14
CA THR B 6 9.93 -12.49 21.18
C THR B 6 9.88 -11.87 19.77
N GLU B 7 9.24 -10.70 19.64
CA GLU B 7 9.23 -9.82 18.46
C GLU B 7 8.42 -10.30 17.25
N ASN B 8 7.12 -9.95 17.26
CA ASN B 8 6.16 -10.07 16.15
C ASN B 8 5.37 -8.74 16.05
N LYS B 9 6.11 -7.62 16.10
CA LYS B 9 5.68 -6.23 16.29
C LYS B 9 4.81 -5.62 15.17
N SER B 10 3.55 -6.06 15.09
CA SER B 10 2.51 -5.45 14.27
C SER B 10 1.10 -5.66 14.81
N GLN B 11 0.17 -4.87 14.27
CA GLN B 11 -1.26 -4.84 14.55
C GLN B 11 -2.02 -4.70 13.21
N PRO B 12 -1.72 -3.67 12.39
CA PRO B 12 -2.21 -3.60 11.01
C PRO B 12 -1.48 -4.57 10.08
N LYS B 13 -1.86 -4.54 8.80
CA LYS B 13 -1.15 -5.23 7.71
C LYS B 13 -1.07 -4.36 6.45
N ARG B 14 -0.15 -4.69 5.54
CA ARG B 14 0.22 -3.87 4.37
C ARG B 14 -0.01 -4.60 3.06
N LEU B 15 -0.33 -3.82 2.03
CA LEU B 15 -0.84 -4.25 0.74
C LEU B 15 -0.13 -3.52 -0.41
N HIS B 16 -0.02 -4.21 -1.54
CA HIS B 16 0.53 -3.77 -2.83
C HIS B 16 -0.59 -3.79 -3.87
N VAL B 17 -0.50 -2.92 -4.86
CA VAL B 17 -1.35 -2.96 -6.07
C VAL B 17 -0.50 -2.73 -7.30
N SER B 18 -0.91 -3.30 -8.42
CA SER B 18 -0.24 -3.18 -9.72
C SER B 18 -1.22 -2.89 -10.85
N ASN B 19 -0.72 -2.25 -11.92
CA ASN B 19 -1.41 -1.86 -13.15
C ASN B 19 -2.41 -0.67 -13.03
N ILE B 20 -2.43 0.03 -11.90
CA ILE B 20 -3.27 1.24 -11.68
C ILE B 20 -2.89 2.40 -12.62
N PRO B 21 -3.77 3.39 -12.91
CA PRO B 21 -3.43 4.57 -13.70
C PRO B 21 -2.27 5.41 -13.17
N PHE B 22 -1.50 5.99 -14.09
CA PHE B 22 -0.49 7.03 -13.79
C PHE B 22 -1.13 8.33 -13.23
N ARG B 23 -2.46 8.46 -13.32
CA ARG B 23 -3.24 9.65 -12.87
C ARG B 23 -3.79 9.54 -11.44
N PHE B 24 -3.72 8.36 -10.82
CA PHE B 24 -4.16 8.15 -9.42
C PHE B 24 -3.29 8.92 -8.41
N ARG B 25 -3.83 9.11 -7.20
CA ARG B 25 -3.11 9.58 -6.02
C ARG B 25 -3.50 8.79 -4.78
N ASP B 26 -2.82 9.01 -3.65
CA ASP B 26 -3.10 8.41 -2.36
C ASP B 26 -4.58 8.49 -1.92
N PRO B 27 -5.30 9.64 -2.03
CA PRO B 27 -6.74 9.70 -1.76
C PRO B 27 -7.56 8.89 -2.77
N ASP B 28 -7.11 8.84 -4.04
CA ASP B 28 -7.73 8.01 -5.08
C ASP B 28 -7.62 6.50 -4.76
N LEU B 29 -6.49 6.06 -4.19
CA LEU B 29 -6.34 4.68 -3.72
C LEU B 29 -7.19 4.37 -2.48
N ARG B 30 -7.15 5.19 -1.42
CA ARG B 30 -7.98 4.89 -0.22
C ARG B 30 -9.49 4.98 -0.49
N GLN B 31 -9.92 5.71 -1.51
CA GLN B 31 -11.32 5.69 -1.98
C GLN B 31 -11.74 4.30 -2.50
N MET B 32 -10.89 3.64 -3.30
CA MET B 32 -11.10 2.27 -3.78
C MET B 32 -11.04 1.23 -2.64
N PHE B 33 -10.04 1.33 -1.76
CA PHE B 33 -9.73 0.30 -0.76
C PHE B 33 -10.53 0.42 0.55
N GLY B 34 -10.87 1.64 0.99
CA GLY B 34 -11.48 1.90 2.31
C GLY B 34 -12.92 1.40 2.50
N GLN B 35 -13.60 0.98 1.43
CA GLN B 35 -14.91 0.31 1.51
C GLN B 35 -14.86 -1.06 2.22
N PHE B 36 -13.67 -1.64 2.43
CA PHE B 36 -13.47 -2.96 3.06
C PHE B 36 -12.87 -2.91 4.47
N GLY B 37 -12.30 -1.78 4.88
CA GLY B 37 -11.70 -1.55 6.20
C GLY B 37 -10.95 -0.22 6.26
N LYS B 38 -10.65 0.27 7.46
CA LYS B 38 -9.97 1.55 7.69
C LYS B 38 -8.52 1.54 7.19
N ILE B 39 -8.20 2.41 6.24
CA ILE B 39 -6.81 2.70 5.84
C ILE B 39 -6.10 3.47 6.95
N LEU B 40 -4.84 3.10 7.21
CA LEU B 40 -3.93 3.77 8.15
C LEU B 40 -2.78 4.51 7.44
N ASP B 41 -2.40 4.09 6.23
CA ASP B 41 -1.37 4.74 5.40
C ASP B 41 -1.51 4.33 3.91
N VAL B 42 -0.95 5.13 2.98
CA VAL B 42 -0.94 4.89 1.53
C VAL B 42 0.37 5.43 0.93
N GLU B 43 0.88 4.81 -0.13
CA GLU B 43 2.06 5.27 -0.87
C GLU B 43 1.94 4.96 -2.38
N ILE B 44 2.57 5.79 -3.22
CA ILE B 44 2.68 5.58 -4.68
C ILE B 44 4.14 5.81 -5.08
N ILE B 45 4.65 4.83 -5.83
CA ILE B 45 6.06 4.64 -6.19
C ILE B 45 6.35 5.49 -7.43
N PHE B 46 7.53 6.08 -7.55
CA PHE B 46 7.85 6.99 -8.67
C PHE B 46 9.16 6.63 -9.37
N ASN B 47 9.39 7.38 -10.44
CA ASN B 47 10.71 7.53 -11.09
C ASN B 47 10.97 9.04 -11.21
N GLU B 48 10.13 9.63 -12.03
CA GLU B 48 9.87 11.06 -12.25
C GLU B 48 8.54 11.18 -12.98
N ARG B 49 8.29 10.21 -13.84
CA ARG B 49 7.10 9.86 -14.56
C ARG B 49 5.76 9.72 -13.78
N GLY B 50 5.70 10.09 -12.50
CA GLY B 50 4.54 9.78 -11.70
C GLY B 50 4.60 8.35 -11.20
N SER B 51 3.43 7.84 -10.90
CA SER B 51 3.22 6.46 -10.45
C SER B 51 3.96 5.46 -11.32
N LYS B 52 4.75 4.57 -10.70
CA LYS B 52 5.44 3.45 -11.37
C LYS B 52 4.51 2.32 -11.81
N GLY B 53 3.30 2.70 -12.18
CA GLY B 53 2.19 1.84 -12.47
C GLY B 53 1.60 1.09 -11.27
N PHE B 54 2.18 1.22 -10.09
CA PHE B 54 1.88 0.42 -8.90
C PHE B 54 1.84 1.29 -7.63
N GLY B 55 1.30 0.75 -6.54
CA GLY B 55 1.08 1.46 -5.27
C GLY B 55 1.08 0.54 -4.05
N PHE B 56 0.97 1.11 -2.86
CA PHE B 56 0.82 0.38 -1.60
C PHE B 56 -0.16 1.06 -0.63
N VAL B 57 -0.69 0.27 0.31
CA VAL B 57 -1.73 0.64 1.29
C VAL B 57 -1.47 -0.08 2.63
N THR B 58 -1.93 0.48 3.74
CA THR B 58 -1.95 -0.17 5.06
C THR B 58 -3.35 -0.17 5.66
N PHE B 59 -3.76 -1.30 6.24
CA PHE B 59 -5.11 -1.62 6.73
C PHE B 59 -5.10 -1.97 8.22
N GLU B 60 -6.16 -1.59 8.92
CA GLU B 60 -6.31 -1.76 10.39
C GLU B 60 -6.01 -3.18 10.93
N ASN B 61 -6.22 -4.23 10.14
CA ASN B 61 -5.78 -5.62 10.40
C ASN B 61 -5.83 -6.48 9.11
N SER B 62 -5.15 -7.63 9.12
CA SER B 62 -5.05 -8.56 7.99
C SER B 62 -6.41 -9.10 7.50
N ALA B 63 -7.32 -9.45 8.41
CA ALA B 63 -8.63 -10.02 8.07
C ALA B 63 -9.62 -9.04 7.40
N ASP B 64 -9.26 -7.75 7.25
CA ASP B 64 -10.01 -6.77 6.46
C ASP B 64 -9.19 -6.29 5.24
N ALA B 65 -7.86 -6.33 5.33
CA ALA B 65 -6.95 -6.17 4.19
C ALA B 65 -7.21 -7.25 3.12
N ASP B 66 -7.33 -8.51 3.54
CA ASP B 66 -7.61 -9.66 2.65
C ASP B 66 -8.95 -9.53 1.92
N ARG B 67 -9.96 -8.88 2.52
CA ARG B 67 -11.23 -8.58 1.86
C ARG B 67 -11.06 -7.61 0.68
N ALA B 68 -10.24 -6.58 0.83
CA ALA B 68 -9.87 -5.72 -0.30
C ALA B 68 -9.10 -6.50 -1.37
N ARG B 69 -8.14 -7.34 -0.96
CA ARG B 69 -7.33 -8.14 -1.87
C ARG B 69 -8.18 -9.06 -2.74
N GLU B 70 -9.07 -9.86 -2.14
CA GLU B 70 -9.91 -10.79 -2.91
C GLU B 70 -10.91 -10.08 -3.86
N LYS B 71 -11.29 -8.83 -3.54
CA LYS B 71 -12.26 -8.03 -4.32
C LYS B 71 -11.61 -7.25 -5.48
N LEU B 72 -10.50 -6.54 -5.22
CA LEU B 72 -9.83 -5.69 -6.20
C LEU B 72 -8.79 -6.45 -7.04
N HIS B 73 -8.19 -7.54 -6.54
CA HIS B 73 -7.35 -8.41 -7.39
C HIS B 73 -8.15 -8.98 -8.56
N GLY B 74 -7.76 -8.63 -9.79
CA GLY B 74 -8.45 -9.04 -11.02
C GLY B 74 -9.69 -8.21 -11.38
N THR B 75 -9.94 -7.08 -10.73
CA THR B 75 -10.96 -6.11 -11.17
C THR B 75 -10.32 -5.10 -12.13
N VAL B 76 -11.11 -4.34 -12.88
CA VAL B 76 -10.63 -3.39 -13.89
C VAL B 76 -11.10 -1.96 -13.59
N VAL B 77 -10.21 -1.01 -13.90
CA VAL B 77 -10.36 0.42 -13.58
C VAL B 77 -9.89 1.25 -14.78
N GLU B 78 -10.71 2.21 -15.21
CA GLU B 78 -10.56 2.98 -16.47
C GLU B 78 -10.17 2.15 -17.72
N GLY B 79 -10.53 0.85 -17.71
CA GLY B 79 -10.31 -0.11 -18.80
C GLY B 79 -9.10 -1.04 -18.64
N ARG B 80 -8.38 -1.05 -17.49
CA ARG B 80 -7.24 -1.96 -17.24
C ARG B 80 -7.35 -2.73 -15.92
N LYS B 81 -7.11 -4.05 -15.97
CA LYS B 81 -7.19 -4.99 -14.83
C LYS B 81 -5.99 -4.84 -13.89
N ILE B 82 -6.25 -4.77 -12.59
CA ILE B 82 -5.24 -4.49 -11.54
C ILE B 82 -4.92 -5.75 -10.72
N GLU B 83 -3.71 -5.82 -10.19
CA GLU B 83 -3.29 -6.84 -9.22
C GLU B 83 -3.36 -6.27 -7.80
N VAL B 84 -3.54 -7.13 -6.78
CA VAL B 84 -3.47 -6.76 -5.36
C VAL B 84 -2.80 -7.89 -4.56
N ASN B 85 -1.85 -7.50 -3.71
CA ASN B 85 -0.92 -8.40 -3.03
C ASN B 85 -0.54 -7.92 -1.63
N ASN B 86 0.25 -8.70 -0.90
CA ASN B 86 0.95 -8.26 0.31
C ASN B 86 2.28 -7.61 -0.12
N ALA B 87 2.75 -6.60 0.63
CA ALA B 87 3.95 -5.85 0.24
C ALA B 87 5.24 -6.53 0.77
N THR B 88 6.26 -6.66 -0.08
CA THR B 88 7.49 -7.45 0.11
C THR B 88 8.73 -6.55 0.32
N ALA B 89 9.97 -7.01 0.20
CA ALA B 89 11.19 -6.22 0.47
C ALA B 89 11.38 -4.97 -0.44
N ARG B 90 11.70 -3.80 0.18
CA ARG B 90 11.91 -2.45 -0.41
C ARG B 90 13.25 -2.25 -1.13
N VAL B 91 13.37 -1.14 -1.86
CA VAL B 91 14.65 -0.59 -2.38
C VAL B 91 15.43 -0.01 -1.18
N MET B 92 14.90 1.07 -0.56
CA MET B 92 15.37 1.80 0.63
C MET B 92 14.64 3.15 0.77
N THR B 93 13.54 3.17 1.52
CA THR B 93 12.64 4.34 1.62
C THR B 93 13.32 5.60 2.16
N ASN B 94 13.36 6.62 1.31
CA ASN B 94 13.74 8.00 1.66
C ASN B 94 12.84 8.55 2.80
N LYS B 95 13.32 9.58 3.51
CA LYS B 95 12.55 10.32 4.53
C LYS B 95 11.35 11.06 3.92
N LYS B 96 10.44 11.56 4.76
CA LYS B 96 9.18 12.22 4.38
C LYS B 96 9.05 13.59 5.07
N THR B 97 8.26 14.48 4.48
CA THR B 97 7.99 15.85 4.95
C THR B 97 7.30 15.91 6.33
N VAL B 98 7.40 17.07 6.99
CA VAL B 98 6.87 17.35 8.34
C VAL B 98 6.50 18.83 8.47
N ASN B 99 5.55 19.15 9.33
CA ASN B 99 5.01 20.50 9.56
C ASN B 99 4.62 20.67 11.06
N PRO B 100 4.42 21.89 11.61
CA PRO B 100 4.00 22.07 13.01
C PRO B 100 2.64 21.42 13.37
N TYR B 101 1.89 20.99 12.35
CA TYR B 101 0.59 20.32 12.45
C TYR B 101 0.74 18.81 12.68
N THR B 102 1.86 18.22 12.21
CA THR B 102 2.11 16.76 12.14
C THR B 102 2.12 16.06 13.51
N ASN B 103 2.39 16.78 14.60
CA ASN B 103 2.30 16.28 15.97
C ASN B 103 2.02 17.42 16.98
N GLY B 104 1.53 17.08 18.18
CA GLY B 104 1.21 18.03 19.26
C GLY B 104 0.76 17.33 20.55
N GLY B 1 9.68 -33.31 6.56
CA GLY B 1 10.45 -32.98 5.34
C GLY B 1 10.41 -31.48 5.05
N SER B 2 11.46 -30.97 4.41
CA SER B 2 11.72 -29.53 4.16
C SER B 2 11.78 -28.65 5.43
N HIS B 3 12.04 -27.35 5.25
CA HIS B 3 12.17 -26.35 6.34
C HIS B 3 11.44 -25.04 5.99
N MET B 4 11.16 -24.22 7.00
CA MET B 4 10.50 -22.90 6.88
C MET B 4 10.87 -21.96 8.03
N ASN B 5 10.44 -20.70 7.93
CA ASN B 5 10.56 -19.67 8.98
C ASN B 5 9.33 -18.74 8.96
N THR B 6 9.03 -18.08 10.09
CA THR B 6 7.80 -17.29 10.31
C THR B 6 8.04 -16.05 11.18
N GLU B 7 7.20 -15.02 11.03
CA GLU B 7 7.23 -13.77 11.80
C GLU B 7 5.79 -13.28 12.10
N ASN B 8 5.65 -12.31 13.01
CA ASN B 8 4.37 -11.78 13.51
C ASN B 8 4.37 -10.25 13.68
N LYS B 9 5.23 -9.53 12.94
CA LYS B 9 5.39 -8.06 13.01
C LYS B 9 4.10 -7.29 12.65
N SER B 10 4.02 -6.11 13.26
CA SER B 10 2.98 -5.06 13.18
C SER B 10 1.52 -5.47 13.46
N GLN B 11 0.78 -4.58 14.15
CA GLN B 11 -0.68 -4.67 14.33
C GLN B 11 -1.42 -4.58 12.98
N PRO B 12 -1.19 -3.53 12.16
CA PRO B 12 -1.76 -3.41 10.82
C PRO B 12 -1.06 -4.30 9.78
N LYS B 13 -1.57 -4.22 8.55
CA LYS B 13 -1.08 -4.95 7.37
C LYS B 13 -0.88 -4.00 6.19
N ARG B 14 0.12 -4.27 5.34
CA ARG B 14 0.49 -3.45 4.16
C ARG B 14 0.19 -4.20 2.88
N LEU B 15 -0.32 -3.48 1.89
CA LEU B 15 -0.92 -4.00 0.68
C LEU B 15 -0.37 -3.33 -0.57
N HIS B 16 0.15 -4.13 -1.48
CA HIS B 16 0.56 -3.77 -2.85
C HIS B 16 -0.63 -3.75 -3.80
N VAL B 17 -0.55 -2.88 -4.82
CA VAL B 17 -1.42 -2.87 -5.99
C VAL B 17 -0.59 -2.65 -7.24
N SER B 18 -1.04 -3.16 -8.38
CA SER B 18 -0.35 -3.06 -9.68
C SER B 18 -1.30 -2.65 -10.81
N ASN B 19 -0.74 -2.33 -11.98
CA ASN B 19 -1.39 -1.89 -13.22
C ASN B 19 -2.31 -0.64 -13.14
N ILE B 20 -2.51 -0.03 -11.97
CA ILE B 20 -3.31 1.19 -11.79
C ILE B 20 -2.87 2.35 -12.71
N PRO B 21 -3.75 3.31 -13.06
CA PRO B 21 -3.36 4.54 -13.77
C PRO B 21 -2.18 5.29 -13.18
N PHE B 22 -1.32 5.82 -14.05
CA PHE B 22 -0.28 6.78 -13.66
C PHE B 22 -0.85 8.07 -13.03
N ARG B 23 -2.15 8.36 -13.27
CA ARG B 23 -2.87 9.52 -12.73
C ARG B 23 -3.75 9.20 -11.51
N PHE B 24 -3.82 7.94 -11.06
CA PHE B 24 -4.40 7.62 -9.75
C PHE B 24 -3.50 8.22 -8.68
N ARG B 25 -4.10 8.66 -7.57
CA ARG B 25 -3.36 9.20 -6.41
C ARG B 25 -3.78 8.50 -5.13
N ASP B 26 -3.13 8.82 -4.02
CA ASP B 26 -3.45 8.32 -2.69
C ASP B 26 -4.96 8.37 -2.33
N PRO B 27 -5.74 9.43 -2.67
CA PRO B 27 -7.19 9.45 -2.47
C PRO B 27 -7.91 8.51 -3.43
N ASP B 28 -7.45 8.34 -4.68
CA ASP B 28 -8.03 7.35 -5.61
C ASP B 28 -7.89 5.92 -5.08
N LEU B 29 -6.76 5.61 -4.43
CA LEU B 29 -6.55 4.32 -3.78
C LEU B 29 -7.43 4.13 -2.53
N ARG B 30 -7.36 5.01 -1.52
CA ARG B 30 -8.11 4.79 -0.26
C ARG B 30 -9.62 4.82 -0.43
N GLN B 31 -10.16 5.54 -1.42
CA GLN B 31 -11.58 5.51 -1.77
C GLN B 31 -12.03 4.11 -2.24
N MET B 32 -11.25 3.45 -3.09
CA MET B 32 -11.53 2.10 -3.58
C MET B 32 -11.33 1.02 -2.52
N PHE B 33 -10.27 1.13 -1.71
CA PHE B 33 -9.90 0.13 -0.71
C PHE B 33 -10.66 0.24 0.62
N GLY B 34 -11.03 1.46 1.05
CA GLY B 34 -11.62 1.72 2.37
C GLY B 34 -13.04 1.18 2.60
N GLN B 35 -13.73 0.70 1.57
CA GLN B 35 -15.02 0.00 1.73
C GLN B 35 -14.91 -1.36 2.46
N PHE B 36 -13.69 -1.91 2.64
CA PHE B 36 -13.44 -3.20 3.30
C PHE B 36 -12.83 -3.08 4.70
N GLY B 37 -12.28 -1.92 5.06
CA GLY B 37 -11.68 -1.62 6.36
C GLY B 37 -10.98 -0.26 6.39
N LYS B 38 -10.63 0.23 7.59
CA LYS B 38 -9.98 1.52 7.80
C LYS B 38 -8.55 1.55 7.23
N ILE B 39 -8.29 2.43 6.27
CA ILE B 39 -6.93 2.76 5.82
C ILE B 39 -6.22 3.58 6.91
N LEU B 40 -4.95 3.23 7.17
CA LEU B 40 -4.07 3.92 8.12
C LEU B 40 -2.97 4.74 7.41
N ASP B 41 -2.57 4.37 6.20
CA ASP B 41 -1.59 5.09 5.37
C ASP B 41 -1.69 4.66 3.88
N VAL B 42 -1.15 5.47 2.97
CA VAL B 42 -1.10 5.22 1.51
C VAL B 42 0.21 5.77 0.93
N GLU B 43 0.73 5.13 -0.11
CA GLU B 43 1.99 5.49 -0.78
C GLU B 43 1.91 5.14 -2.28
N ILE B 44 2.42 6.02 -3.15
CA ILE B 44 2.63 5.73 -4.59
C ILE B 44 4.09 6.02 -4.93
N ILE B 45 4.60 5.19 -5.82
CA ILE B 45 5.99 4.98 -6.22
C ILE B 45 6.34 5.98 -7.33
N PHE B 46 7.36 6.82 -7.19
CA PHE B 46 7.69 7.86 -8.19
C PHE B 46 9.15 7.82 -8.61
N ASN B 47 9.33 7.56 -9.90
CA ASN B 47 10.61 7.73 -10.59
C ASN B 47 10.78 9.17 -11.09
N GLU B 48 9.66 9.75 -11.52
CA GLU B 48 9.49 11.03 -12.21
C GLU B 48 8.13 11.06 -12.88
N ARG B 49 7.79 9.96 -13.55
CA ARG B 49 6.63 9.90 -14.44
C ARG B 49 5.26 9.81 -13.75
N GLY B 50 5.21 10.03 -12.44
CA GLY B 50 4.04 9.71 -11.65
C GLY B 50 4.24 8.36 -11.01
N SER B 51 3.15 7.62 -10.85
CA SER B 51 3.22 6.22 -10.45
C SER B 51 4.18 5.40 -11.31
N LYS B 52 4.95 4.50 -10.67
CA LYS B 52 5.68 3.42 -11.36
C LYS B 52 4.73 2.47 -12.13
N GLY B 53 3.43 2.60 -11.83
CA GLY B 53 2.33 1.82 -12.36
C GLY B 53 1.62 1.01 -11.28
N PHE B 54 2.19 1.04 -10.08
CA PHE B 54 1.83 0.24 -8.92
C PHE B 54 1.80 1.16 -7.69
N GLY B 55 1.35 0.68 -6.54
CA GLY B 55 1.24 1.48 -5.31
C GLY B 55 1.10 0.62 -4.07
N PHE B 56 1.00 1.27 -2.90
CA PHE B 56 0.77 0.57 -1.64
C PHE B 56 -0.20 1.32 -0.69
N VAL B 57 -0.76 0.55 0.25
CA VAL B 57 -1.80 0.92 1.21
C VAL B 57 -1.51 0.24 2.55
N THR B 58 -1.98 0.78 3.67
CA THR B 58 -1.94 0.15 5.00
C THR B 58 -3.35 0.05 5.60
N PHE B 59 -3.68 -1.10 6.18
CA PHE B 59 -4.99 -1.48 6.72
C PHE B 59 -4.92 -1.81 8.20
N GLU B 60 -6.00 -1.51 8.94
CA GLU B 60 -6.11 -1.72 10.40
C GLU B 60 -5.64 -3.10 10.92
N ASN B 61 -5.89 -4.19 10.16
CA ASN B 61 -5.32 -5.53 10.34
C ASN B 61 -5.52 -6.40 9.08
N SER B 62 -4.84 -7.55 9.03
CA SER B 62 -4.84 -8.49 7.90
C SER B 62 -6.22 -9.01 7.50
N ALA B 63 -7.13 -9.26 8.45
CA ALA B 63 -8.46 -9.79 8.17
C ALA B 63 -9.39 -8.83 7.40
N ASP B 64 -9.03 -7.54 7.30
CA ASP B 64 -9.75 -6.54 6.49
C ASP B 64 -8.97 -6.18 5.22
N ALA B 65 -7.63 -6.26 5.29
CA ALA B 65 -6.73 -6.13 4.15
C ALA B 65 -6.96 -7.23 3.08
N ASP B 66 -6.95 -8.51 3.48
CA ASP B 66 -7.12 -9.64 2.55
C ASP B 66 -8.54 -9.70 1.94
N ARG B 67 -9.55 -9.09 2.56
CA ARG B 67 -10.89 -8.89 1.97
C ARG B 67 -10.83 -7.91 0.79
N ALA B 68 -10.11 -6.79 0.93
CA ALA B 68 -9.87 -5.89 -0.20
C ALA B 68 -9.08 -6.59 -1.32
N ARG B 69 -8.05 -7.37 -0.97
CA ARG B 69 -7.20 -8.10 -1.89
C ARG B 69 -7.99 -9.05 -2.78
N GLU B 70 -8.83 -9.92 -2.21
CA GLU B 70 -9.62 -10.87 -2.99
C GLU B 70 -10.70 -10.20 -3.86
N LYS B 71 -11.15 -8.99 -3.48
CA LYS B 71 -12.20 -8.23 -4.20
C LYS B 71 -11.65 -7.36 -5.34
N LEU B 72 -10.57 -6.61 -5.12
CA LEU B 72 -9.99 -5.67 -6.08
C LEU B 72 -8.96 -6.34 -7.03
N HIS B 73 -8.27 -7.40 -6.60
CA HIS B 73 -7.44 -8.21 -7.52
C HIS B 73 -8.26 -8.70 -8.73
N GLY B 74 -7.84 -8.35 -9.94
CA GLY B 74 -8.50 -8.74 -11.19
C GLY B 74 -9.67 -7.86 -11.62
N THR B 75 -9.90 -6.71 -10.98
CA THR B 75 -10.86 -5.69 -11.47
C THR B 75 -10.14 -4.74 -12.43
N VAL B 76 -10.86 -4.04 -13.31
CA VAL B 76 -10.31 -3.09 -14.27
C VAL B 76 -10.82 -1.68 -14.01
N VAL B 77 -9.89 -0.74 -13.93
CA VAL B 77 -10.07 0.63 -13.50
C VAL B 77 -9.47 1.56 -14.56
N GLU B 78 -10.26 2.51 -15.06
CA GLU B 78 -9.97 3.36 -16.23
C GLU B 78 -9.44 2.63 -17.50
N GLY B 79 -9.59 1.31 -17.57
CA GLY B 79 -9.19 0.43 -18.68
C GLY B 79 -8.07 -0.59 -18.35
N ARG B 80 -7.42 -0.50 -17.18
CA ARG B 80 -6.31 -1.34 -16.75
C ARG B 80 -6.75 -2.35 -15.68
N LYS B 81 -6.60 -3.67 -15.92
CA LYS B 81 -6.90 -4.74 -14.95
C LYS B 81 -5.77 -4.89 -13.91
N ILE B 82 -6.08 -4.57 -12.65
CA ILE B 82 -5.12 -4.41 -11.55
C ILE B 82 -4.81 -5.72 -10.83
N GLU B 83 -3.66 -5.75 -10.16
CA GLU B 83 -3.29 -6.81 -9.21
C GLU B 83 -3.31 -6.23 -7.80
N VAL B 84 -3.51 -7.07 -6.77
CA VAL B 84 -3.46 -6.67 -5.34
C VAL B 84 -2.83 -7.79 -4.51
N ASN B 85 -1.95 -7.43 -3.59
CA ASN B 85 -1.10 -8.34 -2.81
C ASN B 85 -0.69 -7.80 -1.45
N ASN B 86 -0.03 -8.61 -0.63
CA ASN B 86 0.72 -8.09 0.52
C ASN B 86 2.00 -7.41 -0.01
N ALA B 87 2.48 -6.37 0.65
CA ALA B 87 3.78 -5.80 0.28
C ALA B 87 4.94 -6.73 0.72
N THR B 88 6.11 -6.60 0.07
CA THR B 88 7.33 -7.40 0.29
C THR B 88 8.55 -6.48 0.50
N ALA B 89 9.80 -6.96 0.61
CA ALA B 89 10.96 -6.12 1.03
C ALA B 89 11.29 -4.88 0.15
N ARG B 90 11.32 -3.66 0.73
CA ARG B 90 11.66 -2.35 0.09
C ARG B 90 13.11 -2.25 -0.43
N VAL B 91 13.38 -1.21 -1.22
CA VAL B 91 14.75 -0.76 -1.60
C VAL B 91 15.23 0.42 -0.75
N MET B 92 14.33 1.28 -0.27
CA MET B 92 14.56 2.39 0.66
C MET B 92 15.86 3.18 0.43
N THR B 93 16.10 3.62 -0.81
CA THR B 93 17.25 4.51 -1.10
C THR B 93 17.14 5.81 -0.31
N ASN B 94 18.20 6.14 0.45
CA ASN B 94 18.23 7.25 1.41
C ASN B 94 17.89 8.63 0.78
N LYS B 95 17.20 9.48 1.56
CA LYS B 95 16.83 10.87 1.19
C LYS B 95 18.04 11.79 0.91
N LYS B 96 17.77 12.91 0.25
CA LYS B 96 18.76 13.95 -0.15
C LYS B 96 18.22 15.37 0.10
N THR B 97 19.10 16.36 -0.08
CA THR B 97 18.91 17.81 0.16
C THR B 97 18.38 18.19 1.57
N VAL B 98 18.26 19.49 1.84
CA VAL B 98 17.94 20.10 3.14
C VAL B 98 17.38 21.52 2.97
N ASN B 99 16.75 22.08 4.02
CA ASN B 99 16.32 23.49 4.10
C ASN B 99 16.79 24.12 5.43
N PRO B 100 17.06 25.44 5.49
CA PRO B 100 17.68 26.09 6.64
C PRO B 100 16.73 26.38 7.83
N TYR B 101 15.43 26.08 7.71
CA TYR B 101 14.39 26.48 8.66
C TYR B 101 13.45 25.33 9.09
N THR B 102 13.86 24.07 8.92
CA THR B 102 12.98 22.89 9.11
C THR B 102 13.53 21.84 10.07
N ASN B 103 14.78 21.99 10.52
CA ASN B 103 15.55 20.98 11.27
C ASN B 103 16.68 21.64 12.11
N GLY B 104 17.24 20.87 13.05
CA GLY B 104 18.36 21.29 13.91
C GLY B 104 18.77 20.23 14.93
N GLY B 1 19.11 -16.04 11.32
CA GLY B 1 20.45 -15.60 10.82
C GLY B 1 20.46 -14.12 10.52
N SER B 2 21.65 -13.49 10.58
CA SER B 2 21.87 -12.04 10.46
C SER B 2 21.43 -11.37 9.15
N HIS B 3 21.06 -12.14 8.12
CA HIS B 3 20.53 -11.66 6.85
C HIS B 3 19.20 -10.88 6.98
N MET B 4 18.33 -11.27 7.94
CA MET B 4 17.04 -10.61 8.17
C MET B 4 17.20 -9.21 8.82
N ASN B 5 16.27 -8.30 8.52
CA ASN B 5 16.21 -6.97 9.12
C ASN B 5 15.59 -6.99 10.54
N THR B 6 15.84 -5.94 11.33
CA THR B 6 15.42 -5.83 12.74
C THR B 6 13.94 -5.40 12.87
N GLU B 7 13.05 -6.38 13.01
CA GLU B 7 11.62 -6.21 13.31
C GLU B 7 11.12 -7.28 14.32
N ASN B 8 10.00 -7.00 14.99
CA ASN B 8 9.40 -7.89 16.01
C ASN B 8 7.85 -7.96 16.00
N LYS B 9 7.15 -6.86 15.68
CA LYS B 9 5.68 -6.77 15.63
C LYS B 9 5.19 -5.64 14.72
N SER B 10 4.09 -5.89 14.02
CA SER B 10 3.31 -4.90 13.25
C SER B 10 1.80 -5.18 13.32
N GLN B 11 1.08 -4.23 13.91
CA GLN B 11 -0.39 -4.21 14.01
C GLN B 11 -1.19 -4.21 12.68
N PRO B 12 -0.75 -3.51 11.60
CA PRO B 12 -1.43 -3.45 10.32
C PRO B 12 -0.94 -4.51 9.32
N LYS B 13 -1.37 -4.38 8.07
CA LYS B 13 -0.87 -5.14 6.91
C LYS B 13 -0.60 -4.21 5.72
N ARG B 14 0.51 -4.41 5.01
CA ARG B 14 0.87 -3.67 3.79
C ARG B 14 0.39 -4.44 2.56
N LEU B 15 -0.18 -3.71 1.61
CA LEU B 15 -0.92 -4.24 0.48
C LEU B 15 -0.52 -3.56 -0.84
N HIS B 16 0.10 -4.35 -1.71
CA HIS B 16 0.46 -4.01 -3.09
C HIS B 16 -0.77 -3.89 -3.99
N VAL B 17 -0.67 -3.01 -5.00
CA VAL B 17 -1.60 -2.94 -6.13
C VAL B 17 -0.80 -2.70 -7.40
N SER B 18 -1.29 -3.17 -8.54
CA SER B 18 -0.59 -3.08 -9.83
C SER B 18 -1.52 -2.66 -10.98
N ASN B 19 -0.94 -2.33 -12.13
CA ASN B 19 -1.58 -1.83 -13.36
C ASN B 19 -2.46 -0.56 -13.24
N ILE B 20 -2.47 0.12 -12.09
CA ILE B 20 -3.22 1.37 -11.87
C ILE B 20 -2.72 2.54 -12.75
N PRO B 21 -3.52 3.60 -13.03
CA PRO B 21 -3.09 4.76 -13.82
C PRO B 21 -1.81 5.48 -13.39
N PHE B 22 -1.11 6.06 -14.37
CA PHE B 22 0.00 7.01 -14.16
C PHE B 22 -0.42 8.29 -13.41
N ARG B 23 -1.72 8.60 -13.32
CA ARG B 23 -2.25 9.84 -12.69
C ARG B 23 -3.14 9.60 -11.46
N PHE B 24 -3.27 8.34 -11.01
CA PHE B 24 -3.89 8.00 -9.72
C PHE B 24 -3.14 8.64 -8.54
N ARG B 25 -3.83 8.91 -7.42
CA ARG B 25 -3.23 9.46 -6.19
C ARG B 25 -3.73 8.72 -4.94
N ASP B 26 -3.13 9.03 -3.80
CA ASP B 26 -3.48 8.51 -2.49
C ASP B 26 -5.00 8.51 -2.16
N PRO B 27 -5.79 9.56 -2.47
CA PRO B 27 -7.25 9.55 -2.32
C PRO B 27 -7.93 8.67 -3.37
N ASP B 28 -7.41 8.61 -4.61
CA ASP B 28 -7.92 7.69 -5.64
C ASP B 28 -7.78 6.21 -5.21
N LEU B 29 -6.68 5.88 -4.51
CA LEU B 29 -6.50 4.58 -3.89
C LEU B 29 -7.43 4.33 -2.69
N ARG B 30 -7.32 5.10 -1.59
CA ARG B 30 -8.02 4.77 -0.34
C ARG B 30 -9.55 4.83 -0.43
N GLN B 31 -10.11 5.57 -1.39
CA GLN B 31 -11.55 5.54 -1.67
C GLN B 31 -12.04 4.17 -2.19
N MET B 32 -11.22 3.45 -2.97
CA MET B 32 -11.53 2.09 -3.44
C MET B 32 -11.30 1.03 -2.36
N PHE B 33 -10.16 1.10 -1.65
CA PHE B 33 -9.77 0.12 -0.63
C PHE B 33 -10.52 0.28 0.71
N GLY B 34 -10.87 1.51 1.10
CA GLY B 34 -11.43 1.81 2.43
C GLY B 34 -12.88 1.37 2.67
N GLN B 35 -13.55 0.79 1.68
CA GLN B 35 -14.86 0.14 1.87
C GLN B 35 -14.78 -1.14 2.72
N PHE B 36 -13.59 -1.72 2.92
CA PHE B 36 -13.38 -2.97 3.67
C PHE B 36 -12.77 -2.78 5.07
N GLY B 37 -12.12 -1.64 5.32
CA GLY B 37 -11.48 -1.28 6.60
C GLY B 37 -10.72 0.05 6.49
N LYS B 38 -10.22 0.59 7.60
CA LYS B 38 -9.46 1.85 7.64
C LYS B 38 -8.06 1.71 7.01
N ILE B 39 -7.72 2.58 6.06
CA ILE B 39 -6.35 2.71 5.54
C ILE B 39 -5.59 3.75 6.40
N LEU B 40 -4.47 3.30 6.98
CA LEU B 40 -3.60 4.09 7.87
C LEU B 40 -2.56 4.94 7.11
N ASP B 41 -2.06 4.44 5.99
CA ASP B 41 -0.99 5.04 5.19
C ASP B 41 -1.02 4.50 3.74
N VAL B 42 -0.46 5.26 2.79
CA VAL B 42 -0.48 4.96 1.35
C VAL B 42 0.84 5.41 0.70
N GLU B 43 1.29 4.73 -0.34
CA GLU B 43 2.47 5.07 -1.12
C GLU B 43 2.23 4.81 -2.62
N ILE B 44 2.74 5.68 -3.49
CA ILE B 44 2.70 5.53 -4.96
C ILE B 44 4.14 5.74 -5.45
N ILE B 45 4.66 4.66 -5.99
CA ILE B 45 6.05 4.38 -6.30
C ILE B 45 6.35 5.00 -7.65
N PHE B 46 7.13 6.08 -7.76
CA PHE B 46 7.54 6.63 -9.06
C PHE B 46 8.72 7.57 -9.02
N ASN B 47 9.20 7.89 -10.23
CA ASN B 47 10.36 8.76 -10.49
C ASN B 47 9.90 10.12 -11.02
N GLU B 48 9.29 10.05 -12.20
CA GLU B 48 9.00 11.21 -13.05
C GLU B 48 7.84 10.96 -14.01
N ARG B 49 6.90 10.03 -13.72
CA ARG B 49 5.60 9.89 -14.46
C ARG B 49 4.33 9.82 -13.60
N GLY B 50 4.44 9.90 -12.27
CA GLY B 50 3.27 9.97 -11.37
C GLY B 50 2.79 8.63 -10.82
N SER B 51 3.36 7.57 -11.39
CA SER B 51 3.30 6.19 -10.93
C SER B 51 4.19 5.31 -11.79
N LYS B 52 4.88 4.36 -11.14
CA LYS B 52 5.54 3.21 -11.76
C LYS B 52 4.50 2.32 -12.46
N GLY B 53 3.26 2.50 -12.04
CA GLY B 53 2.09 1.75 -12.44
C GLY B 53 1.52 0.90 -11.30
N PHE B 54 2.14 0.97 -10.12
CA PHE B 54 1.82 0.18 -8.94
C PHE B 54 1.88 1.05 -7.67
N GLY B 55 1.18 0.60 -6.61
CA GLY B 55 1.04 1.32 -5.35
C GLY B 55 1.14 0.38 -4.14
N PHE B 56 1.20 0.98 -2.95
CA PHE B 56 1.08 0.28 -1.67
C PHE B 56 0.11 1.01 -0.73
N VAL B 57 -0.55 0.22 0.12
CA VAL B 57 -1.62 0.62 1.03
C VAL B 57 -1.38 -0.04 2.40
N THR B 58 -1.84 0.56 3.48
CA THR B 58 -1.69 0.02 4.85
C THR B 58 -3.05 -0.15 5.51
N PHE B 59 -3.49 -1.40 5.72
CA PHE B 59 -4.79 -1.73 6.31
C PHE B 59 -4.66 -1.95 7.82
N GLU B 60 -5.66 -1.52 8.59
CA GLU B 60 -5.66 -1.60 10.06
C GLU B 60 -5.48 -3.02 10.64
N ASN B 61 -5.78 -4.06 9.86
CA ASN B 61 -5.48 -5.47 10.17
C ASN B 61 -5.50 -6.35 8.91
N SER B 62 -4.80 -7.49 8.94
CA SER B 62 -4.69 -8.45 7.82
C SER B 62 -6.02 -9.08 7.40
N ALA B 63 -6.92 -9.38 8.34
CA ALA B 63 -8.21 -10.02 8.08
C ALA B 63 -9.22 -9.13 7.31
N ASP B 64 -8.97 -7.83 7.16
CA ASP B 64 -9.73 -6.94 6.27
C ASP B 64 -8.92 -6.53 5.03
N ALA B 65 -7.59 -6.56 5.13
CA ALA B 65 -6.69 -6.41 3.99
C ALA B 65 -6.92 -7.51 2.93
N ASP B 66 -6.85 -8.78 3.32
CA ASP B 66 -7.06 -9.91 2.39
C ASP B 66 -8.49 -9.98 1.83
N ARG B 67 -9.49 -9.39 2.52
CA ARG B 67 -10.84 -9.18 1.98
C ARG B 67 -10.85 -8.15 0.84
N ALA B 68 -10.14 -7.04 0.99
CA ALA B 68 -9.95 -6.08 -0.10
C ALA B 68 -9.19 -6.70 -1.28
N ARG B 69 -8.15 -7.51 -0.99
CA ARG B 69 -7.31 -8.19 -1.95
C ARG B 69 -8.14 -9.09 -2.87
N GLU B 70 -8.97 -9.99 -2.32
CA GLU B 70 -9.78 -10.88 -3.16
C GLU B 70 -10.88 -10.15 -3.96
N LYS B 71 -11.32 -8.98 -3.48
CA LYS B 71 -12.37 -8.16 -4.11
C LYS B 71 -11.85 -7.27 -5.26
N LEU B 72 -10.72 -6.59 -5.08
CA LEU B 72 -10.14 -5.65 -6.04
C LEU B 72 -9.11 -6.32 -6.97
N HIS B 73 -8.45 -7.41 -6.56
CA HIS B 73 -7.63 -8.20 -7.49
C HIS B 73 -8.49 -8.73 -8.66
N GLY B 74 -8.09 -8.42 -9.89
CA GLY B 74 -8.82 -8.83 -11.10
C GLY B 74 -10.06 -7.99 -11.44
N THR B 75 -10.24 -6.81 -10.80
CA THR B 75 -11.26 -5.82 -11.18
C THR B 75 -10.60 -4.71 -12.00
N VAL B 76 -11.36 -3.83 -12.65
CA VAL B 76 -10.82 -2.81 -13.57
C VAL B 76 -11.20 -1.39 -13.14
N VAL B 77 -10.29 -0.46 -13.46
CA VAL B 77 -10.33 0.95 -13.02
C VAL B 77 -9.91 1.85 -14.19
N GLU B 78 -10.73 2.85 -14.51
CA GLU B 78 -10.63 3.68 -15.72
C GLU B 78 -10.32 2.91 -17.04
N GLY B 79 -10.75 1.66 -17.11
CA GLY B 79 -10.62 0.76 -18.25
C GLY B 79 -9.44 -0.23 -18.22
N ARG B 80 -8.67 -0.33 -17.13
CA ARG B 80 -7.54 -1.27 -16.99
C ARG B 80 -7.60 -2.12 -15.72
N LYS B 81 -7.42 -3.45 -15.87
CA LYS B 81 -7.56 -4.48 -14.82
C LYS B 81 -6.33 -4.55 -13.93
N ILE B 82 -6.52 -4.57 -12.62
CA ILE B 82 -5.46 -4.40 -11.59
C ILE B 82 -5.15 -5.69 -10.83
N GLU B 83 -3.95 -5.75 -10.27
CA GLU B 83 -3.57 -6.77 -9.29
C GLU B 83 -3.62 -6.18 -7.88
N VAL B 84 -3.78 -7.02 -6.86
CA VAL B 84 -3.68 -6.66 -5.44
C VAL B 84 -3.01 -7.80 -4.68
N ASN B 85 -2.04 -7.50 -3.82
CA ASN B 85 -1.17 -8.48 -3.16
C ASN B 85 -0.70 -8.03 -1.77
N ASN B 86 -0.05 -8.91 -1.02
CA ASN B 86 0.72 -8.48 0.16
C ASN B 86 1.99 -7.76 -0.34
N ALA B 87 2.47 -6.76 0.41
CA ALA B 87 3.76 -6.15 0.06
C ALA B 87 4.95 -7.08 0.43
N THR B 88 6.09 -6.91 -0.25
CA THR B 88 7.30 -7.74 -0.12
C THR B 88 8.56 -6.90 0.18
N ALA B 89 9.78 -7.41 0.03
CA ALA B 89 11.03 -6.71 0.40
C ALA B 89 11.38 -5.46 -0.46
N ARG B 90 11.69 -4.32 0.18
CA ARG B 90 12.09 -3.02 -0.43
C ARG B 90 13.37 -3.04 -1.29
N VAL B 91 13.53 -1.95 -2.06
CA VAL B 91 14.69 -1.58 -2.89
C VAL B 91 15.99 -1.33 -2.11
N MET B 92 15.89 -1.06 -0.78
CA MET B 92 16.89 -0.93 0.29
C MET B 92 17.14 0.53 0.72
N THR B 93 17.10 1.48 -0.23
CA THR B 93 17.37 2.93 -0.15
C THR B 93 18.67 3.43 0.49
N ASN B 94 19.15 2.83 1.59
CA ASN B 94 20.36 3.21 2.34
C ASN B 94 20.48 4.74 2.61
N LYS B 95 19.36 5.39 2.95
CA LYS B 95 19.25 6.84 3.24
C LYS B 95 18.38 7.14 4.47
N LYS B 96 18.61 8.30 5.08
CA LYS B 96 17.95 8.84 6.29
C LYS B 96 17.79 10.36 6.20
N THR B 97 16.99 10.91 7.11
CA THR B 97 16.84 12.36 7.39
C THR B 97 16.73 12.60 8.90
N VAL B 98 16.46 13.83 9.36
CA VAL B 98 16.41 14.18 10.80
C VAL B 98 15.40 15.30 11.11
N ASN B 99 14.74 15.18 12.26
CA ASN B 99 13.79 16.09 12.90
C ASN B 99 13.74 15.76 14.43
N PRO B 100 12.97 16.44 15.30
CA PRO B 100 12.87 16.02 16.71
C PRO B 100 12.16 14.66 16.89
N TYR B 101 11.58 14.10 15.82
CA TYR B 101 10.91 12.79 15.79
C TYR B 101 11.43 11.88 14.68
N THR B 102 11.80 12.38 13.50
CA THR B 102 12.46 11.63 12.41
C THR B 102 11.61 10.47 11.83
N ASN B 103 12.04 9.87 10.72
CA ASN B 103 11.38 8.72 10.07
C ASN B 103 12.43 7.72 9.53
N GLY B 104 12.02 6.48 9.22
CA GLY B 104 12.87 5.42 8.66
C GLY B 104 12.20 4.05 8.68
N GLY B 1 4.29 -21.17 20.62
CA GLY B 1 4.89 -19.84 20.40
C GLY B 1 6.22 -19.71 21.12
N SER B 2 6.45 -18.56 21.77
CA SER B 2 7.65 -18.26 22.61
C SER B 2 9.01 -18.52 21.91
N HIS B 3 9.10 -18.28 20.60
CA HIS B 3 10.32 -18.45 19.81
C HIS B 3 11.49 -17.57 20.31
N MET B 4 12.70 -18.13 20.32
CA MET B 4 13.89 -17.53 20.94
C MET B 4 14.49 -16.31 20.22
N ASN B 5 14.12 -16.04 18.95
CA ASN B 5 14.67 -14.95 18.14
C ASN B 5 13.67 -14.50 17.04
N THR B 6 12.51 -14.00 17.45
CA THR B 6 11.54 -13.34 16.55
C THR B 6 12.12 -12.09 15.86
N GLU B 7 11.66 -11.78 14.64
CA GLU B 7 12.23 -10.69 13.82
C GLU B 7 11.19 -9.73 13.21
N ASN B 8 9.89 -10.06 13.25
CA ASN B 8 8.81 -9.21 12.71
C ASN B 8 7.47 -9.46 13.45
N LYS B 9 6.74 -8.38 13.74
CA LYS B 9 5.38 -8.36 14.32
C LYS B 9 4.68 -7.02 14.01
N SER B 10 3.40 -7.06 13.67
CA SER B 10 2.58 -5.89 13.38
C SER B 10 1.11 -6.07 13.79
N GLN B 11 0.49 -4.97 14.23
CA GLN B 11 -0.96 -4.88 14.46
C GLN B 11 -1.73 -4.78 13.12
N PRO B 12 -1.41 -3.80 12.25
CA PRO B 12 -1.97 -3.72 10.90
C PRO B 12 -1.33 -4.72 9.92
N LYS B 13 -1.77 -4.63 8.66
CA LYS B 13 -1.31 -5.42 7.51
C LYS B 13 -1.05 -4.49 6.32
N ARG B 14 -0.15 -4.89 5.40
CA ARG B 14 0.26 -4.08 4.24
C ARG B 14 0.00 -4.80 2.92
N LEU B 15 -0.34 -4.02 1.90
CA LEU B 15 -0.88 -4.48 0.62
C LEU B 15 -0.25 -3.73 -0.55
N HIS B 16 0.09 -4.48 -1.60
CA HIS B 16 0.51 -4.00 -2.93
C HIS B 16 -0.70 -3.95 -3.87
N VAL B 17 -0.64 -3.04 -4.84
CA VAL B 17 -1.58 -2.99 -5.96
C VAL B 17 -0.80 -2.67 -7.24
N SER B 18 -1.30 -3.12 -8.39
CA SER B 18 -0.59 -3.00 -9.68
C SER B 18 -1.50 -2.58 -10.84
N ASN B 19 -0.89 -2.22 -11.98
CA ASN B 19 -1.49 -1.81 -13.25
C ASN B 19 -2.38 -0.54 -13.23
N ILE B 20 -2.39 0.24 -12.15
CA ILE B 20 -3.30 1.39 -11.98
C ILE B 20 -2.88 2.60 -12.85
N PRO B 21 -3.71 3.64 -13.06
CA PRO B 21 -3.29 4.88 -13.75
C PRO B 21 -2.01 5.54 -13.24
N PHE B 22 -1.27 6.13 -14.18
CA PHE B 22 -0.15 7.04 -13.89
C PHE B 22 -0.54 8.25 -13.03
N ARG B 23 -1.81 8.65 -13.06
CA ARG B 23 -2.32 9.90 -12.46
C ARG B 23 -3.19 9.70 -11.22
N PHE B 24 -3.38 8.45 -10.78
CA PHE B 24 -3.99 8.10 -9.49
C PHE B 24 -3.19 8.71 -8.33
N ARG B 25 -3.85 9.00 -7.21
CA ARG B 25 -3.20 9.46 -5.97
C ARG B 25 -3.70 8.69 -4.76
N ASP B 26 -3.12 8.92 -3.59
CA ASP B 26 -3.49 8.29 -2.33
C ASP B 26 -5.00 8.40 -2.02
N PRO B 27 -5.69 9.54 -2.29
CA PRO B 27 -7.15 9.66 -2.25
C PRO B 27 -7.86 8.72 -3.23
N ASP B 28 -7.32 8.53 -4.44
CA ASP B 28 -7.89 7.61 -5.44
C ASP B 28 -7.81 6.15 -4.96
N LEU B 29 -6.69 5.76 -4.34
CA LEU B 29 -6.54 4.44 -3.74
C LEU B 29 -7.42 4.24 -2.50
N ARG B 30 -7.29 5.10 -1.47
CA ARG B 30 -7.96 4.86 -0.17
C ARG B 30 -9.49 4.91 -0.23
N GLN B 31 -10.09 5.59 -1.21
CA GLN B 31 -11.54 5.54 -1.45
C GLN B 31 -12.00 4.16 -1.97
N MET B 32 -11.26 3.55 -2.91
CA MET B 32 -11.55 2.22 -3.45
C MET B 32 -11.26 1.10 -2.43
N PHE B 33 -10.17 1.20 -1.68
CA PHE B 33 -9.73 0.19 -0.73
C PHE B 33 -10.39 0.31 0.65
N GLY B 34 -10.72 1.53 1.11
CA GLY B 34 -11.26 1.80 2.45
C GLY B 34 -12.70 1.36 2.72
N GLN B 35 -13.44 0.94 1.69
CA GLN B 35 -14.77 0.32 1.84
C GLN B 35 -14.74 -1.03 2.59
N PHE B 36 -13.58 -1.69 2.69
CA PHE B 36 -13.39 -2.99 3.34
C PHE B 36 -12.83 -2.90 4.76
N GLY B 37 -12.07 -1.84 5.07
CA GLY B 37 -11.49 -1.56 6.39
C GLY B 37 -10.67 -0.26 6.37
N LYS B 38 -10.40 0.31 7.55
CA LYS B 38 -9.73 1.62 7.69
C LYS B 38 -8.29 1.58 7.17
N ILE B 39 -7.96 2.46 6.21
CA ILE B 39 -6.59 2.74 5.78
C ILE B 39 -5.85 3.52 6.88
N LEU B 40 -4.61 3.11 7.16
CA LEU B 40 -3.69 3.76 8.10
C LEU B 40 -2.56 4.52 7.38
N ASP B 41 -2.17 4.08 6.17
CA ASP B 41 -1.15 4.71 5.32
C ASP B 41 -1.29 4.28 3.85
N VAL B 42 -0.72 5.06 2.92
CA VAL B 42 -0.66 4.80 1.47
C VAL B 42 0.66 5.34 0.90
N GLU B 43 1.23 4.68 -0.11
CA GLU B 43 2.39 5.13 -0.89
C GLU B 43 2.15 4.86 -2.38
N ILE B 44 2.66 5.72 -3.26
CA ILE B 44 2.66 5.53 -4.72
C ILE B 44 4.08 5.71 -5.21
N ILE B 45 4.56 4.63 -5.79
CA ILE B 45 5.94 4.41 -6.18
C ILE B 45 6.13 5.10 -7.53
N PHE B 46 7.21 5.85 -7.72
CA PHE B 46 7.39 6.72 -8.89
C PHE B 46 8.58 6.30 -9.77
N ASN B 47 8.77 7.08 -10.84
CA ASN B 47 9.96 7.11 -11.68
C ASN B 47 10.15 8.55 -12.16
N GLU B 48 9.30 8.96 -13.10
CA GLU B 48 9.37 10.23 -13.81
C GLU B 48 8.11 10.54 -14.63
N ARG B 49 6.98 9.87 -14.35
CA ARG B 49 5.64 10.13 -14.93
C ARG B 49 4.51 10.20 -13.89
N GLY B 50 4.88 10.11 -12.62
CA GLY B 50 3.96 9.87 -11.52
C GLY B 50 4.13 8.41 -11.18
N SER B 51 3.03 7.66 -11.11
CA SER B 51 3.10 6.25 -10.78
C SER B 51 4.03 5.43 -11.68
N LYS B 52 4.86 4.57 -11.07
CA LYS B 52 5.56 3.44 -11.68
C LYS B 52 4.55 2.42 -12.24
N GLY B 53 3.28 2.61 -11.87
CA GLY B 53 2.11 1.89 -12.31
C GLY B 53 1.46 1.08 -11.20
N PHE B 54 2.01 1.16 -9.99
CA PHE B 54 1.67 0.35 -8.83
C PHE B 54 1.70 1.20 -7.55
N GLY B 55 1.08 0.71 -6.48
CA GLY B 55 0.96 1.40 -5.20
C GLY B 55 1.05 0.45 -4.00
N PHE B 56 1.09 1.03 -2.81
CA PHE B 56 1.03 0.31 -1.54
C PHE B 56 0.06 0.96 -0.56
N VAL B 57 -0.52 0.15 0.32
CA VAL B 57 -1.59 0.50 1.26
C VAL B 57 -1.38 -0.23 2.59
N THR B 58 -1.78 0.38 3.71
CA THR B 58 -1.78 -0.25 5.04
C THR B 58 -3.20 -0.26 5.62
N PHE B 59 -3.63 -1.42 6.13
CA PHE B 59 -4.97 -1.73 6.63
C PHE B 59 -4.94 -2.04 8.12
N GLU B 60 -5.96 -1.59 8.87
CA GLU B 60 -6.03 -1.72 10.33
C GLU B 60 -5.81 -3.14 10.91
N ASN B 61 -6.12 -4.20 10.14
CA ASN B 61 -5.78 -5.59 10.42
C ASN B 61 -5.85 -6.48 9.16
N SER B 62 -5.24 -7.66 9.22
CA SER B 62 -5.16 -8.63 8.11
C SER B 62 -6.52 -9.16 7.62
N ALA B 63 -7.46 -9.43 8.54
CA ALA B 63 -8.77 -9.99 8.20
C ALA B 63 -9.70 -9.02 7.44
N ASP B 64 -9.33 -7.73 7.29
CA ASP B 64 -10.04 -6.76 6.43
C ASP B 64 -9.21 -6.38 5.20
N ALA B 65 -7.87 -6.46 5.28
CA ALA B 65 -6.98 -6.38 4.13
C ALA B 65 -7.28 -7.50 3.11
N ASP B 66 -7.47 -8.73 3.60
CA ASP B 66 -7.82 -9.90 2.78
C ASP B 66 -9.13 -9.71 2.00
N ARG B 67 -10.12 -9.02 2.58
CA ARG B 67 -11.37 -8.68 1.89
C ARG B 67 -11.12 -7.71 0.73
N ALA B 68 -10.24 -6.73 0.88
CA ALA B 68 -9.87 -5.84 -0.22
C ALA B 68 -9.15 -6.61 -1.34
N ARG B 69 -8.22 -7.51 -0.99
CA ARG B 69 -7.49 -8.32 -1.96
C ARG B 69 -8.41 -9.16 -2.82
N GLU B 70 -9.30 -9.94 -2.22
CA GLU B 70 -10.17 -10.85 -2.99
C GLU B 70 -11.18 -10.09 -3.90
N LYS B 71 -11.53 -8.84 -3.56
CA LYS B 71 -12.49 -8.01 -4.30
C LYS B 71 -11.85 -7.18 -5.41
N LEU B 72 -10.71 -6.53 -5.17
CA LEU B 72 -10.03 -5.65 -6.12
C LEU B 72 -8.99 -6.37 -6.99
N HIS B 73 -8.40 -7.48 -6.53
CA HIS B 73 -7.56 -8.33 -7.41
C HIS B 73 -8.36 -8.85 -8.63
N GLY B 74 -7.92 -8.50 -9.84
CA GLY B 74 -8.56 -8.92 -11.09
C GLY B 74 -9.78 -8.11 -11.51
N THR B 75 -10.05 -6.96 -10.87
CA THR B 75 -11.06 -5.99 -11.34
C THR B 75 -10.38 -4.90 -12.16
N VAL B 76 -11.13 -4.07 -12.89
CA VAL B 76 -10.56 -3.11 -13.84
C VAL B 76 -10.98 -1.67 -13.54
N VAL B 77 -10.07 -0.73 -13.79
CA VAL B 77 -10.18 0.68 -13.42
C VAL B 77 -9.69 1.56 -14.57
N GLU B 78 -10.55 2.46 -15.06
CA GLU B 78 -10.38 3.22 -16.31
C GLU B 78 -9.90 2.39 -17.53
N GLY B 79 -10.25 1.10 -17.51
CA GLY B 79 -9.93 0.09 -18.53
C GLY B 79 -8.82 -0.90 -18.15
N ARG B 80 -8.03 -0.64 -17.10
CA ARG B 80 -6.84 -1.39 -16.72
C ARG B 80 -7.15 -2.39 -15.58
N LYS B 81 -6.99 -3.69 -15.83
CA LYS B 81 -7.18 -4.76 -14.82
C LYS B 81 -6.02 -4.79 -13.82
N ILE B 82 -6.32 -4.54 -12.55
CA ILE B 82 -5.34 -4.35 -11.46
C ILE B 82 -5.04 -5.65 -10.71
N GLU B 83 -3.84 -5.71 -10.13
CA GLU B 83 -3.49 -6.78 -9.17
C GLU B 83 -3.58 -6.24 -7.74
N VAL B 84 -3.74 -7.12 -6.75
CA VAL B 84 -3.62 -6.82 -5.32
C VAL B 84 -2.90 -7.97 -4.61
N ASN B 85 -1.93 -7.63 -3.77
CA ASN B 85 -0.95 -8.56 -3.18
C ASN B 85 -0.51 -8.15 -1.78
N ASN B 86 0.30 -8.96 -1.11
CA ASN B 86 1.03 -8.57 0.10
C ASN B 86 2.26 -7.74 -0.34
N ALA B 87 2.63 -6.68 0.38
CA ALA B 87 3.84 -5.92 0.05
C ALA B 87 5.12 -6.65 0.53
N THR B 88 6.20 -6.63 -0.27
CA THR B 88 7.41 -7.45 -0.11
C THR B 88 8.67 -6.62 0.22
N ALA B 89 9.89 -7.14 0.09
CA ALA B 89 11.15 -6.47 0.51
C ALA B 89 11.48 -5.14 -0.22
N ARG B 90 11.71 -4.04 0.54
CA ARG B 90 12.10 -2.69 0.07
C ARG B 90 13.50 -2.59 -0.57
N VAL B 91 13.67 -1.53 -1.37
CA VAL B 91 14.91 -0.94 -1.94
C VAL B 91 15.42 0.14 -0.96
N MET B 92 16.62 0.68 -1.17
CA MET B 92 17.18 1.78 -0.35
C MET B 92 17.87 2.86 -1.19
N THR B 93 17.78 4.11 -0.71
CA THR B 93 18.25 5.33 -1.41
C THR B 93 19.01 6.33 -0.53
N ASN B 94 19.05 6.12 0.80
CA ASN B 94 19.63 7.04 1.79
C ASN B 94 19.26 8.52 1.58
N LYS B 95 17.96 8.83 1.66
CA LYS B 95 17.37 10.18 1.46
C LYS B 95 18.07 11.31 2.27
N LYS B 96 17.98 12.55 1.79
CA LYS B 96 18.78 13.70 2.24
C LYS B 96 17.99 14.85 2.88
N THR B 97 16.80 15.19 2.39
CA THR B 97 16.06 16.38 2.85
C THR B 97 15.45 16.20 4.25
N VAL B 98 15.08 17.30 4.92
CA VAL B 98 14.47 17.27 6.27
C VAL B 98 13.48 18.42 6.49
N ASN B 99 12.42 18.15 7.24
CA ASN B 99 11.41 19.13 7.67
C ASN B 99 12.02 20.21 8.61
N PRO B 100 11.55 21.48 8.59
CA PRO B 100 12.13 22.56 9.41
C PRO B 100 11.89 22.45 10.94
N TYR B 101 11.04 21.52 11.39
CA TYR B 101 10.69 21.33 12.81
C TYR B 101 10.87 19.87 13.24
N THR B 102 10.14 18.94 12.61
CA THR B 102 10.26 17.46 12.61
C THR B 102 9.21 16.68 13.42
N ASN B 103 9.30 15.35 13.36
CA ASN B 103 8.57 14.39 14.19
C ASN B 103 9.40 13.14 14.56
N GLY B 104 10.34 12.71 13.70
CA GLY B 104 11.23 11.56 13.92
C GLY B 104 12.02 11.12 12.68
N GLY B 1 4.51 -9.36 23.42
CA GLY B 1 5.77 -10.09 23.67
C GLY B 1 5.63 -11.56 23.35
N SER B 2 6.40 -12.41 24.03
CA SER B 2 6.43 -13.90 23.95
C SER B 2 6.96 -14.50 22.63
N HIS B 3 6.74 -13.87 21.48
CA HIS B 3 7.21 -14.34 20.15
C HIS B 3 8.74 -14.46 20.04
N MET B 4 9.49 -13.59 20.73
CA MET B 4 10.95 -13.53 20.87
C MET B 4 11.77 -13.26 19.59
N ASN B 5 11.41 -13.85 18.44
CA ASN B 5 12.18 -13.84 17.18
C ASN B 5 11.61 -12.90 16.10
N THR B 6 10.70 -12.00 16.47
CA THR B 6 10.03 -11.02 15.59
C THR B 6 11.01 -10.17 14.77
N GLU B 7 10.63 -9.82 13.54
CA GLU B 7 11.35 -8.90 12.64
C GLU B 7 10.39 -7.85 12.06
N ASN B 8 10.91 -6.64 11.79
CA ASN B 8 10.19 -5.41 11.41
C ASN B 8 9.14 -4.87 12.42
N LYS B 9 8.31 -5.75 13.01
CA LYS B 9 7.17 -5.51 13.92
C LYS B 9 6.05 -4.61 13.34
N SER B 10 4.81 -5.08 13.47
CA SER B 10 3.60 -4.40 12.97
C SER B 10 2.33 -4.69 13.78
N GLN B 11 1.26 -3.94 13.46
CA GLN B 11 -0.11 -4.08 13.95
C GLN B 11 -1.09 -4.08 12.75
N PRO B 12 -1.07 -3.04 11.88
CA PRO B 12 -1.77 -3.06 10.59
C PRO B 12 -1.08 -3.98 9.58
N LYS B 13 -1.65 -4.04 8.37
CA LYS B 13 -1.11 -4.79 7.23
C LYS B 13 -0.95 -3.88 6.02
N ARG B 14 0.16 -4.00 5.28
CA ARG B 14 0.43 -3.23 4.05
C ARG B 14 0.12 -4.10 2.83
N LEU B 15 -0.41 -3.45 1.80
CA LEU B 15 -1.03 -4.11 0.66
C LEU B 15 -0.66 -3.45 -0.66
N HIS B 16 0.23 -4.10 -1.42
CA HIS B 16 0.61 -3.75 -2.79
C HIS B 16 -0.60 -3.77 -3.72
N VAL B 17 -0.68 -2.82 -4.64
CA VAL B 17 -1.71 -2.76 -5.69
C VAL B 17 -1.10 -2.37 -7.02
N SER B 18 -1.25 -3.23 -8.01
CA SER B 18 -0.58 -3.12 -9.31
C SER B 18 -1.53 -2.64 -10.41
N ASN B 19 -0.96 -2.28 -11.57
CA ASN B 19 -1.61 -1.89 -12.82
C ASN B 19 -2.53 -0.64 -12.78
N ILE B 20 -2.58 0.07 -11.65
CA ILE B 20 -3.35 1.33 -11.48
C ILE B 20 -2.85 2.47 -12.40
N PRO B 21 -3.64 3.52 -12.70
CA PRO B 21 -3.20 4.68 -13.49
C PRO B 21 -1.91 5.37 -13.00
N PHE B 22 -1.09 5.80 -13.95
CA PHE B 22 0.06 6.71 -13.72
C PHE B 22 -0.36 8.06 -13.10
N ARG B 23 -1.65 8.42 -13.19
CA ARG B 23 -2.21 9.71 -12.76
C ARG B 23 -3.17 9.62 -11.56
N PHE B 24 -3.41 8.42 -11.02
CA PHE B 24 -4.11 8.23 -9.74
C PHE B 24 -3.32 8.87 -8.59
N ARG B 25 -4.00 9.18 -7.46
CA ARG B 25 -3.37 9.74 -6.26
C ARG B 25 -3.82 8.98 -5.01
N ASP B 26 -3.22 9.28 -3.86
CA ASP B 26 -3.56 8.67 -2.59
C ASP B 26 -5.08 8.75 -2.25
N PRO B 27 -5.80 9.84 -2.55
CA PRO B 27 -7.26 9.91 -2.50
C PRO B 27 -7.94 8.89 -3.42
N ASP B 28 -7.44 8.71 -4.65
CA ASP B 28 -8.00 7.73 -5.60
C ASP B 28 -7.84 6.30 -5.08
N LEU B 29 -6.68 5.97 -4.52
CA LEU B 29 -6.45 4.66 -3.90
C LEU B 29 -7.28 4.44 -2.63
N ARG B 30 -7.25 5.35 -1.65
CA ARG B 30 -7.97 5.14 -0.38
C ARG B 30 -9.48 5.07 -0.54
N GLN B 31 -10.04 5.72 -1.56
CA GLN B 31 -11.45 5.59 -1.94
C GLN B 31 -11.79 4.17 -2.46
N MET B 32 -10.98 3.61 -3.36
CA MET B 32 -11.19 2.28 -3.93
C MET B 32 -10.98 1.14 -2.92
N PHE B 33 -9.99 1.27 -2.02
CA PHE B 33 -9.60 0.24 -1.08
C PHE B 33 -10.31 0.36 0.29
N GLY B 34 -10.65 1.58 0.74
CA GLY B 34 -11.29 1.83 2.04
C GLY B 34 -12.72 1.30 2.22
N GLN B 35 -13.40 0.94 1.13
CA GLN B 35 -14.73 0.27 1.19
C GLN B 35 -14.71 -1.12 1.86
N PHE B 36 -13.52 -1.69 2.11
CA PHE B 36 -13.35 -3.03 2.71
C PHE B 36 -12.59 -3.02 4.06
N GLY B 37 -12.08 -1.87 4.50
CA GLY B 37 -11.42 -1.69 5.81
C GLY B 37 -10.80 -0.30 5.95
N LYS B 38 -10.63 0.19 7.18
CA LYS B 38 -10.09 1.52 7.47
C LYS B 38 -8.63 1.65 7.03
N ILE B 39 -8.36 2.58 6.11
CA ILE B 39 -6.99 2.99 5.77
C ILE B 39 -6.34 3.76 6.93
N LEU B 40 -5.06 3.47 7.16
CA LEU B 40 -4.17 4.18 8.09
C LEU B 40 -3.10 4.99 7.34
N ASP B 41 -2.65 4.52 6.16
CA ASP B 41 -1.67 5.20 5.30
C ASP B 41 -1.73 4.69 3.84
N VAL B 42 -1.12 5.40 2.90
CA VAL B 42 -1.11 5.11 1.44
C VAL B 42 0.23 5.50 0.81
N GLU B 43 0.61 4.84 -0.29
CA GLU B 43 1.87 5.03 -1.02
C GLU B 43 1.65 4.88 -2.55
N ILE B 44 2.27 5.76 -3.36
CA ILE B 44 2.37 5.62 -4.82
C ILE B 44 3.84 5.76 -5.19
N ILE B 45 4.33 4.81 -5.97
CA ILE B 45 5.77 4.61 -6.18
C ILE B 45 6.17 5.32 -7.46
N PHE B 46 6.90 6.43 -7.37
CA PHE B 46 7.53 7.00 -8.56
C PHE B 46 8.79 7.81 -8.28
N ASN B 47 9.37 8.22 -9.40
CA ASN B 47 10.68 8.78 -9.60
C ASN B 47 10.65 10.22 -10.13
N GLU B 48 9.76 10.45 -11.09
CA GLU B 48 9.64 11.64 -11.89
C GLU B 48 8.49 11.54 -12.88
N ARG B 49 8.29 10.37 -13.49
CA ARG B 49 7.39 10.21 -14.65
C ARG B 49 5.89 10.15 -14.37
N GLY B 50 5.54 9.99 -13.10
CA GLY B 50 4.22 9.58 -12.63
C GLY B 50 4.35 8.13 -12.18
N SER B 51 3.30 7.51 -11.64
CA SER B 51 3.43 6.20 -10.98
C SER B 51 4.28 5.21 -11.77
N LYS B 52 5.10 4.40 -11.09
CA LYS B 52 5.75 3.23 -11.66
C LYS B 52 4.73 2.23 -12.23
N GLY B 53 3.50 2.35 -11.72
CA GLY B 53 2.29 1.71 -12.19
C GLY B 53 1.54 1.02 -11.05
N PHE B 54 2.05 1.14 -9.83
CA PHE B 54 1.56 0.46 -8.65
C PHE B 54 1.67 1.37 -7.41
N GLY B 55 0.93 1.00 -6.37
CA GLY B 55 0.96 1.66 -5.06
C GLY B 55 0.92 0.62 -3.94
N PHE B 56 0.81 1.10 -2.70
CA PHE B 56 0.50 0.27 -1.53
C PHE B 56 -0.47 1.01 -0.60
N VAL B 57 -1.17 0.24 0.22
CA VAL B 57 -2.18 0.73 1.17
C VAL B 57 -1.99 0.04 2.51
N THR B 58 -2.07 0.78 3.61
CA THR B 58 -2.00 0.26 4.98
C THR B 58 -3.41 0.13 5.58
N PHE B 59 -3.81 -1.08 5.91
CA PHE B 59 -5.15 -1.49 6.38
C PHE B 59 -5.10 -1.80 7.88
N GLU B 60 -6.16 -1.45 8.61
CA GLU B 60 -6.27 -1.58 10.08
C GLU B 60 -5.74 -2.91 10.68
N ASN B 61 -5.96 -4.04 10.00
CA ASN B 61 -5.34 -5.34 10.26
C ASN B 61 -5.51 -6.30 9.06
N SER B 62 -4.80 -7.43 9.08
CA SER B 62 -4.80 -8.45 8.02
C SER B 62 -6.18 -9.03 7.66
N ALA B 63 -7.09 -9.17 8.63
CA ALA B 63 -8.43 -9.71 8.40
C ALA B 63 -9.37 -8.78 7.60
N ASP B 64 -9.00 -7.50 7.41
CA ASP B 64 -9.74 -6.54 6.57
C ASP B 64 -8.98 -6.25 5.28
N ALA B 65 -7.65 -6.31 5.33
CA ALA B 65 -6.78 -6.30 4.16
C ALA B 65 -7.12 -7.47 3.20
N ASP B 66 -7.32 -8.68 3.74
CA ASP B 66 -7.74 -9.87 2.97
C ASP B 66 -9.00 -9.63 2.15
N ARG B 67 -9.98 -8.95 2.76
CA ARG B 67 -11.25 -8.65 2.12
C ARG B 67 -11.08 -7.71 0.92
N ALA B 68 -10.19 -6.72 1.03
CA ALA B 68 -9.85 -5.87 -0.10
C ALA B 68 -9.19 -6.68 -1.22
N ARG B 69 -8.22 -7.54 -0.88
CA ARG B 69 -7.50 -8.33 -1.86
C ARG B 69 -8.42 -9.29 -2.62
N GLU B 70 -9.28 -10.04 -1.96
CA GLU B 70 -10.17 -10.98 -2.64
C GLU B 70 -11.17 -10.27 -3.59
N LYS B 71 -11.52 -9.01 -3.29
CA LYS B 71 -12.46 -8.20 -4.08
C LYS B 71 -11.79 -7.43 -5.23
N LEU B 72 -10.65 -6.76 -4.99
CA LEU B 72 -9.96 -5.94 -5.99
C LEU B 72 -8.94 -6.69 -6.84
N HIS B 73 -8.29 -7.76 -6.34
CA HIS B 73 -7.38 -8.57 -7.16
C HIS B 73 -8.10 -9.18 -8.38
N GLY B 74 -7.71 -8.76 -9.60
CA GLY B 74 -8.28 -9.26 -10.85
C GLY B 74 -9.50 -8.48 -11.38
N THR B 75 -9.78 -7.29 -10.84
CA THR B 75 -10.78 -6.36 -11.40
C THR B 75 -10.10 -5.23 -12.17
N VAL B 76 -10.82 -4.45 -12.97
CA VAL B 76 -10.24 -3.47 -13.90
C VAL B 76 -10.71 -2.03 -13.62
N VAL B 77 -9.80 -1.08 -13.83
CA VAL B 77 -9.95 0.34 -13.53
C VAL B 77 -9.36 1.18 -14.66
N GLU B 78 -10.14 2.13 -15.19
CA GLU B 78 -9.85 2.89 -16.43
C GLU B 78 -9.34 2.04 -17.62
N GLY B 79 -9.70 0.76 -17.65
CA GLY B 79 -9.33 -0.24 -18.67
C GLY B 79 -8.24 -1.23 -18.27
N ARG B 80 -7.58 -1.09 -17.10
CA ARG B 80 -6.41 -1.85 -16.68
C ARG B 80 -6.72 -2.75 -15.48
N LYS B 81 -6.51 -4.07 -15.62
CA LYS B 81 -6.78 -5.10 -14.59
C LYS B 81 -5.73 -5.07 -13.47
N ILE B 82 -6.11 -4.59 -12.29
CA ILE B 82 -5.23 -4.41 -11.12
C ILE B 82 -4.95 -5.73 -10.40
N GLU B 83 -3.77 -5.80 -9.79
CA GLU B 83 -3.39 -6.88 -8.86
C GLU B 83 -3.41 -6.35 -7.43
N VAL B 84 -3.53 -7.22 -6.42
CA VAL B 84 -3.44 -6.86 -5.00
C VAL B 84 -2.69 -7.95 -4.24
N ASN B 85 -1.75 -7.55 -3.38
CA ASN B 85 -0.77 -8.44 -2.77
C ASN B 85 -0.24 -7.96 -1.41
N ASN B 86 0.42 -8.85 -0.66
CA ASN B 86 1.24 -8.42 0.48
C ASN B 86 2.47 -7.66 -0.05
N ALA B 87 2.97 -6.70 0.72
CA ALA B 87 4.18 -5.97 0.34
C ALA B 87 5.47 -6.74 0.72
N THR B 88 6.61 -6.43 0.09
CA THR B 88 7.85 -7.24 0.19
C THR B 88 9.18 -6.46 0.36
N ALA B 89 9.49 -6.09 1.61
CA ALA B 89 10.79 -5.63 2.16
C ALA B 89 11.51 -4.28 1.84
N ARG B 90 11.01 -3.42 0.93
CA ARG B 90 11.61 -2.12 0.49
C ARG B 90 13.08 -2.16 0.01
N VAL B 91 13.58 -1.03 -0.53
CA VAL B 91 14.95 -0.95 -1.10
C VAL B 91 15.77 0.23 -0.65
N MET B 92 15.25 1.46 -0.78
CA MET B 92 16.02 2.64 -0.47
C MET B 92 15.27 3.67 0.40
N THR B 93 14.04 3.39 0.83
CA THR B 93 13.29 4.27 1.75
C THR B 93 14.11 4.68 2.99
N ASN B 94 14.40 5.99 3.10
CA ASN B 94 15.17 6.58 4.19
C ASN B 94 14.59 7.91 4.73
N LYS B 95 13.49 8.40 4.14
CA LYS B 95 12.85 9.69 4.45
C LYS B 95 11.33 9.58 4.52
N LYS B 96 10.74 10.58 5.19
CA LYS B 96 9.31 10.97 5.31
C LYS B 96 9.28 12.44 5.79
N THR B 97 8.12 12.98 6.16
CA THR B 97 7.98 14.35 6.70
C THR B 97 7.05 14.41 7.92
N VAL B 98 7.37 15.31 8.85
CA VAL B 98 6.70 15.52 10.16
C VAL B 98 7.01 16.94 10.66
N ASN B 99 6.14 17.54 11.49
CA ASN B 99 6.24 18.94 11.92
C ASN B 99 5.83 19.14 13.39
N PRO B 100 6.31 20.21 14.07
CA PRO B 100 5.98 20.46 15.48
C PRO B 100 4.52 20.89 15.73
N TYR B 101 3.82 21.41 14.71
CA TYR B 101 2.39 21.73 14.74
C TYR B 101 1.48 20.49 14.56
N THR B 102 1.91 19.35 15.10
CA THR B 102 1.18 18.06 15.15
C THR B 102 -0.05 18.07 16.09
N ASN B 103 -0.32 19.20 16.76
CA ASN B 103 -1.47 19.39 17.67
C ASN B 103 -2.02 20.83 17.55
N GLY B 104 -3.30 21.01 17.88
CA GLY B 104 -4.03 22.30 17.81
C GLY B 104 -5.47 22.19 18.29
N GLY B 1 14.01 -19.31 33.91
CA GLY B 1 14.25 -18.65 32.61
C GLY B 1 12.95 -18.43 31.84
N SER B 2 13.06 -18.00 30.58
CA SER B 2 11.94 -17.75 29.67
C SER B 2 11.08 -19.00 29.39
N HIS B 3 9.80 -18.80 29.07
CA HIS B 3 8.81 -19.87 28.86
C HIS B 3 7.87 -19.65 27.65
N MET B 4 7.77 -18.42 27.13
CA MET B 4 6.93 -18.05 25.99
C MET B 4 7.55 -16.90 25.18
N ASN B 5 7.39 -16.94 23.85
CA ASN B 5 7.81 -15.92 22.89
C ASN B 5 6.94 -15.95 21.62
N THR B 6 7.12 -14.98 20.71
CA THR B 6 6.44 -14.88 19.42
C THR B 6 7.38 -14.41 18.29
N GLU B 7 7.05 -14.75 17.04
CA GLU B 7 7.84 -14.45 15.85
C GLU B 7 7.61 -13.03 15.28
N ASN B 8 6.50 -12.38 15.67
CA ASN B 8 6.05 -11.08 15.16
C ASN B 8 5.19 -10.33 16.21
N LYS B 9 5.09 -9.00 16.08
CA LYS B 9 4.20 -8.13 16.87
C LYS B 9 3.66 -6.97 16.04
N SER B 10 2.60 -7.24 15.29
CA SER B 10 1.83 -6.28 14.49
C SER B 10 0.32 -6.56 14.52
N GLN B 11 -0.45 -5.48 14.42
CA GLN B 11 -1.91 -5.50 14.22
C GLN B 11 -2.26 -5.38 12.72
N PRO B 12 -1.76 -4.35 12.00
CA PRO B 12 -2.12 -4.10 10.61
C PRO B 12 -1.37 -4.97 9.59
N LYS B 13 -1.71 -4.73 8.31
CA LYS B 13 -1.11 -5.38 7.13
C LYS B 13 -0.91 -4.35 6.00
N ARG B 14 0.21 -4.46 5.25
CA ARG B 14 0.46 -3.65 4.04
C ARG B 14 0.07 -4.42 2.79
N LEU B 15 -0.34 -3.67 1.77
CA LEU B 15 -1.00 -4.17 0.58
C LEU B 15 -0.49 -3.48 -0.69
N HIS B 16 0.31 -4.20 -1.47
CA HIS B 16 0.72 -3.81 -2.83
C HIS B 16 -0.46 -3.85 -3.79
N VAL B 17 -0.43 -2.96 -4.78
CA VAL B 17 -1.34 -2.98 -5.94
C VAL B 17 -0.55 -2.67 -7.19
N SER B 18 -0.95 -3.26 -8.33
CA SER B 18 -0.24 -3.13 -9.60
C SER B 18 -1.18 -2.88 -10.78
N ASN B 19 -0.78 -1.97 -11.66
CA ASN B 19 -1.32 -1.62 -13.00
C ASN B 19 -2.21 -0.35 -12.99
N ILE B 20 -2.22 0.42 -11.90
CA ILE B 20 -3.12 1.58 -11.74
C ILE B 20 -2.75 2.75 -12.69
N PRO B 21 -3.63 3.73 -12.96
CA PRO B 21 -3.30 4.91 -13.74
C PRO B 21 -2.01 5.64 -13.34
N PHE B 22 -1.30 6.13 -14.36
CA PHE B 22 -0.17 7.06 -14.22
C PHE B 22 -0.51 8.35 -13.44
N ARG B 23 -1.81 8.70 -13.32
CA ARG B 23 -2.29 9.98 -12.74
C ARG B 23 -3.15 9.81 -11.48
N PHE B 24 -3.19 8.61 -10.90
CA PHE B 24 -3.77 8.36 -9.58
C PHE B 24 -3.06 9.16 -8.47
N ARG B 25 -3.73 9.26 -7.31
CA ARG B 25 -3.21 9.88 -6.07
C ARG B 25 -3.56 9.01 -4.86
N ASP B 26 -2.91 9.23 -3.73
CA ASP B 26 -3.18 8.52 -2.48
C ASP B 26 -4.66 8.52 -2.05
N PRO B 27 -5.44 9.61 -2.19
CA PRO B 27 -6.90 9.58 -1.97
C PRO B 27 -7.65 8.88 -3.11
N ASP B 28 -7.13 8.92 -4.35
CA ASP B 28 -7.69 8.16 -5.48
C ASP B 28 -7.59 6.64 -5.23
N LEU B 29 -6.49 6.19 -4.60
CA LEU B 29 -6.36 4.82 -4.09
C LEU B 29 -7.32 4.55 -2.92
N ARG B 30 -7.25 5.33 -1.83
CA ARG B 30 -7.97 5.01 -0.59
C ARG B 30 -9.50 4.95 -0.74
N GLN B 31 -10.06 5.71 -1.68
CA GLN B 31 -11.48 5.67 -2.05
C GLN B 31 -11.92 4.27 -2.51
N MET B 32 -11.09 3.56 -3.27
CA MET B 32 -11.36 2.20 -3.76
C MET B 32 -11.20 1.13 -2.67
N PHE B 33 -10.21 1.28 -1.79
CA PHE B 33 -9.82 0.27 -0.81
C PHE B 33 -10.54 0.39 0.55
N GLY B 34 -10.87 1.61 0.99
CA GLY B 34 -11.47 1.89 2.30
C GLY B 34 -12.89 1.36 2.50
N GLN B 35 -13.59 0.98 1.43
CA GLN B 35 -14.90 0.30 1.53
C GLN B 35 -14.83 -1.12 2.15
N PHE B 36 -13.63 -1.69 2.32
CA PHE B 36 -13.40 -3.04 2.86
C PHE B 36 -12.61 -3.07 4.19
N GLY B 37 -12.10 -1.92 4.65
CA GLY B 37 -11.42 -1.76 5.94
C GLY B 37 -10.78 -0.38 6.10
N LYS B 38 -10.48 0.04 7.34
CA LYS B 38 -9.87 1.35 7.62
C LYS B 38 -8.43 1.43 7.07
N ILE B 39 -8.15 2.39 6.18
CA ILE B 39 -6.79 2.72 5.75
C ILE B 39 -5.99 3.39 6.89
N LEU B 40 -4.71 3.04 7.00
CA LEU B 40 -3.74 3.56 7.98
C LEU B 40 -2.57 4.33 7.32
N ASP B 41 -2.22 3.99 6.07
CA ASP B 41 -1.17 4.61 5.24
C ASP B 41 -1.43 4.27 3.76
N VAL B 42 -0.88 5.07 2.83
CA VAL B 42 -0.96 4.86 1.37
C VAL B 42 0.33 5.36 0.71
N GLU B 43 0.72 4.78 -0.43
CA GLU B 43 1.88 5.20 -1.22
C GLU B 43 1.69 4.98 -2.73
N ILE B 44 2.34 5.81 -3.55
CA ILE B 44 2.47 5.64 -5.02
C ILE B 44 3.95 5.83 -5.37
N ILE B 45 4.49 4.86 -6.12
CA ILE B 45 5.91 4.67 -6.40
C ILE B 45 6.19 5.26 -7.77
N PHE B 46 7.10 6.24 -7.90
CA PHE B 46 7.46 6.79 -9.23
C PHE B 46 8.82 7.46 -9.33
N ASN B 47 9.17 7.73 -10.58
CA ASN B 47 10.49 8.16 -11.04
C ASN B 47 10.47 9.53 -11.73
N GLU B 48 9.45 9.74 -12.54
CA GLU B 48 9.06 11.03 -13.11
C GLU B 48 7.54 11.05 -13.11
N ARG B 49 7.02 10.11 -13.87
CA ARG B 49 5.65 10.01 -14.43
C ARG B 49 4.41 10.35 -13.59
N GLY B 50 4.44 10.23 -12.26
CA GLY B 50 3.26 10.33 -11.38
C GLY B 50 2.77 8.98 -10.82
N SER B 51 3.27 7.93 -11.44
CA SER B 51 3.23 6.52 -11.05
C SER B 51 4.13 5.72 -11.98
N LYS B 52 4.97 4.81 -11.46
CA LYS B 52 5.62 3.75 -12.27
C LYS B 52 4.65 2.61 -12.57
N GLY B 53 3.44 2.73 -12.04
CA GLY B 53 2.28 1.95 -12.34
C GLY B 53 1.71 1.13 -11.17
N PHE B 54 2.39 1.13 -10.02
CA PHE B 54 2.00 0.36 -8.84
C PHE B 54 1.92 1.26 -7.60
N GLY B 55 1.30 0.76 -6.53
CA GLY B 55 1.04 1.48 -5.29
C GLY B 55 1.07 0.57 -4.07
N PHE B 56 0.94 1.16 -2.88
CA PHE B 56 0.72 0.44 -1.63
C PHE B 56 -0.33 1.11 -0.74
N VAL B 57 -0.86 0.34 0.19
CA VAL B 57 -1.87 0.70 1.17
C VAL B 57 -1.55 -0.01 2.50
N THR B 58 -2.02 0.49 3.64
CA THR B 58 -2.00 -0.22 4.93
C THR B 58 -3.41 -0.30 5.52
N PHE B 59 -3.74 -1.44 6.12
CA PHE B 59 -5.07 -1.83 6.56
C PHE B 59 -5.07 -2.19 8.04
N GLU B 60 -6.16 -1.85 8.74
CA GLU B 60 -6.38 -2.06 10.18
C GLU B 60 -5.91 -3.44 10.70
N ASN B 61 -6.22 -4.50 9.96
CA ASN B 61 -5.77 -5.87 10.18
C ASN B 61 -5.82 -6.74 8.91
N SER B 62 -5.07 -7.84 8.88
CA SER B 62 -5.06 -8.83 7.77
C SER B 62 -6.44 -9.34 7.37
N ALA B 63 -7.34 -9.54 8.34
CA ALA B 63 -8.73 -9.99 8.15
C ALA B 63 -9.65 -8.99 7.41
N ASP B 64 -9.17 -7.78 7.09
CA ASP B 64 -9.84 -6.80 6.23
C ASP B 64 -9.02 -6.53 4.95
N ALA B 65 -7.68 -6.60 5.06
CA ALA B 65 -6.77 -6.55 3.92
C ALA B 65 -7.05 -7.67 2.90
N ASP B 66 -7.18 -8.93 3.34
CA ASP B 66 -7.51 -10.04 2.45
C ASP B 66 -8.91 -9.92 1.83
N ARG B 67 -9.88 -9.29 2.50
CA ARG B 67 -11.17 -8.93 1.91
C ARG B 67 -11.03 -7.89 0.79
N ALA B 68 -10.13 -6.91 0.93
CA ALA B 68 -9.81 -6.00 -0.17
C ALA B 68 -9.15 -6.75 -1.33
N ARG B 69 -8.22 -7.67 -1.07
CA ARG B 69 -7.55 -8.44 -2.14
C ARG B 69 -8.54 -9.26 -2.95
N GLU B 70 -9.43 -10.05 -2.33
CA GLU B 70 -10.38 -10.87 -3.09
C GLU B 70 -11.36 -10.02 -3.93
N LYS B 71 -11.63 -8.77 -3.51
CA LYS B 71 -12.53 -7.82 -4.18
C LYS B 71 -11.85 -7.03 -5.30
N LEU B 72 -10.59 -6.57 -5.12
CA LEU B 72 -9.89 -5.72 -6.08
C LEU B 72 -8.87 -6.46 -6.97
N HIS B 73 -8.27 -7.57 -6.53
CA HIS B 73 -7.43 -8.41 -7.40
C HIS B 73 -8.23 -8.98 -8.58
N GLY B 74 -7.80 -8.68 -9.82
CA GLY B 74 -8.50 -9.09 -11.05
C GLY B 74 -9.77 -8.29 -11.37
N THR B 75 -9.99 -7.18 -10.66
CA THR B 75 -11.03 -6.16 -10.93
C THR B 75 -10.36 -4.96 -11.59
N VAL B 76 -11.13 -4.05 -12.22
CA VAL B 76 -10.59 -2.99 -13.07
C VAL B 76 -11.01 -1.59 -12.63
N VAL B 77 -10.13 -0.62 -12.91
CA VAL B 77 -10.20 0.77 -12.46
C VAL B 77 -9.69 1.69 -13.58
N GLU B 78 -10.50 2.66 -14.00
CA GLU B 78 -10.30 3.49 -15.22
C GLU B 78 -9.78 2.69 -16.44
N GLY B 79 -10.35 1.49 -16.62
CA GLY B 79 -10.06 0.55 -17.71
C GLY B 79 -8.91 -0.43 -17.47
N ARG B 80 -8.08 -0.22 -16.44
CA ARG B 80 -6.92 -1.06 -16.09
C ARG B 80 -7.33 -2.13 -15.09
N LYS B 81 -7.23 -3.42 -15.45
CA LYS B 81 -7.34 -4.54 -14.49
C LYS B 81 -6.10 -4.56 -13.61
N ILE B 82 -6.26 -4.69 -12.30
CA ILE B 82 -5.21 -4.50 -11.29
C ILE B 82 -4.92 -5.76 -10.47
N GLU B 83 -3.66 -5.91 -10.06
CA GLU B 83 -3.23 -6.92 -9.09
C GLU B 83 -3.30 -6.34 -7.67
N VAL B 84 -3.51 -7.17 -6.65
CA VAL B 84 -3.49 -6.78 -5.23
C VAL B 84 -2.85 -7.89 -4.38
N ASN B 85 -1.85 -7.52 -3.59
CA ASN B 85 -0.94 -8.44 -2.90
C ASN B 85 -0.50 -7.93 -1.54
N ASN B 86 0.18 -8.76 -0.73
CA ASN B 86 0.91 -8.24 0.42
C ASN B 86 2.11 -7.41 -0.07
N ALA B 87 2.52 -6.39 0.68
CA ALA B 87 3.80 -5.73 0.38
C ALA B 87 4.97 -6.61 0.85
N THR B 88 6.12 -6.53 0.18
CA THR B 88 7.33 -7.36 0.41
C THR B 88 8.57 -6.47 0.64
N ALA B 89 9.81 -6.97 0.63
CA ALA B 89 11.01 -6.14 0.95
C ALA B 89 11.25 -4.95 -0.01
N ARG B 90 11.56 -3.75 0.55
CA ARG B 90 11.82 -2.44 -0.13
C ARG B 90 13.20 -2.31 -0.83
N VAL B 91 13.35 -1.25 -1.63
CA VAL B 91 14.64 -0.79 -2.18
C VAL B 91 15.52 -0.19 -1.07
N MET B 92 15.03 0.81 -0.31
CA MET B 92 15.79 1.37 0.83
C MET B 92 15.02 2.16 1.90
N THR B 93 13.85 2.76 1.63
CA THR B 93 13.24 3.71 2.60
C THR B 93 12.91 3.07 3.95
N ASN B 94 13.17 3.82 5.03
CA ASN B 94 12.98 3.38 6.42
C ASN B 94 12.34 4.45 7.36
N LYS B 95 12.15 5.69 6.88
CA LYS B 95 11.51 6.81 7.60
C LYS B 95 10.55 7.58 6.67
N LYS B 96 9.65 8.39 7.24
CA LYS B 96 8.57 9.10 6.53
C LYS B 96 8.32 10.53 7.06
N THR B 97 9.42 11.24 7.35
CA THR B 97 9.52 12.64 7.82
C THR B 97 8.61 13.02 9.02
N VAL B 98 8.47 14.32 9.30
CA VAL B 98 7.78 14.91 10.46
C VAL B 98 7.07 16.23 10.08
N ASN B 99 6.17 16.73 10.94
CA ASN B 99 5.27 17.87 10.66
C ASN B 99 5.22 18.83 11.87
N PRO B 100 4.66 20.06 11.73
CA PRO B 100 4.80 21.11 12.76
C PRO B 100 4.18 20.81 14.13
N TYR B 101 3.15 19.96 14.22
CA TYR B 101 2.33 19.76 15.42
C TYR B 101 1.91 18.30 15.67
N THR B 102 2.53 17.33 15.00
CA THR B 102 2.00 15.95 14.90
C THR B 102 3.01 14.84 15.19
N ASN B 103 2.49 13.65 15.46
CA ASN B 103 3.24 12.40 15.71
C ASN B 103 2.36 11.17 15.35
N GLY B 104 2.98 9.99 15.24
CA GLY B 104 2.33 8.71 14.92
C GLY B 104 3.27 7.52 15.05
N GLY B 1 23.37 -17.51 5.15
CA GLY B 1 22.79 -17.69 6.51
C GLY B 1 21.59 -18.62 6.50
N SER B 2 21.00 -18.86 7.68
CA SER B 2 19.89 -19.82 7.90
C SER B 2 18.80 -19.34 8.87
N HIS B 3 18.84 -18.05 9.28
CA HIS B 3 17.87 -17.42 10.18
C HIS B 3 17.62 -15.95 9.80
N MET B 4 16.53 -15.38 10.34
CA MET B 4 16.06 -14.01 10.05
C MET B 4 15.58 -13.31 11.34
N ASN B 5 15.43 -11.98 11.27
CA ASN B 5 14.96 -11.12 12.37
C ASN B 5 14.07 -9.97 11.85
N THR B 6 13.31 -10.25 10.78
CA THR B 6 12.55 -9.29 9.97
C THR B 6 11.14 -9.81 9.61
N GLU B 7 10.55 -10.50 10.58
CA GLU B 7 9.29 -11.25 10.47
C GLU B 7 8.32 -10.96 11.65
N ASN B 8 8.60 -9.90 12.41
CA ASN B 8 7.90 -9.53 13.65
C ASN B 8 6.40 -9.24 13.42
N LYS B 9 5.57 -9.53 14.44
CA LYS B 9 4.11 -9.34 14.45
C LYS B 9 3.69 -7.87 14.25
N SER B 10 2.55 -7.68 13.59
CA SER B 10 1.88 -6.38 13.41
C SER B 10 0.37 -6.50 13.65
N GLN B 11 -0.22 -5.47 14.27
CA GLN B 11 -1.67 -5.31 14.40
C GLN B 11 -2.34 -5.11 13.01
N PRO B 12 -1.91 -4.12 12.21
CA PRO B 12 -2.37 -3.93 10.84
C PRO B 12 -1.71 -4.89 9.85
N LYS B 13 -2.07 -4.73 8.58
CA LYS B 13 -1.53 -5.44 7.42
C LYS B 13 -1.18 -4.44 6.31
N ARG B 14 -0.11 -4.69 5.55
CA ARG B 14 0.30 -3.88 4.40
C ARG B 14 0.05 -4.65 3.10
N LEU B 15 -0.21 -3.90 2.03
CA LEU B 15 -0.75 -4.41 0.78
C LEU B 15 -0.16 -3.66 -0.42
N HIS B 16 0.42 -4.40 -1.36
CA HIS B 16 0.84 -3.93 -2.69
C HIS B 16 -0.37 -3.88 -3.63
N VAL B 17 -0.34 -2.94 -4.57
CA VAL B 17 -1.28 -2.86 -5.69
C VAL B 17 -0.54 -2.50 -6.96
N SER B 18 -1.04 -2.94 -8.12
CA SER B 18 -0.35 -2.81 -9.42
C SER B 18 -1.27 -2.33 -10.54
N ASN B 19 -0.69 -1.97 -11.68
CA ASN B 19 -1.33 -1.57 -12.94
C ASN B 19 -2.26 -0.32 -12.90
N ILE B 20 -2.18 0.52 -11.87
CA ILE B 20 -3.10 1.66 -11.67
C ILE B 20 -2.75 2.87 -12.56
N PRO B 21 -3.64 3.87 -12.78
CA PRO B 21 -3.31 5.12 -13.47
C PRO B 21 -2.05 5.85 -13.00
N PHE B 22 -1.38 6.52 -13.96
CA PHE B 22 -0.28 7.44 -13.69
C PHE B 22 -0.70 8.69 -12.90
N ARG B 23 -2.00 9.05 -12.93
CA ARG B 23 -2.55 10.25 -12.24
C ARG B 23 -3.36 9.92 -10.98
N PHE B 24 -3.43 8.65 -10.60
CA PHE B 24 -3.93 8.25 -9.27
C PHE B 24 -2.97 8.80 -8.20
N ARG B 25 -3.51 9.35 -7.11
CA ARG B 25 -2.74 9.75 -5.92
C ARG B 25 -3.22 8.96 -4.71
N ASP B 26 -2.61 9.15 -3.55
CA ASP B 26 -2.99 8.50 -2.32
C ASP B 26 -4.50 8.61 -1.99
N PRO B 27 -5.18 9.77 -2.21
CA PRO B 27 -6.63 9.91 -2.15
C PRO B 27 -7.38 8.99 -3.12
N ASP B 28 -6.88 8.81 -4.35
CA ASP B 28 -7.50 7.91 -5.33
C ASP B 28 -7.44 6.45 -4.87
N LEU B 29 -6.29 6.04 -4.31
CA LEU B 29 -6.13 4.71 -3.73
C LEU B 29 -7.04 4.49 -2.50
N ARG B 30 -6.99 5.32 -1.46
CA ARG B 30 -7.78 5.07 -0.24
C ARG B 30 -9.30 5.09 -0.46
N GLN B 31 -9.80 5.83 -1.46
CA GLN B 31 -11.22 5.76 -1.85
C GLN B 31 -11.61 4.41 -2.47
N MET B 32 -10.77 3.83 -3.35
CA MET B 32 -11.01 2.52 -3.95
C MET B 32 -10.86 1.36 -2.97
N PHE B 33 -9.87 1.43 -2.08
CA PHE B 33 -9.52 0.35 -1.15
C PHE B 33 -10.25 0.42 0.20
N GLY B 34 -10.58 1.62 0.68
CA GLY B 34 -11.20 1.85 2.01
C GLY B 34 -12.61 1.32 2.19
N GLN B 35 -13.34 1.05 1.10
CA GLN B 35 -14.68 0.44 1.14
C GLN B 35 -14.71 -0.99 1.72
N PHE B 36 -13.53 -1.63 1.92
CA PHE B 36 -13.38 -3.00 2.43
C PHE B 36 -12.63 -3.09 3.77
N GLY B 37 -12.11 -1.98 4.28
CA GLY B 37 -11.45 -1.86 5.59
C GLY B 37 -10.72 -0.51 5.73
N LYS B 38 -10.61 0.02 6.95
CA LYS B 38 -10.05 1.34 7.22
C LYS B 38 -8.56 1.42 6.84
N ILE B 39 -8.21 2.38 5.97
CA ILE B 39 -6.82 2.73 5.66
C ILE B 39 -6.15 3.40 6.86
N LEU B 40 -4.90 3.01 7.13
CA LEU B 40 -4.01 3.58 8.14
C LEU B 40 -2.82 4.34 7.51
N ASP B 41 -2.40 3.97 6.30
CA ASP B 41 -1.34 4.63 5.52
C ASP B 41 -1.42 4.26 4.02
N VAL B 42 -0.78 5.05 3.16
CA VAL B 42 -0.70 4.85 1.69
C VAL B 42 0.65 5.34 1.16
N GLU B 43 1.20 4.71 0.11
CA GLU B 43 2.37 5.17 -0.63
C GLU B 43 2.20 4.91 -2.14
N ILE B 44 2.78 5.78 -2.98
CA ILE B 44 2.87 5.58 -4.44
C ILE B 44 4.32 5.72 -4.84
N ILE B 45 4.75 4.75 -5.63
CA ILE B 45 6.13 4.54 -6.05
C ILE B 45 6.24 5.27 -7.38
N PHE B 46 7.22 6.14 -7.51
CA PHE B 46 7.39 7.08 -8.62
C PHE B 46 8.64 6.76 -9.42
N ASN B 47 8.87 7.61 -10.42
CA ASN B 47 10.13 7.78 -11.13
C ASN B 47 10.07 9.16 -11.78
N GLU B 48 9.18 9.30 -12.77
CA GLU B 48 8.97 10.51 -13.55
C GLU B 48 7.63 10.54 -14.28
N ARG B 49 6.57 9.86 -13.80
CA ARG B 49 5.18 9.99 -14.30
C ARG B 49 4.07 10.21 -13.27
N GLY B 50 4.39 10.32 -11.98
CA GLY B 50 3.35 10.36 -10.92
C GLY B 50 3.03 9.01 -10.32
N SER B 51 3.69 8.00 -10.87
CA SER B 51 3.68 6.60 -10.49
C SER B 51 4.86 5.93 -11.21
N LYS B 52 5.10 4.67 -10.85
CA LYS B 52 5.92 3.65 -11.53
C LYS B 52 5.02 2.47 -11.92
N GLY B 53 3.73 2.76 -11.94
CA GLY B 53 2.64 1.92 -12.35
C GLY B 53 1.87 1.30 -11.16
N PHE B 54 2.40 1.40 -9.94
CA PHE B 54 1.94 0.64 -8.78
C PHE B 54 1.92 1.48 -7.48
N GLY B 55 1.37 0.92 -6.40
CA GLY B 55 1.21 1.57 -5.10
C GLY B 55 1.23 0.60 -3.92
N PHE B 56 1.12 1.13 -2.70
CA PHE B 56 0.92 0.36 -1.48
C PHE B 56 -0.09 1.05 -0.54
N VAL B 57 -0.68 0.24 0.34
CA VAL B 57 -1.74 0.62 1.29
C VAL B 57 -1.50 -0.14 2.61
N THR B 58 -1.92 0.43 3.74
CA THR B 58 -1.97 -0.26 5.04
C THR B 58 -3.41 -0.29 5.57
N PHE B 59 -3.84 -1.44 6.07
CA PHE B 59 -5.20 -1.81 6.47
C PHE B 59 -5.24 -2.15 7.97
N GLU B 60 -6.33 -1.79 8.64
CA GLU B 60 -6.51 -1.94 10.09
C GLU B 60 -6.18 -3.33 10.68
N ASN B 61 -6.37 -4.41 9.91
CA ASN B 61 -5.91 -5.77 10.19
C ASN B 61 -5.98 -6.67 8.94
N SER B 62 -5.30 -7.81 8.97
CA SER B 62 -5.16 -8.74 7.84
C SER B 62 -6.50 -9.29 7.33
N ALA B 63 -7.45 -9.58 8.22
CA ALA B 63 -8.76 -10.13 7.84
C ALA B 63 -9.64 -9.16 7.05
N ASP B 64 -9.35 -7.84 7.06
CA ASP B 64 -10.06 -6.84 6.26
C ASP B 64 -9.24 -6.45 5.01
N ALA B 65 -7.90 -6.53 5.09
CA ALA B 65 -7.02 -6.46 3.93
C ALA B 65 -7.35 -7.56 2.90
N ASP B 66 -7.60 -8.78 3.38
CA ASP B 66 -8.03 -9.93 2.55
C ASP B 66 -9.32 -9.65 1.76
N ARG B 67 -10.32 -8.98 2.38
CA ARG B 67 -11.54 -8.54 1.68
C ARG B 67 -11.24 -7.59 0.51
N ALA B 68 -10.30 -6.67 0.69
CA ALA B 68 -9.90 -5.78 -0.41
C ALA B 68 -9.23 -6.56 -1.53
N ARG B 69 -8.31 -7.48 -1.21
CA ARG B 69 -7.61 -8.27 -2.20
C ARG B 69 -8.55 -9.15 -3.03
N GLU B 70 -9.49 -9.87 -2.40
CA GLU B 70 -10.42 -10.72 -3.16
C GLU B 70 -11.35 -9.90 -4.09
N LYS B 71 -11.60 -8.63 -3.75
CA LYS B 71 -12.45 -7.70 -4.52
C LYS B 71 -11.70 -6.98 -5.64
N LEU B 72 -10.47 -6.53 -5.40
CA LEU B 72 -9.69 -5.72 -6.34
C LEU B 72 -8.62 -6.49 -7.14
N HIS B 73 -8.06 -7.57 -6.62
CA HIS B 73 -7.09 -8.39 -7.37
C HIS B 73 -7.72 -9.02 -8.63
N GLY B 74 -7.29 -8.58 -9.81
CA GLY B 74 -7.83 -9.01 -11.11
C GLY B 74 -9.11 -8.28 -11.55
N THR B 75 -9.47 -7.19 -10.88
CA THR B 75 -10.54 -6.25 -11.27
C THR B 75 -9.88 -5.09 -12.04
N VAL B 76 -10.63 -4.30 -12.82
CA VAL B 76 -10.06 -3.30 -13.72
C VAL B 76 -10.56 -1.89 -13.46
N VAL B 77 -9.70 -0.91 -13.73
CA VAL B 77 -9.92 0.51 -13.43
C VAL B 77 -9.39 1.38 -14.58
N GLU B 78 -10.23 2.28 -15.10
CA GLU B 78 -10.02 3.04 -16.34
C GLU B 78 -9.49 2.19 -17.53
N GLY B 79 -9.84 0.90 -17.54
CA GLY B 79 -9.47 -0.10 -18.55
C GLY B 79 -8.32 -1.04 -18.16
N ARG B 80 -7.59 -0.80 -17.06
CA ARG B 80 -6.39 -1.53 -16.67
C ARG B 80 -6.65 -2.46 -15.48
N LYS B 81 -6.43 -3.76 -15.66
CA LYS B 81 -6.61 -4.83 -14.66
C LYS B 81 -5.52 -4.78 -13.58
N ILE B 82 -5.88 -4.32 -12.38
CA ILE B 82 -4.98 -4.12 -11.23
C ILE B 82 -4.68 -5.43 -10.51
N GLU B 83 -3.48 -5.52 -9.92
CA GLU B 83 -3.14 -6.61 -8.99
C GLU B 83 -3.25 -6.10 -7.56
N VAL B 84 -3.42 -7.00 -6.60
CA VAL B 84 -3.34 -6.72 -5.15
C VAL B 84 -2.65 -7.87 -4.45
N ASN B 85 -1.72 -7.55 -3.55
CA ASN B 85 -0.77 -8.50 -2.97
C ASN B 85 -0.32 -8.08 -1.56
N ASN B 86 0.39 -8.96 -0.84
CA ASN B 86 1.14 -8.56 0.35
C ASN B 86 2.39 -7.77 -0.10
N ALA B 87 2.81 -6.76 0.65
CA ALA B 87 3.99 -5.98 0.30
C ALA B 87 5.29 -6.61 0.85
N THR B 88 6.32 -6.72 0.01
CA THR B 88 7.56 -7.48 0.21
C THR B 88 8.77 -6.56 0.51
N ALA B 89 10.03 -7.01 0.44
CA ALA B 89 11.22 -6.21 0.81
C ALA B 89 11.48 -4.94 -0.07
N ARG B 90 11.84 -3.81 0.58
CA ARG B 90 12.10 -2.45 0.02
C ARG B 90 13.46 -2.24 -0.68
N VAL B 91 13.57 -1.14 -1.43
CA VAL B 91 14.83 -0.52 -1.94
C VAL B 91 15.59 0.07 -0.72
N MET B 92 16.91 0.31 -0.85
CA MET B 92 17.81 0.80 0.22
C MET B 92 17.46 2.14 0.91
N THR B 93 16.48 2.91 0.41
CA THR B 93 16.18 4.28 0.86
C THR B 93 15.92 4.39 2.37
N ASN B 94 16.59 5.34 3.03
CA ASN B 94 16.55 5.55 4.48
C ASN B 94 15.96 6.91 4.93
N LYS B 95 15.69 7.85 4.00
CA LYS B 95 15.02 9.14 4.31
C LYS B 95 13.57 8.92 4.77
N LYS B 96 13.08 9.78 5.68
CA LYS B 96 11.76 9.67 6.32
C LYS B 96 10.94 10.98 6.33
N THR B 97 11.61 12.13 6.31
CA THR B 97 11.04 13.51 6.27
C THR B 97 10.17 13.88 7.50
N VAL B 98 9.93 15.18 7.70
CA VAL B 98 9.16 15.76 8.82
C VAL B 98 8.48 17.07 8.38
N ASN B 99 7.53 17.60 9.17
CA ASN B 99 6.74 18.79 8.83
C ASN B 99 6.63 19.75 10.04
N PRO B 100 6.62 21.09 9.85
CA PRO B 100 6.40 22.06 10.94
C PRO B 100 5.10 21.88 11.75
N TYR B 101 4.09 21.28 11.14
CA TYR B 101 2.72 21.09 11.65
C TYR B 101 2.65 20.01 12.77
N THR B 102 3.70 19.22 12.98
CA THR B 102 3.74 18.09 13.93
C THR B 102 3.58 18.47 15.41
N ASN B 103 3.73 19.75 15.76
CA ASN B 103 3.45 20.27 17.09
C ASN B 103 2.95 21.74 17.04
N GLY B 104 2.33 22.21 18.13
CA GLY B 104 1.79 23.57 18.30
C GLY B 104 1.20 23.81 19.69
N GLY B 1 13.60 -22.23 6.37
CA GLY B 1 13.73 -21.33 5.19
C GLY B 1 14.06 -19.91 5.62
N SER B 2 14.97 -19.25 4.89
CA SER B 2 15.46 -17.88 5.16
C SER B 2 14.40 -16.76 5.10
N HIS B 3 13.21 -17.05 4.52
CA HIS B 3 12.04 -16.16 4.48
C HIS B 3 10.79 -16.83 5.11
N MET B 4 11.01 -17.84 5.97
CA MET B 4 9.98 -18.62 6.68
C MET B 4 10.42 -18.89 8.14
N ASN B 5 10.96 -17.87 8.80
CA ASN B 5 11.56 -17.90 10.14
C ASN B 5 10.94 -16.82 11.06
N THR B 6 9.62 -16.90 11.26
CA THR B 6 8.81 -16.06 12.17
C THR B 6 9.00 -14.55 11.94
N GLU B 7 8.82 -14.12 10.69
CA GLU B 7 8.87 -12.71 10.26
C GLU B 7 7.80 -11.81 10.93
N ASN B 8 6.75 -12.39 11.52
CA ASN B 8 5.64 -11.70 12.19
C ASN B 8 6.12 -10.75 13.31
N LYS B 9 5.99 -9.45 13.09
CA LYS B 9 6.23 -8.36 14.07
C LYS B 9 5.31 -7.16 13.81
N SER B 10 4.01 -7.43 13.76
CA SER B 10 2.99 -6.46 13.31
C SER B 10 1.62 -6.63 13.97
N GLN B 11 0.75 -5.65 13.71
CA GLN B 11 -0.66 -5.58 14.13
C GLN B 11 -1.56 -5.31 12.92
N PRO B 12 -1.31 -4.24 12.12
CA PRO B 12 -1.95 -4.03 10.83
C PRO B 12 -1.43 -4.98 9.74
N LYS B 13 -1.95 -4.80 8.52
CA LYS B 13 -1.53 -5.52 7.31
C LYS B 13 -1.36 -4.56 6.14
N ARG B 14 -0.42 -4.83 5.23
CA ARG B 14 -0.05 -3.95 4.11
C ARG B 14 -0.08 -4.70 2.78
N LEU B 15 -0.64 -4.03 1.78
CA LEU B 15 -0.99 -4.52 0.46
C LEU B 15 -0.18 -3.78 -0.61
N HIS B 16 0.07 -4.46 -1.72
CA HIS B 16 0.65 -3.92 -2.97
C HIS B 16 -0.44 -3.95 -4.04
N VAL B 17 -0.42 -3.00 -4.99
CA VAL B 17 -1.24 -3.02 -6.20
C VAL B 17 -0.40 -2.72 -7.42
N SER B 18 -0.62 -3.44 -8.52
CA SER B 18 0.18 -3.34 -9.74
C SER B 18 -0.73 -3.16 -10.96
N ASN B 19 -0.49 -2.10 -11.75
CA ASN B 19 -1.06 -1.78 -13.09
C ASN B 19 -2.08 -0.61 -13.06
N ILE B 20 -2.22 0.08 -11.92
CA ILE B 20 -3.06 1.29 -11.75
C ILE B 20 -2.69 2.43 -12.72
N PRO B 21 -3.59 3.37 -13.07
CA PRO B 21 -3.26 4.58 -13.85
C PRO B 21 -2.10 5.42 -13.30
N PHE B 22 -1.42 6.09 -14.23
CA PHE B 22 -0.40 7.11 -13.94
C PHE B 22 -0.95 8.38 -13.25
N ARG B 23 -2.27 8.47 -13.06
CA ARG B 23 -2.95 9.63 -12.44
C ARG B 23 -3.74 9.30 -11.16
N PHE B 24 -3.59 8.11 -10.59
CA PHE B 24 -4.07 7.84 -9.22
C PHE B 24 -3.29 8.70 -8.20
N ARG B 25 -3.89 8.97 -7.03
CA ARG B 25 -3.23 9.64 -5.89
C ARG B 25 -3.49 8.85 -4.61
N ASP B 26 -2.77 9.16 -3.52
CA ASP B 26 -3.02 8.65 -2.17
C ASP B 26 -4.54 8.58 -1.81
N PRO B 27 -5.30 9.69 -1.91
CA PRO B 27 -6.75 9.70 -1.66
C PRO B 27 -7.50 8.82 -2.67
N ASP B 28 -7.10 8.84 -3.93
CA ASP B 28 -7.70 8.02 -5.00
C ASP B 28 -7.50 6.51 -4.78
N LEU B 29 -6.39 6.10 -4.15
CA LEU B 29 -6.18 4.73 -3.71
C LEU B 29 -7.07 4.36 -2.52
N ARG B 30 -7.03 5.10 -1.38
CA ARG B 30 -7.84 4.74 -0.21
C ARG B 30 -9.35 4.83 -0.44
N GLN B 31 -9.79 5.66 -1.39
CA GLN B 31 -11.15 5.73 -1.90
C GLN B 31 -11.66 4.37 -2.44
N MET B 32 -10.81 3.59 -3.12
CA MET B 32 -11.13 2.27 -3.63
C MET B 32 -11.12 1.19 -2.54
N PHE B 33 -10.16 1.24 -1.61
CA PHE B 33 -9.92 0.20 -0.61
C PHE B 33 -10.77 0.37 0.67
N GLY B 34 -11.06 1.60 1.10
CA GLY B 34 -11.67 1.92 2.39
C GLY B 34 -13.10 1.39 2.61
N GLN B 35 -13.81 1.01 1.54
CA GLN B 35 -15.10 0.31 1.63
C GLN B 35 -15.02 -1.08 2.31
N PHE B 36 -13.82 -1.64 2.49
CA PHE B 36 -13.59 -2.96 3.09
C PHE B 36 -12.89 -2.91 4.48
N GLY B 37 -12.42 -1.74 4.92
CA GLY B 37 -11.77 -1.54 6.23
C GLY B 37 -11.01 -0.21 6.30
N LYS B 38 -10.66 0.23 7.52
CA LYS B 38 -9.95 1.50 7.76
C LYS B 38 -8.51 1.48 7.21
N ILE B 39 -8.20 2.40 6.30
CA ILE B 39 -6.80 2.66 5.86
C ILE B 39 -6.01 3.34 6.98
N LEU B 40 -4.74 2.94 7.13
CA LEU B 40 -3.75 3.49 8.07
C LEU B 40 -2.59 4.21 7.37
N ASP B 41 -2.25 3.84 6.13
CA ASP B 41 -1.20 4.46 5.29
C ASP B 41 -1.40 4.10 3.80
N VAL B 42 -0.82 4.88 2.89
CA VAL B 42 -0.86 4.67 1.43
C VAL B 42 0.45 5.17 0.80
N GLU B 43 0.93 4.53 -0.27
CA GLU B 43 2.09 4.96 -1.06
C GLU B 43 1.88 4.71 -2.57
N ILE B 44 2.52 5.53 -3.42
CA ILE B 44 2.54 5.38 -4.90
C ILE B 44 4.00 5.50 -5.31
N ILE B 45 4.46 4.59 -6.18
CA ILE B 45 5.89 4.40 -6.44
C ILE B 45 6.27 5.13 -7.71
N PHE B 46 6.93 6.28 -7.60
CA PHE B 46 7.32 7.13 -8.72
C PHE B 46 8.69 6.69 -9.31
N ASN B 47 9.05 7.41 -10.36
CA ASN B 47 10.35 7.46 -11.02
C ASN B 47 10.56 8.87 -11.58
N GLU B 48 9.53 9.30 -12.31
CA GLU B 48 9.26 10.63 -12.81
C GLU B 48 7.77 10.72 -13.12
N ARG B 49 7.28 9.75 -13.90
CA ARG B 49 5.98 9.68 -14.62
C ARG B 49 4.67 9.96 -13.87
N GLY B 50 4.68 10.14 -12.56
CA GLY B 50 3.49 10.34 -11.71
C GLY B 50 2.97 9.05 -11.06
N SER B 51 3.53 7.95 -11.54
CA SER B 51 3.46 6.58 -11.03
C SER B 51 4.30 5.71 -11.96
N LYS B 52 5.20 4.92 -11.40
CA LYS B 52 5.90 3.80 -12.06
C LYS B 52 4.99 2.57 -12.16
N GLY B 53 3.68 2.80 -12.05
CA GLY B 53 2.65 1.86 -12.37
C GLY B 53 1.98 1.17 -11.18
N PHE B 54 2.54 1.31 -9.97
CA PHE B 54 2.13 0.53 -8.81
C PHE B 54 2.12 1.34 -7.51
N GLY B 55 1.43 0.82 -6.50
CA GLY B 55 1.20 1.48 -5.21
C GLY B 55 1.04 0.48 -4.07
N PHE B 56 0.81 0.99 -2.87
CA PHE B 56 0.61 0.20 -1.65
C PHE B 56 -0.40 0.86 -0.69
N VAL B 57 -1.00 0.07 0.18
CA VAL B 57 -2.06 0.47 1.13
C VAL B 57 -1.89 -0.30 2.44
N THR B 58 -2.18 0.30 3.59
CA THR B 58 -2.16 -0.38 4.91
C THR B 58 -3.54 -0.32 5.57
N PHE B 59 -3.89 -1.40 6.29
CA PHE B 59 -5.21 -1.71 6.84
C PHE B 59 -5.13 -2.05 8.32
N GLU B 60 -6.21 -1.76 9.06
CA GLU B 60 -6.35 -2.02 10.50
C GLU B 60 -5.97 -3.44 10.96
N ASN B 61 -6.29 -4.47 10.16
CA ASN B 61 -5.80 -5.86 10.32
C ASN B 61 -5.99 -6.71 9.03
N SER B 62 -5.36 -7.89 9.00
CA SER B 62 -5.38 -8.82 7.86
C SER B 62 -6.76 -9.29 7.42
N ALA B 63 -7.69 -9.54 8.35
CA ALA B 63 -9.05 -10.00 8.06
C ALA B 63 -9.99 -8.92 7.46
N ASP B 64 -9.46 -7.73 7.14
CA ASP B 64 -10.11 -6.68 6.37
C ASP B 64 -9.28 -6.33 5.13
N ALA B 65 -7.95 -6.36 5.25
CA ALA B 65 -7.00 -6.21 4.15
C ALA B 65 -7.16 -7.28 3.05
N ASP B 66 -7.10 -8.56 3.42
CA ASP B 66 -7.21 -9.68 2.48
C ASP B 66 -8.63 -9.80 1.88
N ARG B 67 -9.66 -9.21 2.53
CA ARG B 67 -11.00 -9.06 1.94
C ARG B 67 -11.02 -8.01 0.83
N ALA B 68 -10.30 -6.89 0.99
CA ALA B 68 -10.12 -5.94 -0.11
C ALA B 68 -9.35 -6.56 -1.27
N ARG B 69 -8.28 -7.32 -0.98
CA ARG B 69 -7.45 -7.99 -1.97
C ARG B 69 -8.25 -8.93 -2.85
N GLU B 70 -9.08 -9.81 -2.30
CA GLU B 70 -9.90 -10.70 -3.12
C GLU B 70 -10.96 -9.96 -3.96
N LYS B 71 -11.41 -8.78 -3.50
CA LYS B 71 -12.40 -7.93 -4.19
C LYS B 71 -11.81 -7.09 -5.32
N LEU B 72 -10.67 -6.40 -5.08
CA LEU B 72 -10.01 -5.53 -6.04
C LEU B 72 -9.06 -6.27 -7.00
N HIS B 73 -8.41 -7.35 -6.56
CA HIS B 73 -7.56 -8.17 -7.46
C HIS B 73 -8.31 -8.61 -8.72
N GLY B 74 -7.83 -8.17 -9.88
CA GLY B 74 -8.42 -8.47 -11.19
C GLY B 74 -9.60 -7.57 -11.60
N THR B 75 -9.87 -6.47 -10.88
CA THR B 75 -10.82 -5.43 -11.34
C THR B 75 -10.09 -4.43 -12.24
N VAL B 76 -10.81 -3.82 -13.19
CA VAL B 76 -10.27 -2.77 -14.05
C VAL B 76 -10.71 -1.39 -13.56
N VAL B 77 -9.75 -0.46 -13.49
CA VAL B 77 -9.89 0.88 -12.95
C VAL B 77 -9.41 1.87 -14.01
N GLU B 78 -10.28 2.83 -14.37
CA GLU B 78 -10.19 3.75 -15.52
C GLU B 78 -9.90 3.13 -16.91
N GLY B 79 -9.62 1.82 -17.00
CA GLY B 79 -9.37 1.04 -18.21
C GLY B 79 -8.35 -0.10 -18.04
N ARG B 80 -7.59 -0.16 -16.94
CA ARG B 80 -6.52 -1.11 -16.69
C ARG B 80 -6.83 -2.05 -15.52
N LYS B 81 -6.76 -3.36 -15.75
CA LYS B 81 -6.93 -4.44 -14.76
C LYS B 81 -5.71 -4.52 -13.83
N ILE B 82 -5.92 -4.52 -12.51
CA ILE B 82 -4.82 -4.38 -11.51
C ILE B 82 -4.67 -5.65 -10.64
N GLU B 83 -3.43 -5.97 -10.31
CA GLU B 83 -3.08 -6.99 -9.32
C GLU B 83 -3.24 -6.42 -7.90
N VAL B 84 -3.55 -7.25 -6.91
CA VAL B 84 -3.47 -6.89 -5.48
C VAL B 84 -2.80 -8.01 -4.71
N ASN B 85 -1.81 -7.64 -3.88
CA ASN B 85 -0.86 -8.53 -3.22
C ASN B 85 -0.62 -8.12 -1.77
N ASN B 86 0.13 -8.94 -1.03
CA ASN B 86 0.72 -8.54 0.26
C ASN B 86 2.06 -7.85 -0.03
N ALA B 87 2.33 -6.68 0.54
CA ALA B 87 3.58 -5.96 0.28
C ALA B 87 4.79 -6.67 0.93
N THR B 88 6.00 -6.51 0.38
CA THR B 88 7.18 -7.32 0.71
C THR B 88 8.46 -6.48 0.80
N ALA B 89 9.24 -6.55 1.90
CA ALA B 89 10.44 -5.73 2.18
C ALA B 89 10.32 -4.20 1.87
N ARG B 90 11.41 -3.47 1.59
CA ARG B 90 11.48 -2.09 1.06
C ARG B 90 12.87 -1.66 0.51
N VAL B 91 12.93 -0.65 -0.39
CA VAL B 91 14.20 0.04 -0.74
C VAL B 91 14.68 0.84 0.49
N MET B 92 13.77 1.62 1.10
CA MET B 92 13.98 2.52 2.26
C MET B 92 15.30 3.33 2.26
N THR B 93 15.67 3.88 1.11
CA THR B 93 16.92 4.63 0.94
C THR B 93 16.85 6.05 1.54
N ASN B 94 17.82 6.38 2.41
CA ASN B 94 18.09 7.74 2.90
C ASN B 94 18.88 8.62 1.91
N LYS B 95 19.30 8.05 0.76
CA LYS B 95 20.21 8.59 -0.29
C LYS B 95 21.35 9.48 0.22
N LYS B 96 21.10 10.78 0.41
CA LYS B 96 22.07 11.82 0.80
C LYS B 96 21.47 12.88 1.74
N THR B 97 20.34 12.58 2.39
CA THR B 97 19.68 13.49 3.35
C THR B 97 20.60 13.87 4.53
N VAL B 98 20.43 15.08 5.06
CA VAL B 98 21.17 15.62 6.21
C VAL B 98 20.33 16.70 6.92
N ASN B 99 20.54 16.90 8.22
CA ASN B 99 19.67 17.70 9.09
C ASN B 99 20.44 18.30 10.30
N PRO B 100 20.05 19.49 10.81
CA PRO B 100 20.73 20.15 11.94
C PRO B 100 20.42 19.55 13.33
N TYR B 101 19.56 18.52 13.45
CA TYR B 101 19.16 17.94 14.73
C TYR B 101 19.48 16.44 14.81
N THR B 102 19.13 15.68 13.76
CA THR B 102 19.13 14.19 13.82
C THR B 102 19.48 13.49 12.50
N ASN B 103 18.68 13.68 11.45
CA ASN B 103 18.77 12.88 10.21
C ASN B 103 20.14 12.96 9.51
N GLY B 104 20.55 11.84 8.90
CA GLY B 104 21.79 11.67 8.12
C GLY B 104 21.90 10.29 7.48
N GLY B 1 21.17 -27.53 16.91
CA GLY B 1 20.14 -27.20 17.91
C GLY B 1 19.10 -26.23 17.38
N SER B 2 18.31 -25.63 18.27
CA SER B 2 17.18 -24.72 17.95
C SER B 2 17.10 -23.55 18.93
N HIS B 3 16.48 -22.45 18.50
CA HIS B 3 16.27 -21.22 19.31
C HIS B 3 15.03 -20.43 18.82
N MET B 4 14.63 -19.41 19.57
CA MET B 4 13.51 -18.50 19.24
C MET B 4 13.84 -17.06 19.71
N ASN B 5 13.74 -16.10 18.80
CA ASN B 5 14.10 -14.69 19.02
C ASN B 5 13.28 -13.75 18.09
N THR B 6 13.42 -12.44 18.29
CA THR B 6 12.86 -11.33 17.48
C THR B 6 11.35 -11.12 17.71
N GLU B 7 10.90 -9.86 17.63
CA GLU B 7 9.53 -9.42 17.98
C GLU B 7 8.92 -8.47 16.92
N ASN B 8 9.40 -8.55 15.68
CA ASN B 8 9.05 -7.69 14.54
C ASN B 8 7.61 -7.87 13.96
N LYS B 9 6.73 -8.61 14.65
CA LYS B 9 5.31 -8.80 14.31
C LYS B 9 4.55 -7.46 14.17
N SER B 10 3.52 -7.42 13.32
CA SER B 10 2.68 -6.25 13.05
C SER B 10 1.19 -6.54 13.26
N GLN B 11 0.49 -5.58 13.88
CA GLN B 11 -0.98 -5.57 13.98
C GLN B 11 -1.64 -5.43 12.59
N PRO B 12 -1.30 -4.39 11.79
CA PRO B 12 -1.84 -4.19 10.46
C PRO B 12 -1.18 -5.05 9.39
N LYS B 13 -1.66 -4.86 8.15
CA LYS B 13 -1.20 -5.56 6.94
C LYS B 13 -1.05 -4.57 5.76
N ARG B 14 0.11 -4.60 5.09
CA ARG B 14 0.36 -3.81 3.87
C ARG B 14 -0.08 -4.58 2.62
N LEU B 15 -0.49 -3.80 1.62
CA LEU B 15 -1.17 -4.25 0.41
C LEU B 15 -0.59 -3.56 -0.83
N HIS B 16 0.23 -4.28 -1.59
CA HIS B 16 0.72 -3.89 -2.91
C HIS B 16 -0.42 -3.90 -3.93
N VAL B 17 -0.32 -3.00 -4.91
CA VAL B 17 -1.15 -3.00 -6.13
C VAL B 17 -0.25 -2.78 -7.33
N SER B 18 -0.63 -3.34 -8.48
CA SER B 18 0.11 -3.24 -9.75
C SER B 18 -0.83 -2.98 -10.92
N ASN B 19 -0.31 -2.38 -12.00
CA ASN B 19 -1.03 -2.06 -13.24
C ASN B 19 -2.11 -0.96 -13.13
N ILE B 20 -2.21 -0.23 -12.02
CA ILE B 20 -3.12 0.93 -11.85
C ILE B 20 -2.84 2.06 -12.87
N PRO B 21 -3.80 2.93 -13.21
CA PRO B 21 -3.54 4.17 -13.96
C PRO B 21 -2.48 5.05 -13.33
N PHE B 22 -1.68 5.69 -14.18
CA PHE B 22 -0.71 6.71 -13.78
C PHE B 22 -1.32 7.93 -13.06
N ARG B 23 -2.65 8.11 -13.13
CA ARG B 23 -3.32 9.30 -12.55
C ARG B 23 -3.96 9.06 -11.18
N PHE B 24 -3.88 7.83 -10.63
CA PHE B 24 -4.21 7.58 -9.23
C PHE B 24 -3.22 8.35 -8.33
N ARG B 25 -3.71 8.86 -7.19
CA ARG B 25 -2.90 9.43 -6.12
C ARG B 25 -3.30 8.81 -4.79
N ASP B 26 -2.58 9.08 -3.70
CA ASP B 26 -2.86 8.54 -2.38
C ASP B 26 -4.34 8.67 -1.91
N PRO B 27 -5.04 9.81 -2.14
CA PRO B 27 -6.47 9.92 -1.82
C PRO B 27 -7.36 9.12 -2.79
N ASP B 28 -6.94 8.93 -4.05
CA ASP B 28 -7.65 8.05 -4.98
C ASP B 28 -7.55 6.57 -4.58
N LEU B 29 -6.37 6.14 -4.11
CA LEU B 29 -6.16 4.77 -3.65
C LEU B 29 -7.00 4.47 -2.40
N ARG B 30 -6.89 5.29 -1.34
CA ARG B 30 -7.65 5.04 -0.10
C ARG B 30 -9.17 5.11 -0.28
N GLN B 31 -9.66 5.89 -1.24
CA GLN B 31 -11.08 5.90 -1.62
C GLN B 31 -11.53 4.57 -2.23
N MET B 32 -10.71 3.93 -3.08
CA MET B 32 -10.99 2.62 -3.66
C MET B 32 -10.93 1.49 -2.62
N PHE B 33 -9.94 1.51 -1.71
CA PHE B 33 -9.69 0.45 -0.74
C PHE B 33 -10.50 0.57 0.56
N GLY B 34 -10.78 1.79 1.03
CA GLY B 34 -11.38 2.06 2.35
C GLY B 34 -12.82 1.56 2.55
N GLN B 35 -13.54 1.23 1.48
CA GLN B 35 -14.85 0.59 1.55
C GLN B 35 -14.83 -0.84 2.16
N PHE B 36 -13.64 -1.44 2.35
CA PHE B 36 -13.46 -2.80 2.89
C PHE B 36 -12.71 -2.86 4.24
N GLY B 37 -12.18 -1.73 4.72
CA GLY B 37 -11.46 -1.61 6.00
C GLY B 37 -10.73 -0.27 6.13
N LYS B 38 -10.38 0.13 7.37
CA LYS B 38 -9.71 1.41 7.64
C LYS B 38 -8.27 1.44 7.11
N ILE B 39 -7.96 2.40 6.24
CA ILE B 39 -6.59 2.70 5.82
C ILE B 39 -5.80 3.35 6.98
N LEU B 40 -4.54 2.94 7.13
CA LEU B 40 -3.57 3.46 8.10
C LEU B 40 -2.39 4.22 7.44
N ASP B 41 -2.08 3.90 6.17
CA ASP B 41 -0.98 4.48 5.37
C ASP B 41 -1.22 4.19 3.87
N VAL B 42 -0.64 5.01 3.00
CA VAL B 42 -0.63 4.82 1.52
C VAL B 42 0.71 5.32 0.96
N GLU B 43 1.24 4.69 -0.09
CA GLU B 43 2.43 5.13 -0.81
C GLU B 43 2.31 4.87 -2.32
N ILE B 44 2.86 5.76 -3.15
CA ILE B 44 2.97 5.59 -4.61
C ILE B 44 4.44 5.74 -4.99
N ILE B 45 4.81 5.01 -6.03
CA ILE B 45 6.17 4.69 -6.44
C ILE B 45 6.47 5.44 -7.73
N PHE B 46 7.67 5.99 -7.91
CA PHE B 46 7.96 6.94 -8.99
C PHE B 46 9.23 6.59 -9.79
N ASN B 47 9.39 7.35 -10.87
CA ASN B 47 10.58 7.46 -11.73
C ASN B 47 10.70 8.93 -12.16
N GLU B 48 9.58 9.40 -12.71
CA GLU B 48 9.21 10.79 -13.00
C GLU B 48 7.69 10.82 -12.96
N ARG B 49 7.17 9.92 -13.81
CA ARG B 49 5.85 9.67 -14.40
C ARG B 49 4.59 9.80 -13.54
N GLY B 50 4.68 10.08 -12.24
CA GLY B 50 3.53 10.25 -11.35
C GLY B 50 3.05 8.96 -10.68
N SER B 51 3.43 7.87 -11.33
CA SER B 51 3.36 6.51 -10.86
C SER B 51 4.19 5.64 -11.79
N LYS B 52 5.03 4.79 -11.20
CA LYS B 52 5.72 3.66 -11.83
C LYS B 52 4.70 2.53 -12.16
N GLY B 53 3.42 2.77 -11.93
CA GLY B 53 2.34 1.91 -12.35
C GLY B 53 1.78 1.02 -11.25
N PHE B 54 2.39 1.09 -10.05
CA PHE B 54 2.08 0.28 -8.89
C PHE B 54 1.98 1.18 -7.64
N GLY B 55 1.57 0.62 -6.51
CA GLY B 55 1.38 1.37 -5.26
C GLY B 55 1.28 0.46 -4.05
N PHE B 56 1.16 1.05 -2.86
CA PHE B 56 0.90 0.33 -1.62
C PHE B 56 -0.10 1.06 -0.71
N VAL B 57 -0.74 0.27 0.14
CA VAL B 57 -1.77 0.65 1.11
C VAL B 57 -1.51 -0.11 2.41
N THR B 58 -1.98 0.39 3.56
CA THR B 58 -1.99 -0.36 4.83
C THR B 58 -3.37 -0.43 5.45
N PHE B 59 -3.74 -1.60 5.96
CA PHE B 59 -5.06 -1.96 6.49
C PHE B 59 -4.96 -2.31 7.97
N GLU B 60 -5.98 -1.95 8.74
CA GLU B 60 -6.07 -2.14 10.20
C GLU B 60 -5.65 -3.54 10.72
N ASN B 61 -5.97 -4.60 9.97
CA ASN B 61 -5.45 -5.98 10.14
C ASN B 61 -5.72 -6.83 8.88
N SER B 62 -5.05 -7.98 8.79
CA SER B 62 -5.09 -8.88 7.63
C SER B 62 -6.50 -9.36 7.23
N ALA B 63 -7.40 -9.57 8.19
CA ALA B 63 -8.77 -10.04 7.93
C ALA B 63 -9.65 -9.02 7.19
N ASP B 64 -9.26 -7.74 7.14
CA ASP B 64 -9.93 -6.68 6.37
C ASP B 64 -9.15 -6.36 5.09
N ALA B 65 -7.83 -6.51 5.12
CA ALA B 65 -6.96 -6.46 3.96
C ALA B 65 -7.33 -7.53 2.90
N ASP B 66 -7.49 -8.79 3.32
CA ASP B 66 -7.87 -9.90 2.43
C ASP B 66 -9.24 -9.69 1.76
N ARG B 67 -10.19 -9.06 2.45
CA ARG B 67 -11.49 -8.66 1.88
C ARG B 67 -11.33 -7.66 0.74
N ALA B 68 -10.44 -6.69 0.89
CA ALA B 68 -10.12 -5.76 -0.20
C ALA B 68 -9.44 -6.48 -1.36
N ARG B 69 -8.47 -7.37 -1.09
CA ARG B 69 -7.75 -8.09 -2.12
C ARG B 69 -8.69 -8.94 -2.97
N GLU B 70 -9.58 -9.73 -2.37
CA GLU B 70 -10.50 -10.56 -3.17
C GLU B 70 -11.47 -9.74 -4.03
N LYS B 71 -11.81 -8.51 -3.60
CA LYS B 71 -12.68 -7.58 -4.34
C LYS B 71 -11.96 -6.82 -5.46
N LEU B 72 -10.77 -6.26 -5.20
CA LEU B 72 -10.03 -5.42 -6.16
C LEU B 72 -9.09 -6.21 -7.08
N HIS B 73 -8.43 -7.27 -6.59
CA HIS B 73 -7.49 -8.08 -7.41
C HIS B 73 -8.15 -8.63 -8.69
N GLY B 74 -7.70 -8.15 -9.86
CA GLY B 74 -8.24 -8.51 -11.17
C GLY B 74 -9.51 -7.78 -11.60
N THR B 75 -9.95 -6.75 -10.87
CA THR B 75 -11.02 -5.84 -11.35
C THR B 75 -10.40 -4.77 -12.25
N VAL B 76 -11.19 -4.20 -13.16
CA VAL B 76 -10.77 -3.11 -14.05
C VAL B 76 -11.34 -1.78 -13.57
N VAL B 77 -10.46 -0.78 -13.47
CA VAL B 77 -10.71 0.55 -12.92
C VAL B 77 -10.20 1.58 -13.92
N GLU B 78 -11.01 2.61 -14.19
CA GLU B 78 -10.81 3.57 -15.29
C GLU B 78 -10.46 2.96 -16.67
N GLY B 79 -10.81 1.68 -16.87
CA GLY B 79 -10.59 0.89 -18.08
C GLY B 79 -9.36 -0.04 -18.05
N ARG B 80 -8.67 -0.21 -16.92
CA ARG B 80 -7.45 -1.03 -16.79
C ARG B 80 -7.49 -1.96 -15.56
N LYS B 81 -7.23 -3.26 -15.78
CA LYS B 81 -7.21 -4.34 -14.77
C LYS B 81 -5.96 -4.24 -13.89
N ILE B 82 -6.11 -4.39 -12.57
CA ILE B 82 -5.04 -4.16 -11.58
C ILE B 82 -4.82 -5.38 -10.69
N GLU B 83 -3.58 -5.62 -10.29
CA GLU B 83 -3.23 -6.66 -9.30
C GLU B 83 -3.37 -6.11 -7.88
N VAL B 84 -3.62 -6.98 -6.90
CA VAL B 84 -3.51 -6.66 -5.46
C VAL B 84 -2.86 -7.84 -4.72
N ASN B 85 -1.93 -7.54 -3.82
CA ASN B 85 -1.03 -8.47 -3.18
C ASN B 85 -0.66 -8.04 -1.76
N ASN B 86 -0.05 -8.91 -0.95
CA ASN B 86 0.61 -8.44 0.26
C ASN B 86 1.87 -7.66 -0.17
N ALA B 87 2.21 -6.59 0.53
CA ALA B 87 3.51 -5.96 0.30
C ALA B 87 4.64 -6.82 0.93
N THR B 88 5.85 -6.73 0.37
CA THR B 88 6.97 -7.63 0.69
C THR B 88 8.27 -6.81 0.72
N ALA B 89 9.17 -6.99 1.70
CA ALA B 89 10.39 -6.16 1.93
C ALA B 89 10.21 -4.62 1.75
N ARG B 90 11.28 -3.85 1.47
CA ARG B 90 11.35 -2.45 1.03
C ARG B 90 12.77 -2.04 0.57
N VAL B 91 12.90 -0.95 -0.19
CA VAL B 91 14.21 -0.28 -0.47
C VAL B 91 14.83 0.26 0.83
N MET B 92 13.98 0.81 1.72
CA MET B 92 14.34 1.41 3.02
C MET B 92 15.45 2.46 2.93
N THR B 93 15.09 3.59 2.31
CA THR B 93 15.90 4.82 2.25
C THR B 93 16.19 5.46 3.62
N ASN B 94 15.39 5.14 4.63
CA ASN B 94 15.49 5.61 6.02
C ASN B 94 15.56 7.17 6.16
N LYS B 95 14.81 7.89 5.31
CA LYS B 95 14.62 9.35 5.42
C LYS B 95 14.03 9.77 6.77
N LYS B 96 14.31 11.02 7.16
CA LYS B 96 13.88 11.66 8.43
C LYS B 96 13.42 13.10 8.18
N THR B 97 12.27 13.26 7.53
CA THR B 97 11.65 14.55 7.17
C THR B 97 11.24 15.42 8.37
N VAL B 98 11.10 14.82 9.56
CA VAL B 98 10.85 15.38 10.91
C VAL B 98 9.62 16.28 11.09
N ASN B 99 8.95 16.16 12.25
CA ASN B 99 7.74 16.91 12.61
C ASN B 99 7.57 16.95 14.14
N PRO B 100 6.73 17.85 14.71
CA PRO B 100 6.52 17.96 16.17
C PRO B 100 5.65 16.82 16.78
N TYR B 101 5.39 15.75 16.02
CA TYR B 101 4.52 14.63 16.37
C TYR B 101 5.15 13.24 16.13
N THR B 102 6.29 13.15 15.43
CA THR B 102 6.91 11.86 15.05
C THR B 102 7.28 11.03 16.29
N ASN B 103 6.81 9.78 16.34
CA ASN B 103 6.94 8.87 17.48
C ASN B 103 7.03 7.39 17.02
N GLY B 104 7.33 6.47 17.93
CA GLY B 104 7.43 5.02 17.68
C GLY B 104 7.53 4.20 18.97
N GLY B 1 9.77 -22.14 12.56
CA GLY B 1 11.13 -21.57 12.48
C GLY B 1 11.47 -20.81 13.75
N SER B 2 12.65 -21.09 14.34
CA SER B 2 13.05 -20.62 15.68
C SER B 2 14.51 -20.16 15.74
N HIS B 3 15.08 -19.78 14.60
CA HIS B 3 16.54 -19.55 14.40
C HIS B 3 16.87 -18.20 13.75
N MET B 4 15.87 -17.35 13.49
CA MET B 4 15.99 -16.00 12.89
C MET B 4 15.00 -15.03 13.54
N ASN B 5 15.31 -13.72 13.48
CA ASN B 5 14.41 -12.66 13.96
C ASN B 5 13.17 -12.51 13.05
N THR B 6 12.12 -11.84 13.54
CA THR B 6 10.79 -11.72 12.91
C THR B 6 10.29 -10.27 12.88
N GLU B 7 11.21 -9.38 12.54
CA GLU B 7 11.00 -7.91 12.44
C GLU B 7 9.91 -7.51 11.42
N ASN B 8 9.54 -8.42 10.50
CA ASN B 8 8.43 -8.28 9.55
C ASN B 8 7.03 -8.35 10.19
N LYS B 9 6.90 -8.82 11.45
CA LYS B 9 5.62 -8.91 12.19
C LYS B 9 4.97 -7.52 12.37
N SER B 10 3.66 -7.46 12.18
CA SER B 10 2.83 -6.25 12.26
C SER B 10 1.47 -6.53 12.93
N GLN B 11 0.88 -5.48 13.50
CA GLN B 11 -0.51 -5.46 13.99
C GLN B 11 -1.50 -5.22 12.82
N PRO B 12 -1.33 -4.12 12.05
CA PRO B 12 -2.02 -3.92 10.78
C PRO B 12 -1.44 -4.81 9.68
N LYS B 13 -1.90 -4.61 8.45
CA LYS B 13 -1.34 -5.33 7.28
C LYS B 13 -1.12 -4.41 6.07
N ARG B 14 0.13 -4.34 5.63
CA ARG B 14 0.59 -3.71 4.37
C ARG B 14 0.17 -4.57 3.18
N LEU B 15 -0.14 -3.89 2.09
CA LEU B 15 -0.77 -4.40 0.87
C LEU B 15 -0.18 -3.67 -0.34
N HIS B 16 -0.11 -4.34 -1.48
CA HIS B 16 0.43 -3.88 -2.77
C HIS B 16 -0.66 -3.96 -3.83
N VAL B 17 -0.59 -3.08 -4.83
CA VAL B 17 -1.43 -3.11 -6.03
C VAL B 17 -0.59 -2.85 -7.26
N SER B 18 -1.00 -3.39 -8.41
CA SER B 18 -0.29 -3.23 -9.69
C SER B 18 -1.25 -2.97 -10.86
N ASN B 19 -0.71 -2.41 -11.95
CA ASN B 19 -1.40 -1.93 -13.16
C ASN B 19 -2.39 -0.76 -12.98
N ILE B 20 -2.41 -0.08 -11.83
CA ILE B 20 -3.26 1.11 -11.61
C ILE B 20 -2.91 2.29 -12.57
N PRO B 21 -3.80 3.29 -12.77
CA PRO B 21 -3.49 4.52 -13.51
C PRO B 21 -2.24 5.29 -13.04
N PHE B 22 -1.56 5.88 -14.01
CA PHE B 22 -0.48 6.85 -13.79
C PHE B 22 -0.93 8.14 -13.10
N ARG B 23 -2.24 8.46 -13.12
CA ARG B 23 -2.78 9.73 -12.60
C ARG B 23 -3.55 9.60 -11.29
N PHE B 24 -3.68 8.37 -10.77
CA PHE B 24 -4.18 8.10 -9.42
C PHE B 24 -3.27 8.75 -8.37
N ARG B 25 -3.85 9.25 -7.28
CA ARG B 25 -3.13 9.74 -6.09
C ARG B 25 -3.52 8.89 -4.87
N ASP B 26 -2.86 9.10 -3.73
CA ASP B 26 -3.18 8.40 -2.49
C ASP B 26 -4.67 8.49 -2.08
N PRO B 27 -5.37 9.64 -2.24
CA PRO B 27 -6.82 9.75 -2.12
C PRO B 27 -7.57 8.81 -3.09
N ASP B 28 -7.12 8.69 -4.34
CA ASP B 28 -7.72 7.81 -5.33
C ASP B 28 -7.61 6.33 -4.94
N LEU B 29 -6.45 5.91 -4.40
CA LEU B 29 -6.30 4.55 -3.86
C LEU B 29 -7.17 4.31 -2.62
N ARG B 30 -7.09 5.17 -1.58
CA ARG B 30 -7.84 4.91 -0.34
C ARG B 30 -9.36 4.97 -0.51
N GLN B 31 -9.86 5.72 -1.50
CA GLN B 31 -11.28 5.75 -1.87
C GLN B 31 -11.78 4.39 -2.39
N MET B 32 -10.98 3.65 -3.15
CA MET B 32 -11.32 2.32 -3.67
C MET B 32 -11.16 1.22 -2.61
N PHE B 33 -10.12 1.28 -1.78
CA PHE B 33 -9.77 0.26 -0.80
C PHE B 33 -10.52 0.40 0.54
N GLY B 34 -10.82 1.62 0.99
CA GLY B 34 -11.40 1.90 2.31
C GLY B 34 -12.84 1.42 2.54
N GLN B 35 -13.55 1.01 1.48
CA GLN B 35 -14.87 0.36 1.60
C GLN B 35 -14.84 -1.01 2.31
N PHE B 36 -13.65 -1.62 2.48
CA PHE B 36 -13.48 -2.95 3.10
C PHE B 36 -12.84 -2.91 4.51
N GLY B 37 -12.26 -1.79 4.90
CA GLY B 37 -11.62 -1.56 6.21
C GLY B 37 -10.84 -0.24 6.25
N LYS B 38 -10.52 0.26 7.44
CA LYS B 38 -9.82 1.54 7.64
C LYS B 38 -8.39 1.51 7.09
N ILE B 39 -8.06 2.43 6.19
CA ILE B 39 -6.67 2.71 5.76
C ILE B 39 -5.90 3.44 6.87
N LEU B 40 -4.65 3.03 7.07
CA LEU B 40 -3.69 3.61 8.02
C LEU B 40 -2.49 4.30 7.33
N ASP B 41 -2.15 3.91 6.10
CA ASP B 41 -1.10 4.49 5.25
C ASP B 41 -1.34 4.16 3.77
N VAL B 42 -0.79 4.96 2.85
CA VAL B 42 -0.78 4.72 1.40
C VAL B 42 0.56 5.23 0.82
N GLU B 43 1.08 4.59 -0.24
CA GLU B 43 2.23 5.06 -1.01
C GLU B 43 2.03 4.81 -2.51
N ILE B 44 2.55 5.71 -3.36
CA ILE B 44 2.65 5.54 -4.81
C ILE B 44 4.09 5.77 -5.21
N ILE B 45 4.65 4.73 -5.82
CA ILE B 45 6.07 4.54 -6.10
C ILE B 45 6.37 5.14 -7.46
N PHE B 46 7.21 6.18 -7.57
CA PHE B 46 7.62 6.63 -8.91
C PHE B 46 8.88 7.47 -9.09
N ASN B 47 9.41 7.31 -10.30
CA ASN B 47 10.40 8.17 -10.93
C ASN B 47 9.66 9.36 -11.56
N GLU B 48 10.35 10.44 -11.92
CA GLU B 48 9.90 11.58 -12.75
C GLU B 48 8.59 11.43 -13.54
N ARG B 49 8.50 10.36 -14.32
CA ARG B 49 7.48 10.14 -15.33
C ARG B 49 6.05 9.92 -14.85
N GLY B 50 5.85 9.65 -13.57
CA GLY B 50 4.54 9.34 -13.00
C GLY B 50 4.55 7.94 -12.42
N SER B 51 3.44 7.53 -11.80
CA SER B 51 3.36 6.24 -11.09
C SER B 51 4.13 5.17 -11.83
N LYS B 52 5.04 4.45 -11.16
CA LYS B 52 5.69 3.25 -11.69
C LYS B 52 4.66 2.19 -12.15
N GLY B 53 3.41 2.40 -11.77
CA GLY B 53 2.25 1.69 -12.24
C GLY B 53 1.58 0.87 -11.14
N PHE B 54 2.14 0.97 -9.94
CA PHE B 54 1.81 0.17 -8.77
C PHE B 54 1.84 1.06 -7.52
N GLY B 55 1.22 0.57 -6.44
CA GLY B 55 1.06 1.31 -5.19
C GLY B 55 1.06 0.38 -3.97
N PHE B 56 0.99 0.97 -2.78
CA PHE B 56 0.79 0.25 -1.53
C PHE B 56 -0.22 0.94 -0.62
N VAL B 57 -0.76 0.16 0.31
CA VAL B 57 -1.81 0.52 1.27
C VAL B 57 -1.56 -0.22 2.58
N THR B 58 -1.93 0.35 3.73
CA THR B 58 -1.97 -0.38 5.02
C THR B 58 -3.38 -0.39 5.58
N PHE B 59 -3.81 -1.55 6.09
CA PHE B 59 -5.16 -1.84 6.59
C PHE B 59 -5.13 -2.16 8.08
N GLU B 60 -6.20 -1.81 8.80
CA GLU B 60 -6.33 -1.99 10.26
C GLU B 60 -5.93 -3.38 10.80
N ASN B 61 -6.19 -4.46 10.05
CA ASN B 61 -5.67 -5.81 10.26
C ASN B 61 -5.83 -6.71 9.01
N SER B 62 -5.11 -7.83 8.98
CA SER B 62 -5.04 -8.78 7.86
C SER B 62 -6.40 -9.32 7.39
N ALA B 63 -7.33 -9.58 8.32
CA ALA B 63 -8.64 -10.15 8.02
C ALA B 63 -9.60 -9.19 7.29
N ASP B 64 -9.26 -7.90 7.17
CA ASP B 64 -9.98 -6.88 6.40
C ASP B 64 -9.18 -6.44 5.16
N ALA B 65 -7.84 -6.49 5.24
CA ALA B 65 -6.94 -6.34 4.10
C ALA B 65 -7.25 -7.38 2.99
N ASP B 66 -7.40 -8.64 3.39
CA ASP B 66 -7.71 -9.76 2.49
C ASP B 66 -9.06 -9.60 1.78
N ARG B 67 -10.03 -8.96 2.46
CA ARG B 67 -11.32 -8.65 1.85
C ARG B 67 -11.17 -7.71 0.65
N ALA B 68 -10.32 -6.69 0.77
CA ALA B 68 -9.99 -5.81 -0.34
C ALA B 68 -9.24 -6.56 -1.45
N ARG B 69 -8.27 -7.40 -1.08
CA ARG B 69 -7.49 -8.22 -2.00
C ARG B 69 -8.35 -9.11 -2.87
N GLU B 70 -9.27 -9.89 -2.28
CA GLU B 70 -10.13 -10.77 -3.07
C GLU B 70 -11.11 -10.01 -3.98
N LYS B 71 -11.49 -8.77 -3.62
CA LYS B 71 -12.44 -7.94 -4.36
C LYS B 71 -11.79 -7.16 -5.51
N LEU B 72 -10.64 -6.51 -5.27
CA LEU B 72 -9.95 -5.64 -6.22
C LEU B 72 -8.92 -6.39 -7.09
N HIS B 73 -8.35 -7.51 -6.62
CA HIS B 73 -7.54 -8.37 -7.49
C HIS B 73 -8.35 -8.89 -8.69
N GLY B 74 -7.95 -8.53 -9.91
CA GLY B 74 -8.63 -8.87 -11.16
C GLY B 74 -9.87 -8.03 -11.47
N THR B 75 -10.13 -6.93 -10.74
CA THR B 75 -11.14 -5.93 -11.12
C THR B 75 -10.48 -4.88 -12.03
N VAL B 76 -11.27 -4.04 -12.70
CA VAL B 76 -10.77 -3.02 -13.62
C VAL B 76 -11.20 -1.61 -13.21
N VAL B 77 -10.29 -0.66 -13.41
CA VAL B 77 -10.36 0.73 -12.97
C VAL B 77 -9.74 1.64 -14.03
N GLU B 78 -10.50 2.63 -14.50
CA GLU B 78 -10.17 3.45 -15.68
C GLU B 78 -9.64 2.65 -16.89
N GLY B 79 -10.21 1.46 -17.09
CA GLY B 79 -9.89 0.51 -18.17
C GLY B 79 -8.77 -0.50 -17.89
N ARG B 80 -8.01 -0.34 -16.79
CA ARG B 80 -6.90 -1.21 -16.41
C ARG B 80 -7.35 -2.28 -15.41
N LYS B 81 -7.19 -3.57 -15.74
CA LYS B 81 -7.35 -4.69 -14.78
C LYS B 81 -6.11 -4.73 -13.86
N ILE B 82 -6.30 -4.83 -12.55
CA ILE B 82 -5.24 -4.62 -11.53
C ILE B 82 -4.93 -5.88 -10.72
N GLU B 83 -3.72 -5.94 -10.17
CA GLU B 83 -3.32 -6.95 -9.19
C GLU B 83 -3.45 -6.39 -7.76
N VAL B 84 -3.63 -7.26 -6.76
CA VAL B 84 -3.55 -6.93 -5.33
C VAL B 84 -2.85 -8.07 -4.58
N ASN B 85 -1.90 -7.71 -3.72
CA ASN B 85 -0.93 -8.60 -3.08
C ASN B 85 -0.57 -8.12 -1.67
N ASN B 86 0.16 -8.93 -0.90
CA ASN B 86 0.82 -8.46 0.31
C ASN B 86 2.16 -7.80 -0.11
N ALA B 87 2.52 -6.70 0.54
CA ALA B 87 3.76 -5.99 0.21
C ALA B 87 4.99 -6.76 0.76
N THR B 88 6.12 -6.71 0.03
CA THR B 88 7.33 -7.50 0.26
C THR B 88 8.54 -6.60 0.56
N ALA B 89 9.79 -7.08 0.57
CA ALA B 89 10.98 -6.32 0.96
C ALA B 89 11.24 -5.01 0.16
N ARG B 90 11.48 -3.89 0.86
CA ARG B 90 11.75 -2.51 0.35
C ARG B 90 13.13 -2.33 -0.32
N VAL B 91 13.32 -1.16 -0.98
CA VAL B 91 14.62 -0.67 -1.48
C VAL B 91 15.63 -0.48 -0.33
N MET B 92 15.15 -0.11 0.86
CA MET B 92 15.92 0.20 2.08
C MET B 92 16.96 1.32 1.88
N THR B 93 16.44 2.56 1.89
CA THR B 93 17.19 3.82 1.67
C THR B 93 16.88 4.91 2.73
N ASN B 94 16.38 4.49 3.91
CA ASN B 94 15.96 5.33 5.05
C ASN B 94 14.78 6.29 4.73
N LYS B 95 14.35 7.08 5.72
CA LYS B 95 13.23 8.04 5.67
C LYS B 95 13.62 9.32 6.44
N LYS B 96 13.24 10.50 5.93
CA LYS B 96 13.64 11.82 6.46
C LYS B 96 12.54 12.87 6.27
N THR B 97 11.77 13.09 7.34
CA THR B 97 10.72 14.12 7.43
C THR B 97 10.53 14.56 8.89
N VAL B 98 10.10 15.81 9.13
CA VAL B 98 9.94 16.43 10.46
C VAL B 98 8.99 17.63 10.42
N ASN B 99 8.42 18.00 11.57
CA ASN B 99 7.59 19.20 11.77
C ASN B 99 7.70 19.68 13.24
N PRO B 100 7.43 20.97 13.56
CA PRO B 100 7.41 21.46 14.95
C PRO B 100 6.35 20.79 15.84
N TYR B 101 5.29 20.27 15.21
CA TYR B 101 4.08 19.79 15.87
C TYR B 101 4.05 18.29 16.22
N THR B 102 4.90 17.46 15.61
CA THR B 102 4.81 15.99 15.71
C THR B 102 5.58 15.43 16.91
N ASN B 103 4.97 14.42 17.57
CA ASN B 103 5.45 13.50 18.60
C ASN B 103 6.25 14.01 19.83
N GLY B 104 6.58 15.31 19.92
CA GLY B 104 7.27 15.93 21.07
C GLY B 104 7.57 17.42 20.86
N GLY B 1 22.62 2.93 18.68
CA GLY B 1 21.54 2.37 17.86
C GLY B 1 20.17 2.58 18.51
N SER B 2 19.20 1.71 18.19
CA SER B 2 17.83 1.74 18.74
C SER B 2 17.80 1.47 20.26
N HIS B 3 16.72 1.90 20.93
CA HIS B 3 16.59 1.90 22.39
C HIS B 3 16.69 0.52 23.06
N MET B 4 16.22 -0.55 22.41
CA MET B 4 16.26 -1.93 22.93
C MET B 4 16.46 -3.03 21.88
N ASN B 5 16.59 -2.68 20.59
CA ASN B 5 16.80 -3.59 19.44
C ASN B 5 15.80 -4.78 19.31
N THR B 6 14.62 -4.68 19.96
CA THR B 6 13.65 -5.79 20.14
C THR B 6 12.20 -5.27 19.97
N GLU B 7 11.95 -4.60 18.84
CA GLU B 7 10.72 -3.86 18.55
C GLU B 7 10.10 -4.22 17.17
N ASN B 8 10.64 -5.26 16.51
CA ASN B 8 10.26 -5.70 15.16
C ASN B 8 8.94 -6.50 15.14
N LYS B 9 7.82 -5.87 15.49
CA LYS B 9 6.46 -6.45 15.45
C LYS B 9 5.42 -5.44 14.96
N SER B 10 4.64 -5.84 13.95
CA SER B 10 3.52 -5.09 13.36
C SER B 10 2.18 -5.30 14.10
N GLN B 11 1.19 -4.48 13.74
CA GLN B 11 -0.20 -4.55 14.13
C GLN B 11 -1.12 -4.49 12.89
N PRO B 12 -1.01 -3.46 12.02
CA PRO B 12 -1.64 -3.44 10.70
C PRO B 12 -0.95 -4.38 9.70
N LYS B 13 -1.49 -4.39 8.47
CA LYS B 13 -0.90 -5.05 7.30
C LYS B 13 -0.76 -4.06 6.14
N ARG B 14 0.25 -4.27 5.28
CA ARG B 14 0.50 -3.49 4.06
C ARG B 14 0.13 -4.30 2.83
N LEU B 15 -0.27 -3.60 1.78
CA LEU B 15 -0.90 -4.17 0.60
C LEU B 15 -0.42 -3.49 -0.68
N HIS B 16 0.32 -4.23 -1.50
CA HIS B 16 0.70 -3.86 -2.87
C HIS B 16 -0.52 -3.85 -3.80
N VAL B 17 -0.49 -2.97 -4.81
CA VAL B 17 -1.40 -2.98 -5.96
C VAL B 17 -0.62 -2.73 -7.23
N SER B 18 -1.04 -3.34 -8.33
CA SER B 18 -0.35 -3.23 -9.63
C SER B 18 -1.31 -2.90 -10.77
N ASN B 19 -0.79 -2.26 -11.80
CA ASN B 19 -1.44 -1.82 -13.04
C ASN B 19 -2.36 -0.59 -12.92
N ILE B 20 -2.39 0.09 -11.78
CA ILE B 20 -3.18 1.33 -11.58
C ILE B 20 -2.79 2.48 -12.55
N PRO B 21 -3.61 3.52 -12.75
CA PRO B 21 -3.24 4.72 -13.51
C PRO B 21 -1.97 5.45 -13.06
N PHE B 22 -1.24 6.00 -14.04
CA PHE B 22 -0.12 6.94 -13.84
C PHE B 22 -0.51 8.29 -13.21
N ARG B 23 -1.82 8.59 -13.13
CA ARG B 23 -2.39 9.87 -12.68
C ARG B 23 -3.28 9.75 -11.44
N PHE B 24 -3.37 8.56 -10.85
CA PHE B 24 -3.97 8.32 -9.53
C PHE B 24 -3.13 8.97 -8.43
N ARG B 25 -3.75 9.35 -7.31
CA ARG B 25 -3.11 9.81 -6.07
C ARG B 25 -3.60 8.97 -4.88
N ASP B 26 -3.00 9.17 -3.71
CA ASP B 26 -3.46 8.67 -2.40
C ASP B 26 -5.01 8.69 -2.24
N PRO B 27 -5.68 9.85 -2.46
CA PRO B 27 -7.14 9.99 -2.37
C PRO B 27 -7.89 9.27 -3.49
N ASP B 28 -7.26 9.04 -4.65
CA ASP B 28 -7.84 8.16 -5.68
C ASP B 28 -7.78 6.69 -5.25
N LEU B 29 -6.69 6.25 -4.62
CA LEU B 29 -6.54 4.88 -4.13
C LEU B 29 -7.43 4.57 -2.93
N ARG B 30 -7.36 5.35 -1.85
CA ARG B 30 -8.00 5.02 -0.55
C ARG B 30 -9.52 4.87 -0.61
N GLN B 31 -10.18 5.57 -1.54
CA GLN B 31 -11.63 5.46 -1.77
C GLN B 31 -12.05 4.06 -2.28
N MET B 32 -11.22 3.41 -3.11
CA MET B 32 -11.48 2.06 -3.61
C MET B 32 -11.23 0.99 -2.55
N PHE B 33 -10.16 1.11 -1.76
CA PHE B 33 -9.74 0.13 -0.77
C PHE B 33 -10.47 0.26 0.58
N GLY B 34 -10.83 1.48 1.00
CA GLY B 34 -11.42 1.75 2.32
C GLY B 34 -12.85 1.26 2.57
N GLN B 35 -13.57 0.82 1.53
CA GLN B 35 -14.89 0.18 1.69
C GLN B 35 -14.86 -1.17 2.45
N PHE B 36 -13.66 -1.79 2.58
CA PHE B 36 -13.49 -3.09 3.24
C PHE B 36 -12.87 -3.00 4.66
N GLY B 37 -12.15 -1.91 4.96
CA GLY B 37 -11.55 -1.64 6.27
C GLY B 37 -10.79 -0.32 6.30
N LYS B 38 -10.49 0.18 7.50
CA LYS B 38 -9.85 1.49 7.72
C LYS B 38 -8.41 1.54 7.17
N ILE B 39 -8.15 2.43 6.21
CA ILE B 39 -6.79 2.79 5.78
C ILE B 39 -6.07 3.57 6.89
N LEU B 40 -4.79 3.27 7.09
CA LEU B 40 -3.87 3.97 8.01
C LEU B 40 -2.82 4.80 7.26
N ASP B 41 -2.40 4.36 6.08
CA ASP B 41 -1.41 5.03 5.22
C ASP B 41 -1.51 4.54 3.77
N VAL B 42 -0.96 5.29 2.81
CA VAL B 42 -0.94 4.99 1.37
C VAL B 42 0.33 5.58 0.75
N GLU B 43 0.94 4.89 -0.22
CA GLU B 43 2.00 5.47 -1.06
C GLU B 43 1.87 5.03 -2.51
N ILE B 44 2.45 5.83 -3.42
CA ILE B 44 2.56 5.55 -4.84
C ILE B 44 4.04 5.70 -5.19
N ILE B 45 4.53 4.70 -5.92
CA ILE B 45 5.93 4.49 -6.30
C ILE B 45 6.16 5.34 -7.54
N PHE B 46 7.34 5.92 -7.71
CA PHE B 46 7.62 6.81 -8.84
C PHE B 46 8.99 6.51 -9.44
N ASN B 47 9.28 7.29 -10.46
CA ASN B 47 10.63 7.50 -11.00
C ASN B 47 10.76 9.01 -11.18
N GLU B 48 9.83 9.54 -11.97
CA GLU B 48 9.59 10.94 -12.29
C GLU B 48 8.36 11.08 -13.17
N ARG B 49 8.11 10.07 -13.99
CA ARG B 49 7.03 10.01 -14.97
C ARG B 49 5.60 10.00 -14.40
N GLY B 50 5.48 9.70 -13.11
CA GLY B 50 4.23 9.44 -12.41
C GLY B 50 4.38 8.16 -11.61
N SER B 51 3.24 7.54 -11.29
CA SER B 51 3.22 6.20 -10.72
C SER B 51 4.16 5.27 -11.49
N LYS B 52 4.90 4.38 -10.80
CA LYS B 52 5.67 3.28 -11.41
C LYS B 52 4.78 2.16 -11.96
N GLY B 53 3.56 2.54 -12.31
CA GLY B 53 2.47 1.67 -12.64
C GLY B 53 1.77 0.98 -11.45
N PHE B 54 2.32 1.08 -10.23
CA PHE B 54 1.88 0.33 -9.05
C PHE B 54 1.79 1.25 -7.81
N GLY B 55 1.22 0.75 -6.70
CA GLY B 55 0.98 1.50 -5.47
C GLY B 55 0.97 0.60 -4.22
N PHE B 56 0.88 1.19 -3.03
CA PHE B 56 0.64 0.45 -1.78
C PHE B 56 -0.31 1.17 -0.83
N VAL B 57 -0.91 0.38 0.06
CA VAL B 57 -1.91 0.76 1.07
C VAL B 57 -1.56 0.09 2.40
N THR B 58 -1.96 0.68 3.53
CA THR B 58 -1.86 0.07 4.87
C THR B 58 -3.25 -0.01 5.51
N PHE B 59 -3.61 -1.19 6.02
CA PHE B 59 -4.93 -1.57 6.55
C PHE B 59 -4.83 -1.88 8.04
N GLU B 60 -5.82 -1.42 8.82
CA GLU B 60 -5.93 -1.63 10.28
C GLU B 60 -5.69 -3.07 10.75
N ASN B 61 -6.11 -4.07 9.94
CA ASN B 61 -5.89 -5.49 10.20
C ASN B 61 -5.90 -6.33 8.91
N SER B 62 -5.15 -7.43 8.91
CA SER B 62 -5.05 -8.36 7.76
C SER B 62 -6.37 -9.00 7.36
N ALA B 63 -7.27 -9.27 8.32
CA ALA B 63 -8.60 -9.84 8.06
C ALA B 63 -9.59 -8.89 7.35
N ASP B 64 -9.21 -7.64 7.07
CA ASP B 64 -9.93 -6.70 6.20
C ASP B 64 -9.08 -6.33 4.97
N ALA B 65 -7.75 -6.34 5.12
CA ALA B 65 -6.80 -6.21 4.02
C ALA B 65 -6.97 -7.32 2.96
N ASP B 66 -6.88 -8.59 3.35
CA ASP B 66 -7.04 -9.73 2.42
C ASP B 66 -8.47 -9.85 1.86
N ARG B 67 -9.47 -9.23 2.51
CA ARG B 67 -10.83 -9.08 1.97
C ARG B 67 -10.88 -8.04 0.85
N ALA B 68 -10.17 -6.91 0.98
CA ALA B 68 -9.98 -5.99 -0.14
C ALA B 68 -9.20 -6.65 -1.28
N ARG B 69 -8.18 -7.45 -0.96
CA ARG B 69 -7.35 -8.16 -1.91
C ARG B 69 -8.18 -9.09 -2.80
N GLU B 70 -9.00 -9.97 -2.23
CA GLU B 70 -9.82 -10.89 -3.03
C GLU B 70 -10.88 -10.16 -3.89
N LYS B 71 -11.31 -8.96 -3.46
CA LYS B 71 -12.32 -8.14 -4.16
C LYS B 71 -11.74 -7.32 -5.33
N LEU B 72 -10.61 -6.64 -5.13
CA LEU B 72 -9.98 -5.76 -6.12
C LEU B 72 -8.93 -6.47 -6.99
N HIS B 73 -8.29 -7.54 -6.52
CA HIS B 73 -7.44 -8.38 -7.40
C HIS B 73 -8.27 -8.97 -8.55
N GLY B 74 -7.94 -8.60 -9.78
CA GLY B 74 -8.65 -9.01 -11.00
C GLY B 74 -9.88 -8.18 -11.36
N THR B 75 -10.11 -7.03 -10.69
CA THR B 75 -11.12 -6.03 -11.11
C THR B 75 -10.46 -4.94 -11.95
N VAL B 76 -11.25 -4.12 -12.64
CA VAL B 76 -10.75 -3.08 -13.55
C VAL B 76 -11.25 -1.68 -13.19
N VAL B 77 -10.33 -0.71 -13.33
CA VAL B 77 -10.44 0.69 -12.91
C VAL B 77 -9.82 1.58 -13.99
N GLU B 78 -10.58 2.55 -14.50
CA GLU B 78 -10.27 3.37 -15.69
C GLU B 78 -9.65 2.58 -16.88
N GLY B 79 -10.17 1.37 -17.10
CA GLY B 79 -9.79 0.45 -18.19
C GLY B 79 -8.65 -0.52 -17.88
N ARG B 80 -7.96 -0.37 -16.74
CA ARG B 80 -6.85 -1.21 -16.30
C ARG B 80 -7.32 -2.28 -15.30
N LYS B 81 -7.15 -3.57 -15.60
CA LYS B 81 -7.34 -4.66 -14.63
C LYS B 81 -6.12 -4.72 -13.69
N ILE B 82 -6.34 -4.76 -12.39
CA ILE B 82 -5.29 -4.57 -11.35
C ILE B 82 -5.00 -5.82 -10.54
N GLU B 83 -3.78 -5.89 -10.00
CA GLU B 83 -3.38 -6.90 -9.00
C GLU B 83 -3.46 -6.30 -7.59
N VAL B 84 -3.57 -7.14 -6.56
CA VAL B 84 -3.48 -6.76 -5.15
C VAL B 84 -2.76 -7.86 -4.37
N ASN B 85 -1.82 -7.49 -3.50
CA ASN B 85 -0.89 -8.41 -2.84
C ASN B 85 -0.44 -7.93 -1.46
N ASN B 86 0.22 -8.79 -0.69
CA ASN B 86 0.97 -8.36 0.49
C ASN B 86 2.23 -7.60 0.03
N ALA B 87 2.62 -6.53 0.73
CA ALA B 87 3.85 -5.81 0.41
C ALA B 87 5.11 -6.55 0.94
N THR B 88 6.24 -6.41 0.25
CA THR B 88 7.44 -7.25 0.46
C THR B 88 8.73 -6.42 0.65
N ALA B 89 8.88 -5.86 1.87
CA ALA B 89 10.06 -5.18 2.45
C ALA B 89 10.78 -4.05 1.63
N ARG B 90 10.53 -2.76 1.97
CA ARG B 90 11.01 -1.55 1.25
C ARG B 90 12.51 -1.46 0.94
N VAL B 91 12.83 -0.62 -0.06
CA VAL B 91 14.18 -0.11 -0.38
C VAL B 91 14.86 0.38 0.91
N MET B 92 14.18 1.27 1.66
CA MET B 92 14.45 1.69 3.04
C MET B 92 13.33 2.67 3.50
N THR B 93 13.39 3.89 2.96
CA THR B 93 12.46 5.03 3.13
C THR B 93 11.85 5.22 4.52
N ASN B 94 12.67 5.69 5.46
CA ASN B 94 12.19 6.23 6.74
C ASN B 94 11.61 7.65 6.47
N LYS B 95 10.51 8.04 7.12
CA LYS B 95 9.86 9.36 6.91
C LYS B 95 9.10 9.82 8.16
N LYS B 96 8.97 11.16 8.34
CA LYS B 96 8.34 11.81 9.51
C LYS B 96 7.55 13.09 9.15
N THR B 97 7.37 13.38 7.85
CA THR B 97 6.83 14.65 7.33
C THR B 97 5.45 15.04 7.92
N VAL B 98 5.39 16.23 8.55
CA VAL B 98 4.19 16.83 9.15
C VAL B 98 4.39 18.36 9.28
N ASN B 99 3.33 19.11 9.57
CA ASN B 99 3.37 20.57 9.79
C ASN B 99 2.65 20.94 11.11
N PRO B 100 3.01 22.05 11.79
CA PRO B 100 2.39 22.46 13.07
C PRO B 100 0.89 22.83 12.94
N TYR B 101 0.42 23.05 11.71
CA TYR B 101 -0.98 23.20 11.31
C TYR B 101 -1.87 22.06 11.82
N THR B 102 -1.29 20.86 12.04
CA THR B 102 -1.98 19.65 12.52
C THR B 102 -2.75 19.82 13.85
N ASN B 103 -2.46 20.88 14.61
CA ASN B 103 -3.14 21.18 15.87
C ASN B 103 -4.53 21.83 15.68
N GLY B 104 -5.38 21.70 16.72
CA GLY B 104 -6.73 22.27 16.79
C GLY B 104 -7.49 21.87 18.06
N GLY B 1 23.30 -16.82 24.68
CA GLY B 1 23.45 -15.70 23.72
C GLY B 1 22.09 -15.20 23.23
N SER B 2 22.04 -13.92 22.81
CA SER B 2 20.83 -13.27 22.29
C SER B 2 20.27 -13.91 21.01
N HIS B 3 18.96 -13.73 20.76
CA HIS B 3 18.26 -14.22 19.56
C HIS B 3 17.13 -13.24 19.14
N MET B 4 16.77 -13.27 17.86
CA MET B 4 15.73 -12.40 17.27
C MET B 4 14.32 -12.66 17.85
N ASN B 5 13.41 -11.69 17.70
CA ASN B 5 12.04 -11.73 18.25
C ASN B 5 10.99 -11.15 17.29
N THR B 6 9.72 -11.40 17.60
CA THR B 6 8.52 -10.91 16.86
C THR B 6 8.61 -11.16 15.34
N GLU B 7 9.08 -12.36 14.99
CA GLU B 7 9.40 -12.78 13.61
C GLU B 7 8.16 -13.08 12.73
N ASN B 8 6.96 -13.11 13.32
CA ASN B 8 5.72 -13.61 12.68
C ASN B 8 4.44 -12.80 12.98
N LYS B 9 4.55 -11.53 13.43
CA LYS B 9 3.40 -10.73 13.89
C LYS B 9 3.43 -9.25 13.46
N SER B 10 2.29 -8.78 12.95
CA SER B 10 1.93 -7.40 12.67
C SER B 10 0.45 -7.16 13.02
N GLN B 11 0.17 -6.06 13.74
CA GLN B 11 -1.21 -5.64 14.04
C GLN B 11 -2.00 -5.31 12.75
N PRO B 12 -1.50 -4.37 11.92
CA PRO B 12 -2.05 -4.09 10.59
C PRO B 12 -1.51 -5.06 9.53
N LYS B 13 -1.79 -4.72 8.26
CA LYS B 13 -1.18 -5.37 7.09
C LYS B 13 -0.92 -4.36 5.96
N ARG B 14 0.29 -4.39 5.37
CA ARG B 14 0.65 -3.64 4.15
C ARG B 14 0.22 -4.41 2.91
N LEU B 15 -0.29 -3.67 1.94
CA LEU B 15 -0.97 -4.18 0.76
C LEU B 15 -0.49 -3.46 -0.50
N HIS B 16 0.39 -4.12 -1.27
CA HIS B 16 0.82 -3.71 -2.61
C HIS B 16 -0.35 -3.74 -3.59
N VAL B 17 -0.32 -2.82 -4.56
CA VAL B 17 -1.21 -2.80 -5.73
C VAL B 17 -0.39 -2.49 -6.97
N SER B 18 -0.81 -3.02 -8.11
CA SER B 18 -0.12 -2.88 -9.41
C SER B 18 -1.10 -2.48 -10.53
N ASN B 19 -0.58 -2.04 -11.67
CA ASN B 19 -1.28 -1.61 -12.89
C ASN B 19 -2.28 -0.44 -12.75
N ILE B 20 -2.29 0.27 -11.62
CA ILE B 20 -3.12 1.47 -11.40
C ILE B 20 -2.75 2.63 -12.35
N PRO B 21 -3.62 3.63 -12.61
CA PRO B 21 -3.31 4.78 -13.47
C PRO B 21 -2.06 5.58 -13.11
N PHE B 22 -1.42 6.15 -14.12
CA PHE B 22 -0.36 7.15 -14.00
C PHE B 22 -0.80 8.42 -13.25
N ARG B 23 -2.13 8.67 -13.15
CA ARG B 23 -2.72 9.88 -12.55
C ARG B 23 -3.58 9.62 -11.30
N PHE B 24 -3.61 8.37 -10.82
CA PHE B 24 -4.16 8.03 -9.51
C PHE B 24 -3.38 8.73 -8.37
N ARG B 25 -4.03 8.90 -7.22
CA ARG B 25 -3.46 9.57 -6.03
C ARG B 25 -3.79 8.78 -4.77
N ASP B 26 -3.15 9.09 -3.65
CA ASP B 26 -3.46 8.54 -2.34
C ASP B 26 -4.96 8.59 -1.97
N PRO B 27 -5.73 9.68 -2.23
CA PRO B 27 -7.17 9.69 -2.04
C PRO B 27 -7.91 8.82 -3.06
N ASP B 28 -7.43 8.73 -4.29
CA ASP B 28 -8.03 7.83 -5.31
C ASP B 28 -7.86 6.35 -4.91
N LEU B 29 -6.70 5.99 -4.34
CA LEU B 29 -6.46 4.65 -3.79
C LEU B 29 -7.33 4.39 -2.56
N ARG B 30 -7.26 5.22 -1.52
CA ARG B 30 -7.99 4.93 -0.25
C ARG B 30 -9.51 4.94 -0.41
N GLN B 31 -10.05 5.65 -1.41
CA GLN B 31 -11.46 5.56 -1.79
C GLN B 31 -11.84 4.17 -2.32
N MET B 32 -11.01 3.59 -3.20
CA MET B 32 -11.21 2.25 -3.77
C MET B 32 -11.02 1.13 -2.74
N PHE B 33 -10.04 1.25 -1.84
CA PHE B 33 -9.68 0.22 -0.87
C PHE B 33 -10.45 0.32 0.47
N GLY B 34 -10.77 1.54 0.93
CA GLY B 34 -11.40 1.79 2.22
C GLY B 34 -12.84 1.29 2.40
N GLN B 35 -13.53 0.96 1.31
CA GLN B 35 -14.84 0.31 1.35
C GLN B 35 -14.83 -1.11 1.98
N PHE B 36 -13.65 -1.70 2.20
CA PHE B 36 -13.46 -3.06 2.76
C PHE B 36 -12.70 -3.09 4.10
N GLY B 37 -12.21 -1.96 4.60
CA GLY B 37 -11.56 -1.83 5.91
C GLY B 37 -10.87 -0.47 6.07
N LYS B 38 -10.62 -0.03 7.31
CA LYS B 38 -9.99 1.27 7.62
C LYS B 38 -8.55 1.34 7.13
N ILE B 39 -8.24 2.30 6.26
CA ILE B 39 -6.86 2.64 5.88
C ILE B 39 -6.12 3.35 7.03
N LEU B 40 -4.84 3.02 7.18
CA LEU B 40 -3.90 3.58 8.16
C LEU B 40 -2.82 4.47 7.49
N ASP B 41 -2.41 4.12 6.27
CA ASP B 41 -1.40 4.82 5.45
C ASP B 41 -1.53 4.40 3.97
N VAL B 42 -0.99 5.22 3.04
CA VAL B 42 -1.04 4.99 1.58
C VAL B 42 0.26 5.51 0.94
N GLU B 43 0.68 4.92 -0.18
CA GLU B 43 1.87 5.34 -0.94
C GLU B 43 1.70 5.12 -2.46
N ILE B 44 2.35 5.97 -3.29
CA ILE B 44 2.49 5.81 -4.75
C ILE B 44 3.97 5.96 -5.10
N ILE B 45 4.43 5.15 -6.06
CA ILE B 45 5.86 4.92 -6.35
C ILE B 45 6.21 5.70 -7.62
N PHE B 46 7.29 6.49 -7.60
CA PHE B 46 7.61 7.44 -8.68
C PHE B 46 8.94 7.14 -9.38
N ASN B 47 9.21 7.97 -10.37
CA ASN B 47 10.35 7.97 -11.29
C ASN B 47 10.47 9.39 -11.85
N GLU B 48 9.51 9.74 -12.69
CA GLU B 48 9.17 11.06 -13.19
C GLU B 48 7.66 11.08 -13.29
N ARG B 49 7.16 10.15 -14.12
CA ARG B 49 5.83 10.06 -14.73
C ARG B 49 4.60 10.39 -13.88
N GLY B 50 4.66 10.18 -12.56
CA GLY B 50 3.52 10.35 -11.65
C GLY B 50 3.05 9.05 -11.00
N SER B 51 3.54 7.95 -11.56
CA SER B 51 3.47 6.61 -11.04
C SER B 51 4.33 5.66 -11.87
N LYS B 52 5.19 4.86 -11.21
CA LYS B 52 5.83 3.65 -11.76
C LYS B 52 4.75 2.58 -12.08
N GLY B 53 3.50 2.89 -11.76
CA GLY B 53 2.32 2.15 -12.15
C GLY B 53 1.70 1.37 -11.00
N PHE B 54 2.26 1.52 -9.80
CA PHE B 54 1.96 0.72 -8.63
C PHE B 54 1.94 1.58 -7.36
N GLY B 55 1.38 1.05 -6.29
CA GLY B 55 1.21 1.75 -5.01
C GLY B 55 1.07 0.76 -3.85
N PHE B 56 0.91 1.29 -2.63
CA PHE B 56 0.64 0.46 -1.46
C PHE B 56 -0.35 1.16 -0.53
N VAL B 57 -0.91 0.35 0.36
CA VAL B 57 -1.93 0.70 1.34
C VAL B 57 -1.60 -0.01 2.66
N THR B 58 -2.05 0.53 3.79
CA THR B 58 -2.01 -0.15 5.09
C THR B 58 -3.42 -0.31 5.65
N PHE B 59 -3.78 -1.54 6.04
CA PHE B 59 -5.10 -1.92 6.53
C PHE B 59 -5.07 -2.22 8.02
N GLU B 60 -6.16 -1.92 8.72
CA GLU B 60 -6.31 -2.08 10.17
C GLU B 60 -5.92 -3.47 10.72
N ASN B 61 -6.13 -4.55 9.95
CA ASN B 61 -5.63 -5.91 10.20
C ASN B 61 -5.73 -6.79 8.94
N SER B 62 -5.04 -7.92 8.95
CA SER B 62 -4.99 -8.90 7.84
C SER B 62 -6.36 -9.43 7.40
N ALA B 63 -7.27 -9.72 8.34
CA ALA B 63 -8.59 -10.27 8.03
C ALA B 63 -9.56 -9.27 7.36
N ASP B 64 -9.21 -7.99 7.25
CA ASP B 64 -9.95 -6.99 6.45
C ASP B 64 -9.16 -6.58 5.19
N ALA B 65 -7.83 -6.63 5.26
CA ALA B 65 -6.95 -6.51 4.09
C ALA B 65 -7.26 -7.60 3.04
N ASP B 66 -7.41 -8.85 3.47
CA ASP B 66 -7.77 -9.99 2.59
C ASP B 66 -9.10 -9.78 1.86
N ARG B 67 -10.10 -9.15 2.49
CA ARG B 67 -11.38 -8.82 1.85
C ARG B 67 -11.20 -7.79 0.73
N ALA B 68 -10.31 -6.81 0.91
CA ALA B 68 -9.96 -5.88 -0.16
C ALA B 68 -9.25 -6.60 -1.30
N ARG B 69 -8.28 -7.47 -1.01
CA ARG B 69 -7.52 -8.19 -2.01
C ARG B 69 -8.41 -9.09 -2.87
N GLU B 70 -9.30 -9.88 -2.29
CA GLU B 70 -10.19 -10.74 -3.08
C GLU B 70 -11.15 -9.93 -3.98
N LYS B 71 -11.50 -8.69 -3.57
CA LYS B 71 -12.38 -7.79 -4.33
C LYS B 71 -11.66 -7.02 -5.44
N LEU B 72 -10.51 -6.42 -5.16
CA LEU B 72 -9.76 -5.56 -6.08
C LEU B 72 -8.75 -6.32 -6.97
N HIS B 73 -8.13 -7.40 -6.48
CA HIS B 73 -7.26 -8.23 -7.33
C HIS B 73 -8.02 -8.80 -8.54
N GLY B 74 -7.58 -8.46 -9.76
CA GLY B 74 -8.19 -8.87 -11.02
C GLY B 74 -9.43 -8.05 -11.44
N THR B 75 -9.73 -6.93 -10.78
CA THR B 75 -10.73 -5.96 -11.26
C THR B 75 -10.03 -4.90 -12.11
N VAL B 76 -10.77 -4.13 -12.92
CA VAL B 76 -10.22 -3.13 -13.84
C VAL B 76 -10.71 -1.73 -13.52
N VAL B 77 -9.80 -0.76 -13.69
CA VAL B 77 -9.96 0.65 -13.32
C VAL B 77 -9.36 1.53 -14.42
N GLU B 78 -10.14 2.48 -14.92
CA GLU B 78 -9.86 3.29 -16.13
C GLU B 78 -9.28 2.51 -17.34
N GLY B 79 -9.64 1.23 -17.44
CA GLY B 79 -9.29 0.31 -18.53
C GLY B 79 -8.15 -0.68 -18.24
N ARG B 80 -7.54 -0.67 -17.05
CA ARG B 80 -6.40 -1.53 -16.67
C ARG B 80 -6.74 -2.43 -15.48
N LYS B 81 -6.55 -3.75 -15.64
CA LYS B 81 -6.74 -4.79 -14.59
C LYS B 81 -5.60 -4.74 -13.57
N ILE B 82 -5.93 -4.56 -12.29
CA ILE B 82 -4.95 -4.33 -11.20
C ILE B 82 -4.65 -5.59 -10.42
N GLU B 83 -3.40 -5.70 -9.94
CA GLU B 83 -3.00 -6.73 -8.98
C GLU B 83 -3.11 -6.14 -7.56
N VAL B 84 -3.33 -7.00 -6.55
CA VAL B 84 -3.29 -6.64 -5.12
C VAL B 84 -2.61 -7.78 -4.35
N ASN B 85 -1.69 -7.44 -3.46
CA ASN B 85 -0.76 -8.37 -2.83
C ASN B 85 -0.33 -7.96 -1.42
N ASN B 86 0.24 -8.88 -0.65
CA ASN B 86 0.97 -8.50 0.55
C ASN B 86 2.26 -7.77 0.13
N ALA B 87 2.62 -6.70 0.83
CA ALA B 87 3.86 -5.99 0.54
C ALA B 87 5.09 -6.78 1.04
N THR B 88 6.24 -6.64 0.37
CA THR B 88 7.46 -7.45 0.59
C THR B 88 8.60 -6.61 1.17
N ALA B 89 9.88 -6.96 0.99
CA ALA B 89 11.03 -6.09 1.31
C ALA B 89 11.24 -4.99 0.24
N ARG B 90 11.52 -3.75 0.65
CA ARG B 90 11.80 -2.59 -0.22
C ARG B 90 13.04 -2.75 -1.12
N VAL B 91 13.26 -1.72 -1.95
CA VAL B 91 14.33 -1.57 -2.96
C VAL B 91 15.73 -2.06 -2.53
N MET B 92 16.51 -2.56 -3.48
CA MET B 92 17.90 -3.04 -3.27
C MET B 92 18.95 -1.93 -3.01
N THR B 93 18.64 -0.66 -3.25
CA THR B 93 19.63 0.42 -3.29
C THR B 93 20.45 0.57 -1.99
N ASN B 94 21.75 0.81 -2.15
CA ASN B 94 22.76 0.90 -1.10
C ASN B 94 23.71 2.11 -1.33
N LYS B 95 24.50 2.49 -0.31
CA LYS B 95 25.42 3.65 -0.31
C LYS B 95 24.72 4.97 -0.72
N LYS B 96 23.81 5.42 0.14
CA LYS B 96 22.85 6.51 -0.08
C LYS B 96 23.01 7.68 0.90
N THR B 97 22.15 8.69 0.76
CA THR B 97 22.11 9.96 1.51
C THR B 97 22.08 9.82 3.03
N VAL B 98 22.76 10.73 3.74
CA VAL B 98 22.76 10.88 5.20
C VAL B 98 23.15 12.32 5.59
N ASN B 99 22.57 12.85 6.67
CA ASN B 99 22.69 14.24 7.11
C ASN B 99 22.61 14.35 8.66
N PRO B 100 22.97 15.49 9.29
CA PRO B 100 22.68 15.72 10.71
C PRO B 100 21.17 15.90 11.01
N TYR B 101 20.33 15.94 9.95
CA TYR B 101 18.87 15.92 9.96
C TYR B 101 18.31 14.51 9.65
N THR B 102 19.14 13.47 9.76
CA THR B 102 18.72 12.05 9.71
C THR B 102 19.41 11.26 10.83
N ASN B 103 19.08 9.96 10.97
CA ASN B 103 19.52 9.09 12.08
C ASN B 103 21.01 8.63 11.96
N GLY B 104 21.94 9.55 11.71
CA GLY B 104 23.39 9.28 11.56
C GLY B 104 24.27 10.53 11.65
N GLY B 1 9.37 -20.10 17.86
CA GLY B 1 10.46 -20.49 18.79
C GLY B 1 10.53 -22.00 18.99
N SER B 2 11.45 -22.46 19.84
CA SER B 2 11.79 -23.88 20.08
C SER B 2 10.63 -24.79 20.57
N HIS B 3 9.55 -24.18 21.07
CA HIS B 3 8.33 -24.83 21.59
C HIS B 3 7.07 -24.23 20.92
N MET B 4 7.21 -23.82 19.66
CA MET B 4 6.27 -23.03 18.85
C MET B 4 6.07 -21.61 19.43
N ASN B 5 5.36 -21.49 20.56
CA ASN B 5 5.11 -20.27 21.32
C ASN B 5 4.87 -18.99 20.49
N THR B 6 4.00 -19.10 19.47
CA THR B 6 3.68 -18.01 18.52
C THR B 6 3.04 -16.81 19.21
N GLU B 7 3.55 -15.59 18.93
CA GLU B 7 3.02 -14.32 19.48
C GLU B 7 2.84 -13.20 18.42
N ASN B 8 3.36 -13.39 17.20
CA ASN B 8 3.44 -12.41 16.11
C ASN B 8 4.21 -11.09 16.46
N LYS B 9 4.45 -10.23 15.46
CA LYS B 9 5.10 -8.91 15.59
C LYS B 9 4.46 -7.83 14.71
N SER B 10 3.14 -7.85 14.65
CA SER B 10 2.33 -6.83 13.96
C SER B 10 0.92 -6.72 14.55
N GLN B 11 0.20 -5.69 14.08
CA GLN B 11 -1.22 -5.43 14.29
C GLN B 11 -1.90 -5.19 12.92
N PRO B 12 -1.42 -4.23 12.11
CA PRO B 12 -1.89 -4.03 10.75
C PRO B 12 -1.35 -5.05 9.73
N LYS B 13 -1.74 -4.84 8.46
CA LYS B 13 -1.23 -5.56 7.28
C LYS B 13 -0.95 -4.59 6.13
N ARG B 14 0.20 -4.75 5.48
CA ARG B 14 0.62 -4.01 4.27
C ARG B 14 0.10 -4.68 3.01
N LEU B 15 -0.21 -3.85 2.02
CA LEU B 15 -0.79 -4.20 0.74
C LEU B 15 -0.12 -3.44 -0.41
N HIS B 16 0.02 -4.10 -1.55
CA HIS B 16 0.55 -3.59 -2.82
C HIS B 16 -0.57 -3.56 -3.86
N VAL B 17 -0.50 -2.65 -4.82
CA VAL B 17 -1.37 -2.62 -6.00
C VAL B 17 -0.56 -2.40 -7.27
N SER B 18 -1.06 -2.88 -8.40
CA SER B 18 -0.40 -2.75 -9.71
C SER B 18 -1.41 -2.38 -10.81
N ASN B 19 -0.92 -2.02 -12.01
CA ASN B 19 -1.66 -1.60 -13.20
C ASN B 19 -2.59 -0.37 -13.04
N ILE B 20 -2.49 0.37 -11.93
CA ILE B 20 -3.27 1.61 -11.69
C ILE B 20 -2.88 2.74 -12.64
N PRO B 21 -3.72 3.77 -12.89
CA PRO B 21 -3.37 4.92 -13.72
C PRO B 21 -2.09 5.66 -13.32
N PHE B 22 -1.41 6.19 -14.34
CA PHE B 22 -0.29 7.12 -14.19
C PHE B 22 -0.66 8.42 -13.46
N ARG B 23 -1.97 8.72 -13.32
CA ARG B 23 -2.51 9.97 -12.76
C ARG B 23 -3.42 9.79 -11.52
N PHE B 24 -3.49 8.57 -10.98
CA PHE B 24 -4.12 8.29 -9.67
C PHE B 24 -3.44 9.05 -8.52
N ARG B 25 -4.14 9.16 -7.38
CA ARG B 25 -3.69 9.84 -6.16
C ARG B 25 -3.92 8.96 -4.94
N ASP B 26 -3.28 9.29 -3.82
CA ASP B 26 -3.52 8.65 -2.52
C ASP B 26 -5.00 8.60 -2.10
N PRO B 27 -5.84 9.65 -2.33
CA PRO B 27 -7.28 9.57 -2.15
C PRO B 27 -7.95 8.66 -3.18
N ASP B 28 -7.50 8.67 -4.44
CA ASP B 28 -8.03 7.73 -5.46
C ASP B 28 -7.80 6.26 -5.06
N LEU B 29 -6.65 5.97 -4.44
CA LEU B 29 -6.37 4.66 -3.87
C LEU B 29 -7.21 4.37 -2.62
N ARG B 30 -7.02 5.14 -1.54
CA ARG B 30 -7.61 4.78 -0.22
C ARG B 30 -9.14 4.70 -0.20
N GLN B 31 -9.83 5.48 -1.03
CA GLN B 31 -11.29 5.43 -1.17
C GLN B 31 -11.80 4.11 -1.79
N MET B 32 -11.03 3.49 -2.71
CA MET B 32 -11.36 2.18 -3.28
C MET B 32 -11.21 1.05 -2.24
N PHE B 33 -10.13 1.09 -1.45
CA PHE B 33 -9.81 0.07 -0.45
C PHE B 33 -10.61 0.20 0.87
N GLY B 34 -10.93 1.43 1.30
CA GLY B 34 -11.53 1.70 2.61
C GLY B 34 -12.98 1.23 2.82
N GLN B 35 -13.65 0.76 1.78
CA GLN B 35 -14.96 0.08 1.91
C GLN B 35 -14.88 -1.29 2.63
N PHE B 36 -13.68 -1.87 2.79
CA PHE B 36 -13.46 -3.18 3.44
C PHE B 36 -12.86 -3.09 4.85
N GLY B 37 -12.28 -1.95 5.23
CA GLY B 37 -11.67 -1.70 6.54
C GLY B 37 -10.91 -0.37 6.58
N LYS B 38 -10.51 0.09 7.77
CA LYS B 38 -9.79 1.36 7.96
C LYS B 38 -8.36 1.28 7.40
N ILE B 39 -8.04 2.19 6.46
CA ILE B 39 -6.67 2.40 5.98
C ILE B 39 -5.90 3.26 7.00
N LEU B 40 -4.64 2.89 7.24
CA LEU B 40 -3.69 3.54 8.15
C LEU B 40 -2.59 4.33 7.39
N ASP B 41 -2.28 3.94 6.14
CA ASP B 41 -1.28 4.58 5.27
C ASP B 41 -1.55 4.25 3.80
N VAL B 42 -1.08 5.09 2.87
CA VAL B 42 -1.13 4.89 1.42
C VAL B 42 0.15 5.45 0.76
N GLU B 43 0.57 4.87 -0.36
CA GLU B 43 1.77 5.29 -1.08
C GLU B 43 1.66 5.08 -2.60
N ILE B 44 2.37 5.91 -3.37
CA ILE B 44 2.54 5.78 -4.83
C ILE B 44 4.04 5.93 -5.14
N ILE B 45 4.53 5.06 -6.01
CA ILE B 45 5.97 4.87 -6.27
C ILE B 45 6.30 5.60 -7.56
N PHE B 46 7.27 6.52 -7.51
CA PHE B 46 7.61 7.41 -8.64
C PHE B 46 8.96 7.04 -9.25
N ASN B 47 9.25 7.68 -10.39
CA ASN B 47 10.62 7.75 -10.96
C ASN B 47 10.95 9.13 -11.58
N GLU B 48 9.98 9.60 -12.33
CA GLU B 48 9.73 10.95 -12.84
C GLU B 48 8.24 10.92 -13.04
N ARG B 49 7.83 10.08 -13.99
CA ARG B 49 6.52 9.90 -14.65
C ARG B 49 5.27 10.40 -13.92
N GLY B 50 5.22 10.08 -12.65
CA GLY B 50 4.11 10.16 -11.72
C GLY B 50 4.09 8.78 -11.09
N SER B 51 2.93 8.14 -11.04
CA SER B 51 2.89 6.72 -10.68
C SER B 51 3.69 5.87 -11.67
N LYS B 52 4.72 5.18 -11.17
CA LYS B 52 5.49 4.12 -11.83
C LYS B 52 4.68 2.82 -11.96
N GLY B 53 3.41 3.00 -12.28
CA GLY B 53 2.42 1.97 -12.50
C GLY B 53 1.78 1.36 -11.25
N PHE B 54 2.39 1.52 -10.06
CA PHE B 54 2.00 0.76 -8.86
C PHE B 54 1.92 1.62 -7.58
N GLY B 55 1.38 1.04 -6.51
CA GLY B 55 1.11 1.70 -5.22
C GLY B 55 1.14 0.74 -4.03
N PHE B 56 0.98 1.27 -2.82
CA PHE B 56 0.76 0.48 -1.59
C PHE B 56 -0.27 1.12 -0.66
N VAL B 57 -0.69 0.33 0.32
CA VAL B 57 -1.71 0.62 1.34
C VAL B 57 -1.33 -0.11 2.65
N THR B 58 -1.79 0.40 3.78
CA THR B 58 -1.76 -0.31 5.07
C THR B 58 -3.16 -0.36 5.68
N PHE B 59 -3.56 -1.53 6.19
CA PHE B 59 -4.89 -1.85 6.71
C PHE B 59 -4.85 -2.17 8.20
N GLU B 60 -5.92 -1.84 8.93
CA GLU B 60 -6.03 -2.04 10.38
C GLU B 60 -5.67 -3.45 10.90
N ASN B 61 -5.96 -4.50 10.11
CA ASN B 61 -5.48 -5.88 10.31
C ASN B 61 -5.63 -6.74 9.04
N SER B 62 -4.96 -7.89 9.01
CA SER B 62 -4.92 -8.81 7.86
C SER B 62 -6.28 -9.36 7.43
N ALA B 63 -7.19 -9.63 8.37
CA ALA B 63 -8.53 -10.17 8.09
C ALA B 63 -9.53 -9.15 7.48
N ASP B 64 -9.10 -7.92 7.20
CA ASP B 64 -9.83 -6.92 6.43
C ASP B 64 -9.06 -6.52 5.17
N ALA B 65 -7.71 -6.51 5.24
CA ALA B 65 -6.81 -6.36 4.11
C ALA B 65 -7.05 -7.45 3.04
N ASP B 66 -7.05 -8.73 3.44
CA ASP B 66 -7.23 -9.88 2.54
C ASP B 66 -8.54 -9.83 1.77
N ARG B 67 -9.58 -9.34 2.45
CA ARG B 67 -10.92 -9.20 1.89
C ARG B 67 -10.91 -8.21 0.72
N ALA B 68 -10.20 -7.10 0.88
CA ALA B 68 -9.99 -6.14 -0.20
C ALA B 68 -9.19 -6.74 -1.36
N ARG B 69 -8.15 -7.55 -1.09
CA ARG B 69 -7.38 -8.18 -2.18
C ARG B 69 -8.28 -8.99 -3.09
N GLU B 70 -9.10 -9.91 -2.55
CA GLU B 70 -9.92 -10.77 -3.41
C GLU B 70 -10.98 -10.00 -4.22
N LYS B 71 -11.45 -8.85 -3.69
CA LYS B 71 -12.46 -8.00 -4.31
C LYS B 71 -11.89 -7.12 -5.44
N LEU B 72 -10.76 -6.45 -5.20
CA LEU B 72 -10.16 -5.48 -6.11
C LEU B 72 -9.11 -6.10 -7.06
N HIS B 73 -8.45 -7.20 -6.69
CA HIS B 73 -7.60 -7.97 -7.63
C HIS B 73 -8.42 -8.44 -8.83
N GLY B 74 -8.10 -7.90 -10.01
CA GLY B 74 -8.82 -8.16 -11.27
C GLY B 74 -9.89 -7.12 -11.64
N THR B 75 -10.05 -6.04 -10.87
CA THR B 75 -10.87 -4.87 -11.24
C THR B 75 -10.17 -4.07 -12.33
N VAL B 76 -10.83 -3.81 -13.45
CA VAL B 76 -10.31 -2.95 -14.51
C VAL B 76 -10.77 -1.50 -14.31
N VAL B 77 -9.79 -0.59 -14.30
CA VAL B 77 -9.96 0.84 -14.12
C VAL B 77 -9.21 1.55 -15.25
N GLU B 78 -9.79 2.56 -15.88
CA GLU B 78 -9.29 3.18 -17.13
C GLU B 78 -8.72 2.16 -18.16
N GLY B 79 -9.46 1.06 -18.34
CA GLY B 79 -9.17 -0.04 -19.27
C GLY B 79 -8.11 -1.05 -18.80
N ARG B 80 -7.60 -0.95 -17.56
CA ARG B 80 -6.45 -1.69 -17.05
C ARG B 80 -6.79 -2.48 -15.78
N LYS B 81 -6.78 -3.81 -15.90
CA LYS B 81 -7.01 -4.81 -14.84
C LYS B 81 -5.90 -4.77 -13.77
N ILE B 82 -6.21 -4.22 -12.60
CA ILE B 82 -5.29 -4.03 -11.47
C ILE B 82 -4.98 -5.34 -10.73
N GLU B 83 -3.84 -5.35 -10.03
CA GLU B 83 -3.49 -6.40 -9.09
C GLU B 83 -3.57 -5.87 -7.65
N VAL B 84 -3.75 -6.75 -6.67
CA VAL B 84 -3.65 -6.44 -5.23
C VAL B 84 -2.95 -7.60 -4.51
N ASN B 85 -1.96 -7.26 -3.70
CA ASN B 85 -0.99 -8.19 -3.11
C ASN B 85 -0.58 -7.79 -1.70
N ASN B 86 0.18 -8.63 -1.00
CA ASN B 86 0.92 -8.18 0.18
C ASN B 86 2.12 -7.35 -0.31
N ALA B 87 2.57 -6.36 0.46
CA ALA B 87 3.84 -5.70 0.16
C ALA B 87 5.02 -6.62 0.58
N THR B 88 6.16 -6.52 -0.10
CA THR B 88 7.35 -7.36 0.08
C THR B 88 8.61 -6.50 0.37
N ALA B 89 9.83 -7.01 0.34
CA ALA B 89 11.04 -6.23 0.69
C ALA B 89 11.29 -4.98 -0.21
N ARG B 90 11.49 -3.79 0.40
CA ARG B 90 11.79 -2.48 -0.23
C ARG B 90 13.18 -2.40 -0.91
N VAL B 91 13.38 -1.33 -1.70
CA VAL B 91 14.70 -0.91 -2.24
C VAL B 91 15.61 -0.51 -1.06
N MET B 92 15.12 0.34 -0.14
CA MET B 92 15.67 0.72 1.20
C MET B 92 15.21 2.08 1.76
N THR B 93 14.84 3.04 0.92
CA THR B 93 14.67 4.44 1.36
C THR B 93 13.52 4.64 2.36
N ASN B 94 13.74 5.49 3.35
CA ASN B 94 12.72 5.99 4.28
C ASN B 94 12.89 7.50 4.58
N LYS B 95 11.77 8.23 4.59
CA LYS B 95 11.72 9.67 4.99
C LYS B 95 11.92 9.85 6.51
N LYS B 96 12.06 11.12 6.94
CA LYS B 96 12.24 11.54 8.36
C LYS B 96 11.49 12.85 8.65
N THR B 97 10.30 13.01 8.06
CA THR B 97 9.40 14.17 8.21
C THR B 97 8.93 14.39 9.66
N VAL B 98 8.46 15.62 9.95
CA VAL B 98 7.99 16.07 11.27
C VAL B 98 6.85 17.10 11.11
N ASN B 99 6.04 17.29 12.16
CA ASN B 99 4.82 18.11 12.14
C ASN B 99 4.63 18.91 13.45
N PRO B 100 4.11 20.16 13.39
CA PRO B 100 3.70 20.92 14.58
C PRO B 100 2.35 20.45 15.14
N TYR B 101 1.36 20.14 14.28
CA TYR B 101 -0.02 19.74 14.62
C TYR B 101 -0.08 18.59 15.64
N THR B 102 0.85 17.63 15.54
CA THR B 102 0.99 16.45 16.39
C THR B 102 1.43 16.74 17.83
N ASN B 103 1.75 17.99 18.17
CA ASN B 103 2.14 18.40 19.53
C ASN B 103 1.57 19.77 19.99
N GLY B 104 1.33 20.71 19.07
CA GLY B 104 0.77 22.04 19.37
C GLY B 104 0.88 23.00 18.20
N GLY B 1 17.23 -19.57 15.15
CA GLY B 1 17.49 -18.26 14.51
C GLY B 1 16.42 -17.23 14.87
N SER B 2 16.80 -15.95 14.87
CA SER B 2 15.96 -14.82 15.35
C SER B 2 16.00 -13.60 14.40
N HIS B 3 16.51 -13.79 13.18
CA HIS B 3 16.77 -12.74 12.18
C HIS B 3 15.51 -12.12 11.53
N MET B 4 14.32 -12.70 11.79
CA MET B 4 13.01 -12.24 11.29
C MET B 4 11.88 -12.54 12.30
N ASN B 5 10.71 -11.93 12.09
CA ASN B 5 9.55 -12.01 12.99
C ASN B 5 8.21 -11.86 12.24
N THR B 6 7.12 -12.29 12.90
CA THR B 6 5.73 -12.23 12.40
C THR B 6 4.79 -11.89 13.56
N GLU B 7 3.83 -10.99 13.34
CA GLU B 7 2.80 -10.46 14.26
C GLU B 7 3.25 -9.88 15.62
N ASN B 8 4.53 -10.04 16.00
CA ASN B 8 5.13 -9.43 17.19
C ASN B 8 5.03 -7.90 17.14
N LYS B 9 4.42 -7.29 18.17
CA LYS B 9 4.13 -5.85 18.29
C LYS B 9 3.48 -5.21 17.06
N SER B 10 2.50 -5.89 16.48
CA SER B 10 1.64 -5.34 15.42
C SER B 10 0.20 -5.85 15.42
N GLN B 11 -0.60 -5.21 14.58
CA GLN B 11 -2.03 -5.32 14.38
C GLN B 11 -2.38 -5.20 12.88
N PRO B 12 -1.90 -4.15 12.17
CA PRO B 12 -2.22 -3.94 10.77
C PRO B 12 -1.48 -4.87 9.80
N LYS B 13 -1.81 -4.70 8.51
CA LYS B 13 -1.26 -5.43 7.36
C LYS B 13 -0.99 -4.47 6.20
N ARG B 14 0.05 -4.71 5.41
CA ARG B 14 0.37 -3.93 4.20
C ARG B 14 0.03 -4.70 2.93
N LEU B 15 -0.23 -3.92 1.89
CA LEU B 15 -0.78 -4.32 0.60
C LEU B 15 -0.04 -3.61 -0.52
N HIS B 16 0.04 -4.29 -1.65
CA HIS B 16 0.63 -3.87 -2.92
C HIS B 16 -0.45 -3.87 -3.99
N VAL B 17 -0.35 -2.98 -4.97
CA VAL B 17 -1.18 -3.00 -6.18
C VAL B 17 -0.34 -2.76 -7.42
N SER B 18 -0.79 -3.31 -8.54
CA SER B 18 -0.16 -3.15 -9.86
C SER B 18 -1.22 -2.84 -10.93
N ASN B 19 -0.79 -2.19 -12.01
CA ASN B 19 -1.57 -1.81 -13.21
C ASN B 19 -2.61 -0.69 -13.02
N ILE B 20 -2.62 0.00 -11.87
CA ILE B 20 -3.44 1.21 -11.62
C ILE B 20 -3.08 2.37 -12.58
N PRO B 21 -3.91 3.40 -12.80
CA PRO B 21 -3.58 4.55 -13.63
C PRO B 21 -2.35 5.33 -13.17
N PHE B 22 -1.63 5.90 -14.14
CA PHE B 22 -0.59 6.90 -13.86
C PHE B 22 -1.14 8.14 -13.13
N ARG B 23 -2.47 8.37 -13.21
CA ARG B 23 -3.16 9.55 -12.63
C ARG B 23 -3.81 9.30 -11.26
N PHE B 24 -3.74 8.07 -10.74
CA PHE B 24 -4.12 7.79 -9.34
C PHE B 24 -3.16 8.46 -8.37
N ARG B 25 -3.65 8.78 -7.17
CA ARG B 25 -2.89 9.40 -6.06
C ARG B 25 -3.20 8.71 -4.75
N ASP B 26 -2.47 9.00 -3.69
CA ASP B 26 -2.69 8.49 -2.35
C ASP B 26 -4.15 8.64 -1.81
N PRO B 27 -4.87 9.76 -2.06
CA PRO B 27 -6.29 9.89 -1.73
C PRO B 27 -7.20 9.16 -2.71
N ASP B 28 -6.79 8.92 -3.96
CA ASP B 28 -7.54 8.05 -4.88
C ASP B 28 -7.45 6.58 -4.45
N LEU B 29 -6.28 6.13 -4.00
CA LEU B 29 -6.07 4.74 -3.58
C LEU B 29 -6.90 4.36 -2.35
N ARG B 30 -6.85 5.18 -1.29
CA ARG B 30 -7.64 4.92 -0.07
C ARG B 30 -9.16 4.96 -0.29
N GLN B 31 -9.66 5.70 -1.29
CA GLN B 31 -11.08 5.67 -1.66
C GLN B 31 -11.49 4.32 -2.30
N MET B 32 -10.65 3.75 -3.18
CA MET B 32 -10.88 2.45 -3.80
C MET B 32 -10.82 1.29 -2.79
N PHE B 33 -9.90 1.34 -1.83
CA PHE B 33 -9.66 0.28 -0.85
C PHE B 33 -10.49 0.42 0.44
N GLY B 34 -10.76 1.64 0.90
CA GLY B 34 -11.38 1.94 2.18
C GLY B 34 -12.85 1.51 2.32
N GLN B 35 -13.51 1.15 1.22
CA GLN B 35 -14.83 0.50 1.24
C GLN B 35 -14.84 -0.89 1.93
N PHE B 36 -13.66 -1.47 2.19
CA PHE B 36 -13.49 -2.79 2.81
C PHE B 36 -12.78 -2.78 4.18
N GLY B 37 -12.25 -1.64 4.63
CA GLY B 37 -11.60 -1.49 5.94
C GLY B 37 -10.88 -0.15 6.13
N LYS B 38 -10.44 0.14 7.35
CA LYS B 38 -9.76 1.41 7.69
C LYS B 38 -8.31 1.43 7.19
N ILE B 39 -8.00 2.29 6.22
CA ILE B 39 -6.61 2.60 5.81
C ILE B 39 -5.88 3.36 6.94
N LEU B 40 -4.60 3.05 7.10
CA LEU B 40 -3.65 3.71 8.02
C LEU B 40 -2.55 4.49 7.26
N ASP B 41 -2.15 4.03 6.07
CA ASP B 41 -1.11 4.66 5.24
C ASP B 41 -1.24 4.24 3.75
N VAL B 42 -0.63 5.00 2.84
CA VAL B 42 -0.62 4.75 1.38
C VAL B 42 0.71 5.25 0.78
N GLU B 43 1.22 4.61 -0.27
CA GLU B 43 2.40 5.05 -1.03
C GLU B 43 2.23 4.79 -2.54
N ILE B 44 2.81 5.66 -3.38
CA ILE B 44 2.88 5.52 -4.84
C ILE B 44 4.34 5.71 -5.25
N ILE B 45 4.81 4.93 -6.23
CA ILE B 45 6.24 4.71 -6.48
C ILE B 45 6.72 5.65 -7.60
N PHE B 46 7.43 6.70 -7.20
CA PHE B 46 7.73 7.90 -7.99
C PHE B 46 8.95 7.81 -8.91
N ASN B 47 8.82 6.97 -9.92
CA ASN B 47 9.84 6.70 -10.94
C ASN B 47 10.03 7.82 -11.97
N GLU B 48 9.69 9.07 -11.61
CA GLU B 48 9.63 10.29 -12.36
C GLU B 48 8.34 10.49 -13.15
N ARG B 49 7.35 9.62 -12.91
CA ARG B 49 6.05 9.58 -13.59
C ARG B 49 4.87 9.89 -12.68
N GLY B 50 5.13 10.02 -11.38
CA GLY B 50 4.14 10.16 -10.33
C GLY B 50 3.31 8.90 -10.06
N SER B 51 3.66 7.82 -10.75
CA SER B 51 3.21 6.47 -10.55
C SER B 51 4.07 5.56 -11.42
N LYS B 52 4.83 4.61 -10.87
CA LYS B 52 5.48 3.53 -11.65
C LYS B 52 4.46 2.45 -12.05
N GLY B 53 3.26 2.89 -12.35
CA GLY B 53 2.11 2.06 -12.61
C GLY B 53 1.55 1.32 -11.39
N PHE B 54 2.14 1.50 -10.21
CA PHE B 54 1.90 0.67 -9.04
C PHE B 54 2.01 1.45 -7.72
N GLY B 55 1.43 0.89 -6.65
CA GLY B 55 1.35 1.53 -5.33
C GLY B 55 1.19 0.52 -4.20
N PHE B 56 1.04 1.03 -2.97
CA PHE B 56 0.85 0.25 -1.76
C PHE B 56 -0.11 0.94 -0.77
N VAL B 57 -0.63 0.16 0.17
CA VAL B 57 -1.63 0.56 1.17
C VAL B 57 -1.34 -0.16 2.50
N THR B 58 -1.74 0.42 3.63
CA THR B 58 -1.74 -0.24 4.95
C THR B 58 -3.14 -0.18 5.57
N PHE B 59 -3.55 -1.29 6.20
CA PHE B 59 -4.91 -1.57 6.69
C PHE B 59 -4.88 -1.95 8.16
N GLU B 60 -5.86 -1.46 8.94
CA GLU B 60 -6.03 -1.68 10.39
C GLU B 60 -5.89 -3.15 10.86
N ASN B 61 -6.27 -4.12 10.02
CA ASN B 61 -6.05 -5.55 10.28
C ASN B 61 -6.01 -6.39 8.98
N SER B 62 -5.32 -7.53 9.03
CA SER B 62 -5.19 -8.47 7.90
C SER B 62 -6.53 -9.01 7.38
N ALA B 63 -7.48 -9.31 8.27
CA ALA B 63 -8.80 -9.83 7.95
C ALA B 63 -9.79 -8.80 7.35
N ASP B 64 -9.29 -7.61 6.98
CA ASP B 64 -9.99 -6.61 6.16
C ASP B 64 -9.11 -6.20 4.96
N ALA B 65 -7.79 -6.15 5.15
CA ALA B 65 -6.79 -5.99 4.08
C ALA B 65 -6.93 -7.07 2.99
N ASP B 66 -6.80 -8.34 3.35
CA ASP B 66 -6.89 -9.46 2.41
C ASP B 66 -8.32 -9.68 1.86
N ARG B 67 -9.34 -9.06 2.47
CA ARG B 67 -10.71 -8.98 1.92
C ARG B 67 -10.82 -7.89 0.85
N ALA B 68 -10.14 -6.76 1.00
CA ALA B 68 -10.01 -5.80 -0.10
C ALA B 68 -9.28 -6.44 -1.29
N ARG B 69 -8.22 -7.20 -1.01
CA ARG B 69 -7.42 -7.87 -2.00
C ARG B 69 -8.24 -8.83 -2.87
N GLU B 70 -9.04 -9.71 -2.29
CA GLU B 70 -9.86 -10.64 -3.10
C GLU B 70 -10.89 -9.89 -3.97
N LYS B 71 -11.36 -8.71 -3.53
CA LYS B 71 -12.32 -7.87 -4.25
C LYS B 71 -11.69 -7.05 -5.38
N LEU B 72 -10.58 -6.35 -5.14
CA LEU B 72 -9.90 -5.51 -6.13
C LEU B 72 -8.95 -6.29 -7.05
N HIS B 73 -8.30 -7.35 -6.58
CA HIS B 73 -7.49 -8.23 -7.45
C HIS B 73 -8.32 -8.79 -8.62
N GLY B 74 -7.90 -8.50 -9.84
CA GLY B 74 -8.57 -8.95 -11.08
C GLY B 74 -9.76 -8.10 -11.52
N THR B 75 -10.06 -6.97 -10.84
CA THR B 75 -11.03 -5.97 -11.33
C THR B 75 -10.30 -4.95 -12.21
N VAL B 76 -11.02 -4.16 -13.01
CA VAL B 76 -10.43 -3.25 -13.99
C VAL B 76 -10.84 -1.80 -13.76
N VAL B 77 -9.91 -0.89 -14.05
CA VAL B 77 -9.98 0.54 -13.75
C VAL B 77 -9.40 1.33 -14.92
N GLU B 78 -10.18 2.28 -15.46
CA GLU B 78 -9.91 2.98 -16.73
C GLU B 78 -9.45 2.08 -17.92
N GLY B 79 -9.84 0.81 -17.88
CA GLY B 79 -9.58 -0.24 -18.87
C GLY B 79 -8.46 -1.24 -18.52
N ARG B 80 -7.73 -1.04 -17.40
CA ARG B 80 -6.60 -1.88 -16.98
C ARG B 80 -6.99 -2.75 -15.77
N LYS B 81 -6.92 -4.08 -15.92
CA LYS B 81 -7.09 -5.07 -14.83
C LYS B 81 -5.92 -4.99 -13.84
N ILE B 82 -6.22 -4.80 -12.55
CA ILE B 82 -5.22 -4.54 -11.50
C ILE B 82 -4.89 -5.80 -10.69
N GLU B 83 -3.61 -5.90 -10.29
CA GLU B 83 -3.16 -6.91 -9.33
C GLU B 83 -3.23 -6.32 -7.91
N VAL B 84 -3.46 -7.16 -6.90
CA VAL B 84 -3.36 -6.78 -5.48
C VAL B 84 -2.73 -7.92 -4.69
N ASN B 85 -1.68 -7.60 -3.93
CA ASN B 85 -0.83 -8.54 -3.20
C ASN B 85 -0.46 -8.05 -1.79
N ASN B 86 0.22 -8.89 -1.01
CA ASN B 86 0.86 -8.44 0.22
C ASN B 86 2.25 -7.88 -0.17
N ALA B 87 2.67 -6.76 0.44
CA ALA B 87 3.89 -6.06 0.03
C ALA B 87 5.17 -6.80 0.51
N THR B 88 6.27 -6.68 -0.25
CA THR B 88 7.52 -7.48 -0.08
C THR B 88 8.75 -6.59 0.17
N ALA B 89 9.99 -7.09 0.10
CA ALA B 89 11.22 -6.36 0.48
C ALA B 89 11.49 -5.05 -0.31
N ARG B 90 11.71 -3.93 0.41
CA ARG B 90 11.90 -2.52 -0.05
C ARG B 90 13.26 -2.18 -0.70
N VAL B 91 13.32 -0.99 -1.32
CA VAL B 91 14.58 -0.33 -1.71
C VAL B 91 15.17 0.36 -0.47
N MET B 92 14.53 1.43 0.04
CA MET B 92 15.04 2.20 1.20
C MET B 92 14.06 3.08 1.98
N THR B 93 13.09 3.75 1.33
CA THR B 93 12.25 4.83 1.93
C THR B 93 13.05 5.79 2.85
N ASN B 94 14.13 6.37 2.31
CA ASN B 94 15.14 7.12 3.06
C ASN B 94 14.62 8.36 3.85
N LYS B 95 13.40 8.83 3.53
CA LYS B 95 12.63 9.90 4.16
C LYS B 95 13.48 11.08 4.68
N LYS B 96 14.15 11.75 3.75
CA LYS B 96 14.92 12.98 4.00
C LYS B 96 14.04 14.14 4.50
N THR B 97 12.75 14.14 4.16
CA THR B 97 11.73 15.07 4.68
C THR B 97 11.64 15.01 6.21
N VAL B 98 11.80 16.15 6.87
CA VAL B 98 11.73 16.30 8.33
C VAL B 98 11.24 17.71 8.71
N ASN B 99 10.51 17.81 9.82
CA ASN B 99 9.90 19.04 10.32
C ASN B 99 10.26 19.16 11.82
N PRO B 100 11.11 20.14 12.25
CA PRO B 100 11.55 20.30 13.65
C PRO B 100 10.45 20.42 14.72
N TYR B 101 9.21 20.68 14.30
CA TYR B 101 8.02 20.88 15.12
C TYR B 101 7.04 19.70 14.97
N THR B 102 7.54 18.49 15.23
CA THR B 102 6.78 17.22 15.24
C THR B 102 7.05 16.42 16.52
N ASN B 103 6.13 15.50 16.85
CA ASN B 103 6.12 14.80 18.14
C ASN B 103 7.26 13.78 18.33
N GLY B 104 7.88 13.31 17.23
CA GLY B 104 8.97 12.32 17.22
C GLY B 104 9.39 11.89 15.81
N GLY B 1 16.56 -8.81 27.51
CA GLY B 1 16.93 -7.38 27.66
C GLY B 1 17.57 -6.85 26.38
N SER B 2 18.71 -6.15 26.51
CA SER B 2 19.49 -5.57 25.40
C SER B 2 20.16 -6.59 24.45
N HIS B 3 20.02 -7.89 24.72
CA HIS B 3 20.58 -9.02 23.98
C HIS B 3 20.22 -9.08 22.48
N MET B 4 19.14 -8.41 22.07
CA MET B 4 18.70 -8.27 20.67
C MET B 4 18.02 -6.91 20.43
N ASN B 5 18.18 -6.35 19.22
CA ASN B 5 17.68 -5.03 18.83
C ASN B 5 17.42 -4.87 17.31
N THR B 6 17.38 -5.97 16.55
CA THR B 6 17.37 -5.98 15.07
C THR B 6 16.29 -6.89 14.47
N GLU B 7 15.19 -7.00 15.20
CA GLU B 7 13.96 -7.72 14.86
C GLU B 7 12.70 -6.95 15.31
N ASN B 8 11.56 -7.21 14.66
CA ASN B 8 10.29 -6.52 14.87
C ASN B 8 9.05 -7.40 14.56
N LYS B 9 7.85 -6.89 14.87
CA LYS B 9 6.54 -7.51 14.61
C LYS B 9 5.49 -6.45 14.25
N SER B 10 4.38 -6.88 13.64
CA SER B 10 3.27 -6.05 13.16
C SER B 10 1.89 -6.50 13.68
N GLN B 11 0.91 -5.60 13.54
CA GLN B 11 -0.49 -5.73 13.92
C GLN B 11 -1.40 -5.47 12.70
N PRO B 12 -1.27 -4.32 12.01
CA PRO B 12 -1.89 -4.10 10.71
C PRO B 12 -1.19 -4.87 9.60
N LYS B 13 -1.71 -4.72 8.37
CA LYS B 13 -1.22 -5.42 7.17
C LYS B 13 -0.94 -4.45 6.02
N ARG B 14 0.24 -4.58 5.42
CA ARG B 14 0.71 -3.80 4.24
C ARG B 14 0.34 -4.58 2.98
N LEU B 15 -0.12 -3.85 1.98
CA LEU B 15 -0.78 -4.34 0.77
C LEU B 15 -0.29 -3.56 -0.44
N HIS B 16 -0.37 -4.18 -1.62
CA HIS B 16 0.18 -3.75 -2.90
C HIS B 16 -0.90 -3.77 -3.98
N VAL B 17 -0.76 -2.90 -4.97
CA VAL B 17 -1.57 -2.92 -6.20
C VAL B 17 -0.70 -2.69 -7.41
N SER B 18 -1.11 -3.22 -8.55
CA SER B 18 -0.39 -3.11 -9.83
C SER B 18 -1.34 -2.86 -11.00
N ASN B 19 -0.80 -2.35 -12.10
CA ASN B 19 -1.46 -1.94 -13.35
C ASN B 19 -2.45 -0.76 -13.24
N ILE B 20 -2.43 0.02 -12.15
CA ILE B 20 -3.22 1.24 -11.99
C ILE B 20 -2.77 2.39 -12.95
N PRO B 21 -3.55 3.46 -13.16
CA PRO B 21 -3.13 4.64 -13.93
C PRO B 21 -1.88 5.36 -13.43
N PHE B 22 -1.11 5.91 -14.36
CA PHE B 22 -0.01 6.84 -14.08
C PHE B 22 -0.45 8.19 -13.44
N ARG B 23 -1.77 8.46 -13.37
CA ARG B 23 -2.34 9.69 -12.75
C ARG B 23 -3.22 9.44 -11.52
N PHE B 24 -3.31 8.21 -11.02
CA PHE B 24 -3.91 7.91 -9.72
C PHE B 24 -3.19 8.64 -8.59
N ARG B 25 -3.90 8.95 -7.51
CA ARG B 25 -3.37 9.61 -6.30
C ARG B 25 -3.67 8.77 -5.06
N ASP B 26 -3.01 9.06 -3.94
CA ASP B 26 -3.29 8.43 -2.66
C ASP B 26 -4.78 8.46 -2.25
N PRO B 27 -5.56 9.56 -2.47
CA PRO B 27 -7.00 9.57 -2.25
C PRO B 27 -7.78 8.80 -3.33
N ASP B 28 -7.26 8.68 -4.55
CA ASP B 28 -7.85 7.77 -5.56
C ASP B 28 -7.74 6.31 -5.11
N LEU B 29 -6.59 5.93 -4.51
CA LEU B 29 -6.42 4.61 -3.92
C LEU B 29 -7.31 4.40 -2.68
N ARG B 30 -7.18 5.26 -1.65
CA ARG B 30 -7.82 5.01 -0.33
C ARG B 30 -9.34 4.88 -0.39
N GLN B 31 -10.01 5.58 -1.32
CA GLN B 31 -11.45 5.49 -1.55
C GLN B 31 -11.88 4.11 -2.09
N MET B 32 -11.08 3.49 -2.96
CA MET B 32 -11.33 2.15 -3.51
C MET B 32 -11.14 1.04 -2.46
N PHE B 33 -10.15 1.19 -1.57
CA PHE B 33 -9.79 0.19 -0.57
C PHE B 33 -10.53 0.34 0.77
N GLY B 34 -10.81 1.57 1.20
CA GLY B 34 -11.36 1.87 2.52
C GLY B 34 -12.79 1.37 2.79
N GLN B 35 -13.55 1.03 1.74
CA GLN B 35 -14.85 0.37 1.88
C GLN B 35 -14.80 -1.04 2.50
N PHE B 36 -13.59 -1.64 2.65
CA PHE B 36 -13.37 -2.97 3.22
C PHE B 36 -12.57 -2.99 4.55
N GLY B 37 -12.12 -1.82 5.01
CA GLY B 37 -11.44 -1.63 6.31
C GLY B 37 -10.67 -0.30 6.36
N LYS B 38 -10.37 0.19 7.57
CA LYS B 38 -9.70 1.49 7.77
C LYS B 38 -8.26 1.48 7.23
N ILE B 39 -7.96 2.41 6.31
CA ILE B 39 -6.59 2.69 5.85
C ILE B 39 -5.77 3.36 6.97
N LEU B 40 -4.51 2.95 7.09
CA LEU B 40 -3.51 3.49 8.04
C LEU B 40 -2.36 4.22 7.31
N ASP B 41 -2.07 3.87 6.06
CA ASP B 41 -1.04 4.48 5.20
C ASP B 41 -1.33 4.19 3.71
N VAL B 42 -0.82 5.02 2.81
CA VAL B 42 -0.84 4.81 1.35
C VAL B 42 0.48 5.34 0.75
N GLU B 43 1.01 4.71 -0.30
CA GLU B 43 2.18 5.15 -1.05
C GLU B 43 1.98 4.94 -2.57
N ILE B 44 2.53 5.84 -3.39
CA ILE B 44 2.63 5.69 -4.85
C ILE B 44 4.09 5.90 -5.23
N ILE B 45 4.65 4.87 -5.84
CA ILE B 45 6.06 4.68 -6.11
C ILE B 45 6.36 5.28 -7.48
N PHE B 46 7.21 6.32 -7.67
CA PHE B 46 7.53 6.87 -9.01
C PHE B 46 8.65 7.92 -9.07
N ASN B 47 9.00 8.31 -10.30
CA ASN B 47 9.86 9.47 -10.58
C ASN B 47 9.47 10.31 -11.82
N GLU B 48 9.19 9.68 -12.97
CA GLU B 48 9.08 10.38 -14.26
C GLU B 48 7.71 10.31 -14.94
N ARG B 49 6.64 9.89 -14.25
CA ARG B 49 5.25 9.89 -14.77
C ARG B 49 4.13 10.31 -13.82
N GLY B 50 4.20 9.98 -12.53
CA GLY B 50 3.10 10.14 -11.56
C GLY B 50 2.68 8.86 -10.85
N SER B 51 3.24 7.75 -11.32
CA SER B 51 3.23 6.40 -10.75
C SER B 51 4.16 5.50 -11.54
N LYS B 52 4.74 4.49 -10.87
CA LYS B 52 5.42 3.35 -11.46
C LYS B 52 4.44 2.47 -12.24
N GLY B 53 3.15 2.67 -11.96
CA GLY B 53 2.06 1.84 -12.40
C GLY B 53 1.48 1.00 -11.26
N PHE B 54 2.05 1.13 -10.07
CA PHE B 54 1.76 0.34 -8.88
C PHE B 54 1.77 1.23 -7.62
N GLY B 55 1.09 0.79 -6.57
CA GLY B 55 0.98 1.49 -5.29
C GLY B 55 0.99 0.54 -4.09
N PHE B 56 1.02 1.10 -2.89
CA PHE B 56 0.87 0.37 -1.63
C PHE B 56 -0.14 1.04 -0.70
N VAL B 57 -0.65 0.26 0.24
CA VAL B 57 -1.74 0.59 1.19
C VAL B 57 -1.48 -0.17 2.51
N THR B 58 -1.90 0.37 3.65
CA THR B 58 -1.94 -0.37 4.94
C THR B 58 -3.35 -0.43 5.52
N PHE B 59 -3.73 -1.58 6.06
CA PHE B 59 -5.06 -1.94 6.58
C PHE B 59 -4.99 -2.29 8.07
N GLU B 60 -6.04 -1.92 8.82
CA GLU B 60 -6.11 -2.09 10.28
C GLU B 60 -5.80 -3.51 10.80
N ASN B 61 -6.13 -4.57 10.04
CA ASN B 61 -5.69 -5.95 10.30
C ASN B 61 -5.65 -6.79 9.00
N SER B 62 -4.99 -7.95 9.04
CA SER B 62 -4.84 -8.87 7.91
C SER B 62 -6.16 -9.42 7.35
N ALA B 63 -7.19 -9.65 8.17
CA ALA B 63 -8.48 -10.10 7.68
C ALA B 63 -9.22 -9.04 6.84
N ASP B 64 -9.04 -7.74 7.13
CA ASP B 64 -9.65 -6.66 6.33
C ASP B 64 -8.88 -6.46 5.01
N ALA B 65 -7.55 -6.59 5.05
CA ALA B 65 -6.70 -6.64 3.87
C ALA B 65 -7.11 -7.78 2.91
N ASP B 66 -7.28 -9.01 3.42
CA ASP B 66 -7.73 -10.16 2.63
C ASP B 66 -9.05 -9.90 1.90
N ARG B 67 -10.01 -9.31 2.60
CA ARG B 67 -11.31 -8.96 2.05
C ARG B 67 -11.18 -7.94 0.92
N ALA B 68 -10.29 -6.95 1.06
CA ALA B 68 -10.03 -6.00 -0.01
C ALA B 68 -9.35 -6.66 -1.21
N ARG B 69 -8.36 -7.52 -0.99
CA ARG B 69 -7.66 -8.22 -2.06
C ARG B 69 -8.60 -9.09 -2.88
N GLU B 70 -9.48 -9.88 -2.26
CA GLU B 70 -10.42 -10.70 -3.03
C GLU B 70 -11.42 -9.85 -3.86
N LYS B 71 -11.71 -8.62 -3.40
CA LYS B 71 -12.62 -7.68 -4.06
C LYS B 71 -11.96 -6.88 -5.20
N LEU B 72 -10.76 -6.34 -5.00
CA LEU B 72 -10.06 -5.47 -5.95
C LEU B 72 -9.09 -6.23 -6.88
N HIS B 73 -8.49 -7.35 -6.46
CA HIS B 73 -7.68 -8.18 -7.37
C HIS B 73 -8.51 -8.67 -8.57
N GLY B 74 -8.06 -8.36 -9.78
CA GLY B 74 -8.73 -8.71 -11.03
C GLY B 74 -9.97 -7.88 -11.37
N THR B 75 -10.22 -6.76 -10.68
CA THR B 75 -11.23 -5.76 -11.09
C THR B 75 -10.58 -4.75 -12.02
N VAL B 76 -11.36 -3.91 -12.70
CA VAL B 76 -10.88 -2.91 -13.66
C VAL B 76 -11.24 -1.48 -13.25
N VAL B 77 -10.32 -0.56 -13.52
CA VAL B 77 -10.35 0.83 -13.05
C VAL B 77 -9.98 1.77 -14.20
N GLU B 78 -10.86 2.72 -14.52
CA GLU B 78 -10.82 3.57 -15.72
C GLU B 78 -10.44 2.85 -17.03
N GLY B 79 -10.79 1.56 -17.14
CA GLY B 79 -10.61 0.72 -18.33
C GLY B 79 -9.41 -0.25 -18.31
N ARG B 80 -8.73 -0.46 -17.18
CA ARG B 80 -7.62 -1.45 -17.04
C ARG B 80 -7.73 -2.33 -15.79
N LYS B 81 -7.54 -3.64 -15.95
CA LYS B 81 -7.60 -4.66 -14.88
C LYS B 81 -6.34 -4.64 -14.01
N ILE B 82 -6.48 -4.75 -12.69
CA ILE B 82 -5.42 -4.52 -11.70
C ILE B 82 -5.07 -5.78 -10.90
N GLU B 83 -3.86 -5.80 -10.34
CA GLU B 83 -3.46 -6.81 -9.35
C GLU B 83 -3.56 -6.22 -7.94
N VAL B 84 -3.76 -7.06 -6.92
CA VAL B 84 -3.64 -6.72 -5.49
C VAL B 84 -2.92 -7.84 -4.76
N ASN B 85 -1.98 -7.50 -3.90
CA ASN B 85 -1.00 -8.43 -3.30
C ASN B 85 -0.55 -7.99 -1.90
N ASN B 86 0.22 -8.83 -1.21
CA ASN B 86 0.97 -8.40 -0.02
C ASN B 86 2.19 -7.58 -0.48
N ALA B 87 2.65 -6.61 0.32
CA ALA B 87 3.85 -5.85 -0.01
C ALA B 87 5.13 -6.60 0.46
N THR B 88 6.22 -6.54 -0.33
CA THR B 88 7.44 -7.34 -0.17
C THR B 88 8.68 -6.48 0.16
N ALA B 89 9.91 -6.98 0.01
CA ALA B 89 11.15 -6.26 0.38
C ALA B 89 11.41 -4.94 -0.40
N ARG B 90 11.76 -3.85 0.32
CA ARG B 90 12.00 -2.46 -0.15
C ARG B 90 13.31 -2.22 -0.92
N VAL B 91 13.36 -1.10 -1.64
CA VAL B 91 14.59 -0.47 -2.21
C VAL B 91 15.33 0.23 -1.05
N MET B 92 16.67 0.29 -1.11
CA MET B 92 17.50 0.73 0.01
C MET B 92 17.40 2.24 0.36
N THR B 93 17.08 3.12 -0.60
CA THR B 93 17.18 4.59 -0.41
C THR B 93 16.10 5.19 0.51
N ASN B 94 14.84 4.73 0.40
CA ASN B 94 13.69 5.09 1.25
C ASN B 94 13.41 6.61 1.44
N LYS B 95 12.36 6.94 2.21
CA LYS B 95 12.06 8.29 2.76
C LYS B 95 13.15 8.66 3.79
N LYS B 96 13.41 9.96 4.02
CA LYS B 96 14.56 10.45 4.82
C LYS B 96 14.25 11.60 5.80
N THR B 97 13.23 12.40 5.53
CA THR B 97 12.85 13.60 6.30
C THR B 97 12.36 13.30 7.74
N VAL B 98 12.39 14.32 8.60
CA VAL B 98 11.95 14.31 10.01
C VAL B 98 11.55 15.74 10.44
N ASN B 99 10.70 15.87 11.47
CA ASN B 99 10.05 17.13 11.87
C ASN B 99 10.13 17.40 13.39
N PRO B 100 10.02 18.67 13.84
CA PRO B 100 10.15 19.05 15.26
C PRO B 100 8.85 18.99 16.08
N TYR B 101 7.70 19.32 15.47
CA TYR B 101 6.39 19.48 16.12
C TYR B 101 5.65 18.15 16.46
N THR B 102 6.29 17.00 16.29
CA THR B 102 5.65 15.67 16.35
C THR B 102 5.07 15.30 17.73
N ASN B 103 5.46 16.01 18.79
CA ASN B 103 4.94 15.86 20.16
C ASN B 103 4.71 17.22 20.85
N GLY B 104 4.46 18.29 20.06
CA GLY B 104 4.25 19.66 20.55
C GLY B 104 3.98 20.67 19.44
N GLY B 1 3.57 -24.24 24.08
CA GLY B 1 3.30 -24.21 22.62
C GLY B 1 4.20 -25.18 21.88
N SER B 2 3.63 -26.01 21.01
CA SER B 2 4.32 -27.14 20.34
C SER B 2 3.99 -27.30 18.84
N HIS B 3 3.21 -26.39 18.26
CA HIS B 3 2.80 -26.40 16.85
C HIS B 3 2.49 -24.98 16.32
N MET B 4 2.54 -24.79 15.00
CA MET B 4 2.32 -23.50 14.32
C MET B 4 0.87 -22.97 14.39
N ASN B 5 -0.11 -23.76 14.83
CA ASN B 5 -1.53 -23.39 14.92
C ASN B 5 -1.86 -22.27 15.94
N THR B 6 -0.89 -21.81 16.75
CA THR B 6 -1.06 -20.75 17.77
C THR B 6 -0.01 -19.65 17.65
N GLU B 7 0.24 -19.25 16.40
CA GLU B 7 1.17 -18.17 16.00
C GLU B 7 0.58 -17.28 14.90
N ASN B 8 1.04 -16.02 14.83
CA ASN B 8 0.63 -14.98 13.87
C ASN B 8 1.74 -13.93 13.65
N LYS B 9 1.51 -12.96 12.74
CA LYS B 9 2.43 -11.86 12.42
C LYS B 9 1.69 -10.55 12.11
N SER B 10 2.09 -9.48 12.80
CA SER B 10 1.58 -8.09 12.82
C SER B 10 0.06 -7.90 13.03
N GLN B 11 -0.28 -6.98 13.94
CA GLN B 11 -1.66 -6.54 14.24
C GLN B 11 -2.37 -5.98 13.00
N PRO B 12 -1.81 -4.94 12.32
CA PRO B 12 -2.27 -4.48 11.02
C PRO B 12 -1.83 -5.43 9.91
N LYS B 13 -2.04 -5.02 8.67
CA LYS B 13 -1.48 -5.70 7.49
C LYS B 13 -1.12 -4.69 6.40
N ARG B 14 -0.26 -5.10 5.46
CA ARG B 14 0.22 -4.27 4.35
C ARG B 14 -0.05 -4.93 3.00
N LEU B 15 -0.33 -4.09 2.03
CA LEU B 15 -0.88 -4.42 0.71
C LEU B 15 -0.17 -3.68 -0.40
N HIS B 16 -0.23 -4.27 -1.59
CA HIS B 16 0.42 -3.91 -2.84
C HIS B 16 -0.61 -3.90 -3.96
N VAL B 17 -0.44 -3.03 -4.95
CA VAL B 17 -1.23 -3.04 -6.18
C VAL B 17 -0.35 -2.83 -7.40
N SER B 18 -0.77 -3.37 -8.54
CA SER B 18 -0.10 -3.23 -9.84
C SER B 18 -1.11 -2.94 -10.97
N ASN B 19 -0.64 -2.39 -12.09
CA ASN B 19 -1.41 -1.91 -13.25
C ASN B 19 -2.45 -0.78 -12.99
N ILE B 20 -2.42 -0.08 -11.85
CA ILE B 20 -3.26 1.12 -11.65
C ILE B 20 -2.91 2.24 -12.68
N PRO B 21 -3.78 3.23 -12.94
CA PRO B 21 -3.47 4.38 -13.79
C PRO B 21 -2.19 5.14 -13.47
N PHE B 22 -1.59 5.73 -14.51
CA PHE B 22 -0.49 6.71 -14.42
C PHE B 22 -0.80 7.96 -13.58
N ARG B 23 -2.07 8.21 -13.23
CA ARG B 23 -2.53 9.43 -12.53
C ARG B 23 -3.38 9.16 -11.27
N PHE B 24 -3.47 7.91 -10.81
CA PHE B 24 -4.05 7.58 -9.49
C PHE B 24 -3.29 8.26 -8.34
N ARG B 25 -3.98 8.48 -7.21
CA ARG B 25 -3.45 9.21 -6.04
C ARG B 25 -3.78 8.51 -4.74
N ASP B 26 -3.17 8.90 -3.62
CA ASP B 26 -3.44 8.33 -2.31
C ASP B 26 -4.93 8.44 -1.92
N PRO B 27 -5.65 9.56 -2.19
CA PRO B 27 -7.10 9.65 -2.09
C PRO B 27 -7.83 8.64 -2.99
N ASP B 28 -7.36 8.45 -4.23
CA ASP B 28 -7.97 7.50 -5.17
C ASP B 28 -7.85 6.06 -4.65
N LEU B 29 -6.68 5.69 -4.11
CA LEU B 29 -6.48 4.38 -3.49
C LEU B 29 -7.27 4.23 -2.18
N ARG B 30 -7.17 5.15 -1.22
CA ARG B 30 -7.83 4.99 0.09
C ARG B 30 -9.35 5.02 -0.01
N GLN B 31 -9.92 5.69 -1.02
CA GLN B 31 -11.35 5.61 -1.33
C GLN B 31 -11.75 4.21 -1.85
N MET B 32 -10.99 3.66 -2.79
CA MET B 32 -11.25 2.34 -3.38
C MET B 32 -11.05 1.19 -2.39
N PHE B 33 -10.01 1.24 -1.55
CA PHE B 33 -9.65 0.22 -0.57
C PHE B 33 -10.40 0.39 0.78
N GLY B 34 -10.66 1.62 1.21
CA GLY B 34 -11.24 1.92 2.53
C GLY B 34 -12.70 1.50 2.74
N GLN B 35 -13.44 1.19 1.67
CA GLN B 35 -14.77 0.57 1.76
C GLN B 35 -14.76 -0.82 2.43
N PHE B 36 -13.58 -1.47 2.54
CA PHE B 36 -13.40 -2.80 3.15
C PHE B 36 -12.79 -2.76 4.56
N GLY B 37 -12.26 -1.61 5.00
CA GLY B 37 -11.74 -1.38 6.35
C GLY B 37 -10.82 -0.16 6.44
N LYS B 38 -10.49 0.28 7.65
CA LYS B 38 -9.72 1.51 7.90
C LYS B 38 -8.27 1.43 7.38
N ILE B 39 -7.92 2.32 6.43
CA ILE B 39 -6.53 2.54 6.00
C ILE B 39 -5.73 3.22 7.12
N LEU B 40 -4.46 2.81 7.25
CA LEU B 40 -3.46 3.37 8.17
C LEU B 40 -2.39 4.19 7.44
N ASP B 41 -2.04 3.82 6.20
CA ASP B 41 -1.06 4.50 5.35
C ASP B 41 -1.23 4.12 3.86
N VAL B 42 -0.66 4.91 2.94
CA VAL B 42 -0.66 4.68 1.48
C VAL B 42 0.66 5.19 0.87
N GLU B 43 1.15 4.55 -0.19
CA GLU B 43 2.31 5.00 -0.97
C GLU B 43 2.09 4.73 -2.48
N ILE B 44 2.63 5.57 -3.35
CA ILE B 44 2.57 5.44 -4.82
C ILE B 44 3.98 5.57 -5.39
N ILE B 45 4.34 4.60 -6.20
CA ILE B 45 5.71 4.37 -6.64
C ILE B 45 5.94 5.13 -7.92
N PHE B 46 6.87 6.10 -7.98
CA PHE B 46 7.32 6.71 -9.23
C PHE B 46 8.59 7.54 -9.12
N ASN B 47 9.10 7.79 -10.32
CA ASN B 47 10.39 8.35 -10.70
C ASN B 47 10.26 9.79 -11.21
N GLU B 48 9.52 9.91 -12.30
CA GLU B 48 9.42 11.11 -13.14
C GLU B 48 8.24 11.02 -14.12
N ARG B 49 7.24 10.16 -13.83
CA ARG B 49 6.05 9.90 -14.65
C ARG B 49 4.69 10.10 -13.94
N GLY B 50 4.67 10.16 -12.62
CA GLY B 50 3.44 10.31 -11.80
C GLY B 50 2.83 9.01 -11.29
N SER B 51 3.38 7.90 -11.79
CA SER B 51 3.20 6.51 -11.36
C SER B 51 4.05 5.57 -12.21
N LYS B 52 4.85 4.71 -11.56
CA LYS B 52 5.46 3.50 -12.13
C LYS B 52 4.35 2.54 -12.57
N GLY B 53 3.13 2.80 -12.11
CA GLY B 53 1.94 2.03 -12.40
C GLY B 53 1.50 1.15 -11.24
N PHE B 54 2.13 1.32 -10.07
CA PHE B 54 2.01 0.46 -8.91
C PHE B 54 2.06 1.26 -7.60
N GLY B 55 1.47 0.71 -6.54
CA GLY B 55 1.28 1.38 -5.27
C GLY B 55 1.15 0.40 -4.10
N PHE B 56 0.98 0.94 -2.90
CA PHE B 56 0.87 0.17 -1.66
C PHE B 56 -0.05 0.85 -0.63
N VAL B 57 -0.54 0.05 0.32
CA VAL B 57 -1.57 0.42 1.31
C VAL B 57 -1.30 -0.31 2.63
N THR B 58 -1.72 0.26 3.76
CA THR B 58 -1.72 -0.41 5.09
C THR B 58 -3.12 -0.40 5.71
N PHE B 59 -3.52 -1.47 6.40
CA PHE B 59 -4.87 -1.74 6.94
C PHE B 59 -4.83 -2.03 8.44
N GLU B 60 -5.87 -1.63 9.17
CA GLU B 60 -6.03 -1.84 10.62
C GLU B 60 -5.89 -3.31 11.05
N ASN B 61 -6.25 -4.27 10.18
CA ASN B 61 -6.07 -5.71 10.39
C ASN B 61 -6.00 -6.50 9.07
N SER B 62 -5.53 -7.74 9.15
CA SER B 62 -5.45 -8.69 8.03
C SER B 62 -6.81 -9.09 7.44
N ALA B 63 -7.85 -9.24 8.27
CA ALA B 63 -9.18 -9.63 7.83
C ALA B 63 -9.80 -8.63 6.85
N ASP B 64 -9.58 -7.33 7.04
CA ASP B 64 -10.09 -6.26 6.18
C ASP B 64 -9.25 -6.10 4.91
N ALA B 65 -7.94 -6.25 5.06
CA ALA B 65 -6.99 -6.29 3.97
C ALA B 65 -7.34 -7.41 2.97
N ASP B 66 -7.61 -8.63 3.46
CA ASP B 66 -8.04 -9.77 2.65
C ASP B 66 -9.36 -9.50 1.90
N ARG B 67 -10.35 -8.84 2.52
CA ARG B 67 -11.56 -8.39 1.82
C ARG B 67 -11.26 -7.39 0.70
N ALA B 68 -10.31 -6.47 0.87
CA ALA B 68 -9.93 -5.60 -0.24
C ALA B 68 -9.24 -6.38 -1.35
N ARG B 69 -8.32 -7.30 -1.00
CA ARG B 69 -7.59 -8.11 -1.96
C ARG B 69 -8.52 -8.96 -2.81
N GLU B 70 -9.46 -9.70 -2.23
CA GLU B 70 -10.35 -10.57 -3.00
C GLU B 70 -11.24 -9.78 -4.00
N LYS B 71 -11.67 -8.57 -3.61
CA LYS B 71 -12.52 -7.69 -4.42
C LYS B 71 -11.78 -6.89 -5.51
N LEU B 72 -10.62 -6.29 -5.19
CA LEU B 72 -9.88 -5.44 -6.13
C LEU B 72 -8.85 -6.21 -6.98
N HIS B 73 -8.31 -7.33 -6.52
CA HIS B 73 -7.49 -8.21 -7.38
C HIS B 73 -8.29 -8.70 -8.59
N GLY B 74 -7.89 -8.30 -9.80
CA GLY B 74 -8.59 -8.60 -11.05
C GLY B 74 -9.78 -7.68 -11.36
N THR B 75 -10.03 -6.61 -10.58
CA THR B 75 -10.99 -5.57 -10.97
C THR B 75 -10.35 -4.65 -11.99
N VAL B 76 -11.13 -3.95 -12.80
CA VAL B 76 -10.67 -3.04 -13.82
C VAL B 76 -11.13 -1.62 -13.51
N VAL B 77 -10.17 -0.69 -13.53
CA VAL B 77 -10.30 0.70 -13.12
C VAL B 77 -9.75 1.57 -14.25
N GLU B 78 -10.54 2.54 -14.72
CA GLU B 78 -10.27 3.30 -15.95
C GLU B 78 -9.75 2.44 -17.14
N GLY B 79 -10.35 1.26 -17.30
CA GLY B 79 -10.05 0.31 -18.38
C GLY B 79 -8.84 -0.63 -18.16
N ARG B 80 -8.18 -0.57 -16.98
CA ARG B 80 -6.98 -1.33 -16.62
C ARG B 80 -7.27 -2.30 -15.48
N LYS B 81 -7.20 -3.62 -15.76
CA LYS B 81 -7.30 -4.71 -14.76
C LYS B 81 -6.07 -4.72 -13.85
N ILE B 82 -6.26 -4.67 -12.54
CA ILE B 82 -5.19 -4.47 -11.54
C ILE B 82 -4.86 -5.74 -10.76
N GLU B 83 -3.64 -5.82 -10.26
CA GLU B 83 -3.22 -6.86 -9.31
C GLU B 83 -3.35 -6.30 -7.88
N VAL B 84 -3.61 -7.16 -6.88
CA VAL B 84 -3.54 -6.82 -5.45
C VAL B 84 -2.90 -7.96 -4.65
N ASN B 85 -1.84 -7.65 -3.92
CA ASN B 85 -0.97 -8.58 -3.20
C ASN B 85 -0.57 -8.05 -1.82
N ASN B 86 0.21 -8.82 -1.05
CA ASN B 86 0.90 -8.32 0.14
C ASN B 86 2.27 -7.74 -0.29
N ALA B 87 2.75 -6.73 0.44
CA ALA B 87 3.97 -6.01 0.05
C ALA B 87 5.25 -6.70 0.56
N THR B 88 6.32 -6.70 -0.24
CA THR B 88 7.56 -7.48 -0.04
C THR B 88 8.78 -6.58 0.24
N ALA B 89 10.03 -7.06 0.19
CA ALA B 89 11.24 -6.33 0.63
C ALA B 89 11.53 -4.99 -0.10
N ARG B 90 11.60 -3.86 0.64
CA ARG B 90 11.91 -2.48 0.17
C ARG B 90 13.34 -2.29 -0.40
N VAL B 91 13.51 -1.21 -1.17
CA VAL B 91 14.80 -0.66 -1.64
C VAL B 91 15.56 0.00 -0.48
N MET B 92 16.90 -0.09 -0.46
CA MET B 92 17.76 0.68 0.46
C MET B 92 18.07 2.08 -0.09
N THR B 93 18.03 3.12 0.76
CA THR B 93 18.04 4.54 0.32
C THR B 93 19.11 5.43 0.98
N ASN B 94 19.87 4.91 1.95
CA ASN B 94 20.95 5.61 2.68
C ASN B 94 20.52 6.94 3.36
N LYS B 95 21.48 7.77 3.78
CA LYS B 95 21.30 9.06 4.48
C LYS B 95 21.96 10.18 3.67
N LYS B 96 21.19 11.22 3.31
CA LYS B 96 21.57 12.25 2.31
C LYS B 96 21.27 13.70 2.71
N THR B 97 20.72 13.95 3.91
CA THR B 97 20.16 15.24 4.35
C THR B 97 20.57 15.62 5.78
N VAL B 98 20.49 16.92 6.10
CA VAL B 98 20.77 17.51 7.43
C VAL B 98 20.08 18.88 7.57
N ASN B 99 19.75 19.29 8.82
CA ASN B 99 19.24 20.62 9.19
C ASN B 99 19.79 21.03 10.57
N PRO B 100 20.00 22.33 10.85
CA PRO B 100 20.50 22.79 12.16
C PRO B 100 19.41 22.86 13.24
N TYR B 101 18.13 22.99 12.85
CA TYR B 101 16.98 23.10 13.75
C TYR B 101 16.75 21.87 14.63
N THR B 102 17.27 20.69 14.23
CA THR B 102 17.18 19.41 14.96
C THR B 102 17.80 19.44 16.38
N ASN B 103 18.56 20.48 16.72
CA ASN B 103 19.14 20.73 18.05
C ASN B 103 19.00 22.21 18.49
N GLY B 104 18.02 22.94 17.92
CA GLY B 104 17.69 24.33 18.24
C GLY B 104 17.23 24.55 19.68
N GLY B 1 3.54 -19.45 28.94
CA GLY B 1 4.83 -18.75 29.07
C GLY B 1 4.91 -17.57 28.11
N SER B 2 5.27 -16.39 28.63
CA SER B 2 5.18 -15.10 27.91
C SER B 2 6.40 -14.18 28.13
N HIS B 3 7.55 -14.74 28.55
CA HIS B 3 8.77 -14.01 28.90
C HIS B 3 9.26 -13.09 27.76
N MET B 4 9.68 -11.88 28.12
CA MET B 4 10.11 -10.75 27.24
C MET B 4 9.05 -10.22 26.24
N ASN B 5 8.06 -11.03 25.84
CA ASN B 5 7.03 -10.75 24.84
C ASN B 5 7.55 -10.25 23.47
N THR B 6 8.82 -10.52 23.14
CA THR B 6 9.48 -10.25 21.85
C THR B 6 9.01 -11.25 20.78
N GLU B 7 7.71 -11.27 20.51
CA GLU B 7 7.01 -12.30 19.71
C GLU B 7 6.21 -11.74 18.51
N ASN B 8 6.11 -10.41 18.40
CA ASN B 8 5.34 -9.70 17.35
C ASN B 8 5.91 -8.27 17.13
N LYS B 9 5.72 -7.72 15.92
CA LYS B 9 6.08 -6.32 15.59
C LYS B 9 5.14 -5.64 14.58
N SER B 10 3.86 -5.97 14.63
CA SER B 10 2.80 -5.28 13.89
C SER B 10 1.40 -5.41 14.49
N GLN B 11 0.47 -4.66 13.93
CA GLN B 11 -0.97 -4.67 14.18
C GLN B 11 -1.73 -4.58 12.84
N PRO B 12 -1.45 -3.57 11.98
CA PRO B 12 -1.94 -3.51 10.61
C PRO B 12 -1.22 -4.46 9.65
N LYS B 13 -1.64 -4.41 8.39
CA LYS B 13 -1.07 -5.14 7.25
C LYS B 13 -0.83 -4.19 6.06
N ARG B 14 0.26 -4.38 5.29
CA ARG B 14 0.51 -3.63 4.04
C ARG B 14 0.11 -4.48 2.83
N LEU B 15 -0.31 -3.79 1.78
CA LEU B 15 -0.96 -4.36 0.62
C LEU B 15 -0.53 -3.64 -0.66
N HIS B 16 0.22 -4.34 -1.51
CA HIS B 16 0.60 -3.93 -2.87
C HIS B 16 -0.61 -3.94 -3.80
N VAL B 17 -0.60 -3.05 -4.79
CA VAL B 17 -1.53 -3.04 -5.93
C VAL B 17 -0.75 -2.75 -7.19
N SER B 18 -1.18 -3.31 -8.30
CA SER B 18 -0.47 -3.20 -9.59
C SER B 18 -1.42 -2.90 -10.75
N ASN B 19 -0.88 -2.33 -11.82
CA ASN B 19 -1.52 -1.95 -13.08
C ASN B 19 -2.51 -0.76 -13.00
N ILE B 20 -2.48 0.02 -11.92
CA ILE B 20 -3.31 1.23 -11.72
C ILE B 20 -3.01 2.34 -12.78
N PRO B 21 -3.87 3.37 -12.98
CA PRO B 21 -3.86 4.35 -14.09
C PRO B 21 -2.62 5.19 -14.49
N PHE B 22 -1.43 4.94 -13.93
CA PHE B 22 -0.23 5.80 -14.03
C PHE B 22 -0.42 7.22 -13.45
N ARG B 23 -1.66 7.68 -13.20
CA ARG B 23 -2.00 9.08 -12.85
C ARG B 23 -2.88 9.23 -11.61
N PHE B 24 -3.17 8.14 -10.90
CA PHE B 24 -3.80 8.15 -9.58
C PHE B 24 -2.97 8.93 -8.54
N ARG B 25 -3.61 9.32 -7.44
CA ARG B 25 -2.93 9.86 -6.25
C ARG B 25 -3.38 9.14 -4.99
N ASP B 26 -2.71 9.42 -3.89
CA ASP B 26 -2.91 8.88 -2.56
C ASP B 26 -4.40 8.87 -2.10
N PRO B 27 -5.23 9.90 -2.38
CA PRO B 27 -6.67 9.88 -2.12
C PRO B 27 -7.47 9.12 -3.20
N ASP B 28 -7.00 9.05 -4.45
CA ASP B 28 -7.63 8.20 -5.48
C ASP B 28 -7.53 6.71 -5.11
N LEU B 29 -6.40 6.31 -4.53
CA LEU B 29 -6.19 4.95 -4.03
C LEU B 29 -7.13 4.60 -2.87
N ARG B 30 -7.04 5.33 -1.74
CA ARG B 30 -7.79 4.95 -0.52
C ARG B 30 -9.32 4.93 -0.69
N GLN B 31 -9.87 5.73 -1.61
CA GLN B 31 -11.32 5.70 -1.93
C GLN B 31 -11.79 4.35 -2.49
N MET B 32 -10.96 3.66 -3.31
CA MET B 32 -11.25 2.34 -3.83
C MET B 32 -11.12 1.24 -2.76
N PHE B 33 -10.13 1.35 -1.88
CA PHE B 33 -9.75 0.31 -0.92
C PHE B 33 -10.45 0.40 0.44
N GLY B 34 -10.80 1.61 0.90
CA GLY B 34 -11.34 1.87 2.23
C GLY B 34 -12.74 1.31 2.52
N GLN B 35 -13.51 0.98 1.48
CA GLN B 35 -14.82 0.32 1.61
C GLN B 35 -14.74 -1.12 2.18
N PHE B 36 -13.54 -1.71 2.29
CA PHE B 36 -13.32 -3.08 2.79
C PHE B 36 -12.50 -3.16 4.10
N GLY B 37 -11.95 -2.03 4.55
CA GLY B 37 -11.23 -1.88 5.82
C GLY B 37 -10.55 -0.51 5.91
N LYS B 38 -10.38 0.04 7.12
CA LYS B 38 -9.82 1.38 7.34
C LYS B 38 -8.37 1.48 6.87
N ILE B 39 -8.08 2.45 5.99
CA ILE B 39 -6.72 2.83 5.61
C ILE B 39 -6.04 3.60 6.76
N LEU B 40 -4.78 3.25 7.01
CA LEU B 40 -3.87 3.93 7.95
C LEU B 40 -2.76 4.71 7.23
N ASP B 41 -2.36 4.28 6.03
CA ASP B 41 -1.34 4.94 5.19
C ASP B 41 -1.43 4.50 3.70
N VAL B 42 -0.82 5.26 2.79
CA VAL B 42 -0.74 4.99 1.34
C VAL B 42 0.62 5.44 0.79
N GLU B 43 1.18 4.70 -0.18
CA GLU B 43 2.41 5.05 -0.90
C GLU B 43 2.21 4.83 -2.41
N ILE B 44 2.67 5.79 -3.24
CA ILE B 44 2.76 5.63 -4.70
C ILE B 44 4.21 5.80 -5.09
N ILE B 45 4.66 4.80 -5.83
CA ILE B 45 6.05 4.49 -6.14
C ILE B 45 6.30 5.10 -7.50
N PHE B 46 7.09 6.16 -7.58
CA PHE B 46 7.56 6.62 -8.89
C PHE B 46 8.89 7.36 -8.85
N ASN B 47 9.47 7.37 -10.03
CA ASN B 47 10.84 7.77 -10.30
C ASN B 47 10.98 9.22 -10.80
N GLU B 48 9.95 9.70 -11.48
CA GLU B 48 9.89 10.98 -12.17
C GLU B 48 8.69 11.06 -13.10
N ARG B 49 8.43 9.97 -13.83
CA ARG B 49 7.48 9.95 -14.96
C ARG B 49 5.99 10.01 -14.61
N GLY B 50 5.70 9.71 -13.36
CA GLY B 50 4.36 9.44 -12.83
C GLY B 50 4.36 8.02 -12.32
N SER B 51 3.29 7.60 -11.64
CA SER B 51 3.22 6.30 -10.95
C SER B 51 3.92 5.20 -11.76
N LYS B 52 4.85 4.46 -11.13
CA LYS B 52 5.55 3.31 -11.74
C LYS B 52 4.59 2.27 -12.34
N GLY B 53 3.38 2.29 -11.82
CA GLY B 53 2.20 1.60 -12.31
C GLY B 53 1.48 0.86 -11.19
N PHE B 54 2.05 0.92 -9.98
CA PHE B 54 1.69 0.15 -8.81
C PHE B 54 1.74 1.07 -7.56
N GLY B 55 1.14 0.62 -6.46
CA GLY B 55 1.07 1.35 -5.20
C GLY B 55 1.08 0.41 -4.00
N PHE B 56 1.06 0.99 -2.80
CA PHE B 56 0.83 0.26 -1.55
C PHE B 56 -0.15 1.00 -0.65
N VAL B 57 -0.83 0.23 0.19
CA VAL B 57 -1.84 0.67 1.13
C VAL B 57 -1.59 -0.06 2.46
N THR B 58 -1.88 0.61 3.59
CA THR B 58 -1.85 -0.02 4.93
C THR B 58 -3.26 -0.11 5.49
N PHE B 59 -3.65 -1.32 5.88
CA PHE B 59 -4.99 -1.73 6.33
C PHE B 59 -4.97 -2.08 7.82
N GLU B 60 -6.02 -1.72 8.56
CA GLU B 60 -6.12 -1.86 10.02
C GLU B 60 -5.77 -3.25 10.60
N ASN B 61 -5.99 -4.34 9.84
CA ASN B 61 -5.49 -5.70 10.11
C ASN B 61 -5.59 -6.60 8.85
N SER B 62 -4.93 -7.75 8.88
CA SER B 62 -4.90 -8.72 7.77
C SER B 62 -6.27 -9.25 7.34
N ALA B 63 -7.16 -9.56 8.29
CA ALA B 63 -8.51 -10.07 8.03
C ALA B 63 -9.51 -9.02 7.48
N ASP B 64 -9.04 -7.82 7.16
CA ASP B 64 -9.73 -6.75 6.44
C ASP B 64 -8.96 -6.34 5.18
N ALA B 65 -7.62 -6.46 5.19
CA ALA B 65 -6.78 -6.35 4.01
C ALA B 65 -7.11 -7.44 2.96
N ASP B 66 -7.25 -8.71 3.37
CA ASP B 66 -7.60 -9.82 2.47
C ASP B 66 -8.99 -9.67 1.83
N ARG B 67 -9.94 -9.00 2.52
CA ARG B 67 -11.26 -8.64 1.98
C ARG B 67 -11.12 -7.74 0.74
N ALA B 68 -10.23 -6.75 0.82
CA ALA B 68 -9.91 -5.90 -0.33
C ALA B 68 -9.28 -6.70 -1.47
N ARG B 69 -8.38 -7.66 -1.19
CA ARG B 69 -7.79 -8.47 -2.26
C ARG B 69 -8.83 -9.29 -3.02
N GLU B 70 -9.72 -10.01 -2.33
CA GLU B 70 -10.72 -10.84 -3.03
C GLU B 70 -11.71 -10.00 -3.86
N LYS B 71 -11.86 -8.71 -3.51
CA LYS B 71 -12.73 -7.75 -4.20
C LYS B 71 -12.05 -7.01 -5.36
N LEU B 72 -10.78 -6.60 -5.23
CA LEU B 72 -10.06 -5.78 -6.21
C LEU B 72 -9.04 -6.55 -7.07
N HIS B 73 -8.47 -7.66 -6.60
CA HIS B 73 -7.57 -8.50 -7.42
C HIS B 73 -8.33 -9.11 -8.62
N GLY B 74 -7.91 -8.80 -9.85
CA GLY B 74 -8.58 -9.23 -11.08
C GLY B 74 -9.87 -8.46 -11.40
N THR B 75 -10.11 -7.34 -10.73
CA THR B 75 -11.18 -6.35 -11.00
C THR B 75 -10.54 -5.15 -11.70
N VAL B 76 -11.33 -4.25 -12.29
CA VAL B 76 -10.85 -3.19 -13.17
C VAL B 76 -11.30 -1.81 -12.71
N VAL B 77 -10.48 -0.80 -13.03
CA VAL B 77 -10.61 0.59 -12.59
C VAL B 77 -10.23 1.51 -13.75
N GLU B 78 -11.09 2.50 -14.04
CA GLU B 78 -11.05 3.34 -15.24
C GLU B 78 -10.79 2.59 -16.57
N GLY B 79 -11.26 1.33 -16.64
CA GLY B 79 -11.15 0.44 -17.79
C GLY B 79 -9.92 -0.50 -17.79
N ARG B 80 -9.12 -0.53 -16.72
CA ARG B 80 -7.85 -1.27 -16.63
C ARG B 80 -7.81 -2.21 -15.41
N LYS B 81 -7.63 -3.52 -15.65
CA LYS B 81 -7.61 -4.58 -14.63
C LYS B 81 -6.33 -4.54 -13.79
N ILE B 82 -6.45 -4.78 -12.48
CA ILE B 82 -5.38 -4.57 -11.47
C ILE B 82 -5.09 -5.82 -10.65
N GLU B 83 -3.87 -5.90 -10.10
CA GLU B 83 -3.48 -6.90 -9.11
C GLU B 83 -3.55 -6.31 -7.70
N VAL B 84 -3.69 -7.16 -6.67
CA VAL B 84 -3.59 -6.79 -5.26
C VAL B 84 -2.90 -7.93 -4.50
N ASN B 85 -1.89 -7.59 -3.70
CA ASN B 85 -0.94 -8.52 -3.09
C ASN B 85 -0.49 -8.08 -1.71
N ASN B 86 0.19 -8.95 -0.97
CA ASN B 86 0.94 -8.55 0.22
C ASN B 86 2.15 -7.71 -0.25
N ALA B 87 2.48 -6.63 0.46
CA ALA B 87 3.71 -5.88 0.18
C ALA B 87 4.93 -6.59 0.78
N THR B 88 6.07 -6.59 0.07
CA THR B 88 7.23 -7.48 0.37
C THR B 88 8.55 -6.71 0.49
N ALA B 89 9.34 -6.89 1.57
CA ALA B 89 10.58 -6.12 1.87
C ALA B 89 10.46 -4.57 1.71
N ARG B 90 11.56 -3.84 1.40
CA ARG B 90 11.65 -2.42 0.95
C ARG B 90 13.06 -2.00 0.48
N VAL B 91 13.14 -0.92 -0.33
CA VAL B 91 14.41 -0.21 -0.63
C VAL B 91 14.78 0.67 0.58
N MET B 92 16.06 1.02 0.75
CA MET B 92 16.49 2.06 1.70
C MET B 92 15.88 3.44 1.37
N THR B 93 15.84 4.33 2.37
CA THR B 93 15.40 5.73 2.22
C THR B 93 16.51 6.70 2.65
N ASN B 94 16.45 7.92 2.09
CA ASN B 94 17.49 8.95 2.17
C ASN B 94 16.89 10.36 2.38
N LYS B 95 17.71 11.26 2.96
CA LYS B 95 17.48 12.70 3.06
C LYS B 95 18.81 13.45 2.94
N LYS B 96 18.83 14.53 2.17
CA LYS B 96 19.97 15.46 1.98
C LYS B 96 19.57 16.94 1.97
N THR B 97 18.26 17.26 1.92
CA THR B 97 17.75 18.62 2.13
C THR B 97 18.02 19.12 3.56
N VAL B 98 18.10 20.44 3.76
CA VAL B 98 18.51 21.10 5.01
C VAL B 98 17.88 22.49 5.15
N ASN B 99 17.66 22.94 6.40
CA ASN B 99 17.00 24.21 6.77
C ASN B 99 17.76 24.92 7.92
N PRO B 100 17.49 26.21 8.23
CA PRO B 100 18.24 26.98 9.23
C PRO B 100 18.18 26.49 10.69
N TYR B 101 17.19 25.64 11.06
CA TYR B 101 16.96 25.16 12.43
C TYR B 101 16.85 23.62 12.55
N THR B 102 17.60 22.88 11.72
CA THR B 102 17.79 21.41 11.87
C THR B 102 18.58 21.00 13.13
N ASN B 103 19.14 21.96 13.87
CA ASN B 103 19.90 21.74 15.11
C ASN B 103 19.02 21.29 16.30
N GLY B 104 17.75 21.70 16.35
CA GLY B 104 16.82 21.44 17.48
C GLY B 104 15.62 22.37 17.51
N GLY B 1 8.03 -12.10 19.87
CA GLY B 1 7.02 -11.26 19.19
C GLY B 1 6.10 -12.12 18.35
N SER B 2 5.01 -12.61 18.94
CA SER B 2 4.14 -13.65 18.33
C SER B 2 2.63 -13.42 18.54
N HIS B 3 2.24 -12.29 19.14
CA HIS B 3 0.88 -11.86 19.56
C HIS B 3 0.13 -12.76 20.55
N MET B 4 0.42 -14.06 20.62
CA MET B 4 -0.12 -14.99 21.63
C MET B 4 0.39 -14.69 23.05
N ASN B 5 1.63 -14.19 23.17
CA ASN B 5 2.32 -13.93 24.45
C ASN B 5 3.17 -12.64 24.48
N THR B 6 3.45 -12.03 23.32
CA THR B 6 4.33 -10.86 23.14
C THR B 6 3.85 -10.01 21.97
N GLU B 7 3.77 -8.68 22.16
CA GLU B 7 3.11 -7.77 21.20
C GLU B 7 4.04 -6.66 20.68
N ASN B 8 5.36 -6.85 20.78
CA ASN B 8 6.41 -6.00 20.19
C ASN B 8 6.51 -6.16 18.64
N LYS B 9 5.36 -6.23 17.96
CA LYS B 9 5.19 -6.49 16.52
C LYS B 9 3.95 -5.76 15.97
N SER B 10 4.04 -5.31 14.72
CA SER B 10 3.02 -4.52 14.01
C SER B 10 1.59 -5.07 14.11
N GLN B 11 0.66 -4.20 14.51
CA GLN B 11 -0.80 -4.42 14.49
C GLN B 11 -1.39 -4.57 13.06
N PRO B 12 -1.17 -3.58 12.16
CA PRO B 12 -1.79 -3.56 10.82
C PRO B 12 -1.11 -4.47 9.81
N LYS B 13 -1.67 -4.46 8.60
CA LYS B 13 -1.20 -5.21 7.42
C LYS B 13 -1.04 -4.27 6.23
N ARG B 14 0.16 -4.26 5.63
CA ARG B 14 0.49 -3.52 4.40
C ARG B 14 0.22 -4.37 3.16
N LEU B 15 -0.16 -3.69 2.09
CA LEU B 15 -0.74 -4.21 0.86
C LEU B 15 -0.11 -3.50 -0.35
N HIS B 16 -0.03 -4.21 -1.48
CA HIS B 16 0.47 -3.78 -2.78
C HIS B 16 -0.69 -3.77 -3.79
N VAL B 17 -0.57 -2.93 -4.83
CA VAL B 17 -1.44 -2.94 -6.02
C VAL B 17 -0.59 -2.75 -7.26
N SER B 18 -1.05 -3.26 -8.41
CA SER B 18 -0.38 -3.13 -9.71
C SER B 18 -1.36 -2.85 -10.85
N ASN B 19 -0.84 -2.36 -11.98
CA ASN B 19 -1.52 -1.96 -13.21
C ASN B 19 -2.47 -0.75 -13.11
N ILE B 20 -2.51 -0.06 -11.96
CA ILE B 20 -3.28 1.19 -11.77
C ILE B 20 -2.79 2.32 -12.71
N PRO B 21 -3.60 3.35 -13.02
CA PRO B 21 -3.16 4.51 -13.82
C PRO B 21 -1.90 5.23 -13.35
N PHE B 22 -1.10 5.74 -14.30
CA PHE B 22 0.00 6.69 -14.04
C PHE B 22 -0.47 8.00 -13.40
N ARG B 23 -1.79 8.27 -13.34
CA ARG B 23 -2.40 9.47 -12.74
C ARG B 23 -3.27 9.20 -11.49
N PHE B 24 -3.36 7.95 -11.03
CA PHE B 24 -3.96 7.64 -9.72
C PHE B 24 -3.18 8.34 -8.60
N ARG B 25 -3.86 8.65 -7.48
CA ARG B 25 -3.25 9.31 -6.31
C ARG B 25 -3.64 8.61 -5.02
N ASP B 26 -2.99 8.96 -3.91
CA ASP B 26 -3.24 8.36 -2.60
C ASP B 26 -4.71 8.49 -2.12
N PRO B 27 -5.42 9.61 -2.40
CA PRO B 27 -6.87 9.73 -2.24
C PRO B 27 -7.64 8.77 -3.17
N ASP B 28 -7.20 8.66 -4.43
CA ASP B 28 -7.82 7.80 -5.46
C ASP B 28 -7.79 6.31 -5.04
N LEU B 29 -6.66 5.88 -4.45
CA LEU B 29 -6.54 4.54 -3.85
C LEU B 29 -7.43 4.36 -2.62
N ARG B 30 -7.31 5.19 -1.57
CA ARG B 30 -8.08 4.94 -0.32
C ARG B 30 -9.60 5.02 -0.50
N GLN B 31 -10.12 5.78 -1.46
CA GLN B 31 -11.54 5.79 -1.81
C GLN B 31 -12.04 4.43 -2.35
N MET B 32 -11.21 3.69 -3.10
CA MET B 32 -11.51 2.35 -3.59
C MET B 32 -11.31 1.28 -2.51
N PHE B 33 -10.26 1.38 -1.70
CA PHE B 33 -9.87 0.36 -0.72
C PHE B 33 -10.60 0.48 0.63
N GLY B 34 -10.93 1.69 1.10
CA GLY B 34 -11.46 1.95 2.44
C GLY B 34 -12.88 1.45 2.71
N GLN B 35 -13.63 1.01 1.70
CA GLN B 35 -14.93 0.35 1.88
C GLN B 35 -14.85 -1.01 2.61
N PHE B 36 -13.66 -1.62 2.70
CA PHE B 36 -13.45 -2.93 3.35
C PHE B 36 -12.83 -2.84 4.76
N GLY B 37 -12.17 -1.73 5.09
CA GLY B 37 -11.55 -1.47 6.39
C GLY B 37 -10.78 -0.14 6.40
N LYS B 38 -10.44 0.37 7.59
CA LYS B 38 -9.78 1.68 7.76
C LYS B 38 -8.34 1.68 7.23
N ILE B 39 -8.06 2.56 6.27
CA ILE B 39 -6.69 2.86 5.82
C ILE B 39 -5.92 3.61 6.91
N LEU B 40 -4.66 3.22 7.13
CA LEU B 40 -3.70 3.85 8.04
C LEU B 40 -2.56 4.57 7.30
N ASP B 41 -2.24 4.14 6.07
CA ASP B 41 -1.22 4.73 5.19
C ASP B 41 -1.47 4.35 3.72
N VAL B 42 -0.96 5.15 2.79
CA VAL B 42 -0.96 4.89 1.33
C VAL B 42 0.34 5.44 0.72
N GLU B 43 0.87 4.80 -0.31
CA GLU B 43 2.07 5.23 -1.02
C GLU B 43 1.97 4.93 -2.53
N ILE B 44 2.58 5.79 -3.36
CA ILE B 44 2.70 5.61 -4.82
C ILE B 44 4.16 5.87 -5.19
N ILE B 45 4.71 4.90 -5.93
CA ILE B 45 6.12 4.66 -6.21
C ILE B 45 6.49 5.28 -7.55
N PHE B 46 7.20 6.42 -7.62
CA PHE B 46 7.59 7.02 -8.91
C PHE B 46 8.63 8.14 -8.86
N ASN B 47 8.97 8.64 -10.05
CA ASN B 47 9.75 9.88 -10.24
C ASN B 47 9.38 10.68 -11.49
N GLU B 48 9.06 10.02 -12.61
CA GLU B 48 8.96 10.68 -13.93
C GLU B 48 7.65 10.47 -14.70
N ARG B 49 6.64 9.82 -14.11
CA ARG B 49 5.27 9.66 -14.67
C ARG B 49 4.06 9.96 -13.79
N GLY B 50 4.20 9.94 -12.45
CA GLY B 50 3.08 10.05 -11.49
C GLY B 50 2.70 8.72 -10.83
N SER B 51 3.30 7.65 -11.32
CA SER B 51 3.34 6.29 -10.77
C SER B 51 4.28 5.42 -11.58
N LYS B 52 4.90 4.42 -10.93
CA LYS B 52 5.58 3.30 -11.56
C LYS B 52 4.61 2.34 -12.25
N GLY B 53 3.33 2.50 -11.90
CA GLY B 53 2.20 1.72 -12.36
C GLY B 53 1.58 0.89 -11.23
N PHE B 54 2.19 0.97 -10.04
CA PHE B 54 1.86 0.18 -8.86
C PHE B 54 1.90 1.07 -7.60
N GLY B 55 1.30 0.60 -6.52
CA GLY B 55 1.09 1.36 -5.28
C GLY B 55 1.13 0.46 -4.04
N PHE B 56 1.05 1.06 -2.86
CA PHE B 56 0.86 0.36 -1.59
C PHE B 56 -0.16 1.07 -0.70
N VAL B 57 -0.74 0.30 0.23
CA VAL B 57 -1.79 0.69 1.18
C VAL B 57 -1.52 0.00 2.51
N THR B 58 -1.97 0.54 3.64
CA THR B 58 -1.95 -0.15 4.95
C THR B 58 -3.33 -0.16 5.60
N PHE B 59 -3.71 -1.31 6.15
CA PHE B 59 -5.04 -1.65 6.69
C PHE B 59 -4.95 -1.99 8.17
N GLU B 60 -5.94 -1.56 8.95
CA GLU B 60 -5.99 -1.72 10.41
C GLU B 60 -5.75 -3.15 10.94
N ASN B 61 -6.07 -4.19 10.15
CA ASN B 61 -5.72 -5.59 10.40
C ASN B 61 -5.78 -6.45 9.11
N SER B 62 -5.11 -7.61 9.12
CA SER B 62 -5.03 -8.51 7.96
C SER B 62 -6.38 -9.09 7.49
N ALA B 63 -7.29 -9.41 8.42
CA ALA B 63 -8.60 -9.98 8.08
C ALA B 63 -9.54 -9.02 7.31
N ASP B 64 -9.21 -7.72 7.21
CA ASP B 64 -9.93 -6.75 6.37
C ASP B 64 -9.07 -6.31 5.16
N ALA B 65 -7.74 -6.42 5.26
CA ALA B 65 -6.83 -6.26 4.13
C ALA B 65 -7.06 -7.35 3.05
N ASP B 66 -7.16 -8.62 3.47
CA ASP B 66 -7.44 -9.75 2.56
C ASP B 66 -8.83 -9.65 1.89
N ARG B 67 -9.81 -9.02 2.55
CA ARG B 67 -11.12 -8.69 1.95
C ARG B 67 -10.98 -7.70 0.80
N ALA B 68 -10.13 -6.68 0.94
CA ALA B 68 -9.80 -5.79 -0.18
C ALA B 68 -9.06 -6.54 -1.30
N ARG B 69 -8.11 -7.43 -0.96
CA ARG B 69 -7.41 -8.23 -1.97
C ARG B 69 -8.36 -9.06 -2.82
N GLU B 70 -9.23 -9.86 -2.21
CA GLU B 70 -10.12 -10.75 -2.98
C GLU B 70 -11.15 -9.98 -3.83
N LYS B 71 -11.46 -8.72 -3.47
CA LYS B 71 -12.42 -7.86 -4.17
C LYS B 71 -11.80 -7.06 -5.32
N LEU B 72 -10.63 -6.44 -5.11
CA LEU B 72 -9.97 -5.56 -6.08
C LEU B 72 -8.95 -6.32 -6.96
N HIS B 73 -8.33 -7.40 -6.50
CA HIS B 73 -7.52 -8.26 -7.38
C HIS B 73 -8.37 -8.83 -8.53
N GLY B 74 -8.01 -8.54 -9.78
CA GLY B 74 -8.73 -8.98 -10.97
C GLY B 74 -9.95 -8.11 -11.35
N THR B 75 -10.15 -6.95 -10.71
CA THR B 75 -11.14 -5.94 -11.15
C THR B 75 -10.45 -4.90 -12.01
N VAL B 76 -11.21 -4.08 -12.75
CA VAL B 76 -10.68 -3.11 -13.72
C VAL B 76 -11.09 -1.68 -13.40
N VAL B 77 -10.16 -0.76 -13.64
CA VAL B 77 -10.24 0.67 -13.28
C VAL B 77 -9.66 1.52 -14.41
N GLU B 78 -10.43 2.49 -14.90
CA GLU B 78 -10.17 3.25 -16.14
C GLU B 78 -9.69 2.39 -17.35
N GLY B 79 -10.19 1.16 -17.42
CA GLY B 79 -9.91 0.16 -18.45
C GLY B 79 -8.82 -0.86 -18.12
N ARG B 80 -8.08 -0.70 -17.01
CA ARG B 80 -6.91 -1.50 -16.63
C ARG B 80 -7.25 -2.48 -15.51
N LYS B 81 -7.13 -3.79 -15.74
CA LYS B 81 -7.32 -4.85 -14.72
C LYS B 81 -6.13 -4.90 -13.75
N ILE B 82 -6.38 -4.74 -12.44
CA ILE B 82 -5.35 -4.53 -11.41
C ILE B 82 -5.03 -5.78 -10.59
N GLU B 83 -3.82 -5.83 -10.05
CA GLU B 83 -3.40 -6.82 -9.06
C GLU B 83 -3.47 -6.22 -7.65
N VAL B 84 -3.62 -7.06 -6.62
CA VAL B 84 -3.56 -6.67 -5.19
C VAL B 84 -2.92 -7.78 -4.36
N ASN B 85 -1.95 -7.42 -3.51
CA ASN B 85 -1.04 -8.37 -2.83
C ASN B 85 -0.61 -7.91 -1.44
N ASN B 86 0.14 -8.75 -0.73
CA ASN B 86 0.91 -8.36 0.46
C ASN B 86 2.18 -7.61 -0.02
N ALA B 87 2.63 -6.58 0.70
CA ALA B 87 3.86 -5.86 0.33
C ALA B 87 5.12 -6.61 0.84
N THR B 88 6.01 -6.97 -0.08
CA THR B 88 7.26 -7.73 0.16
C THR B 88 8.46 -6.79 0.42
N ALA B 89 9.71 -7.26 0.51
CA ALA B 89 10.86 -6.41 0.89
C ALA B 89 11.17 -5.23 -0.07
N ARG B 90 11.41 -4.03 0.48
CA ARG B 90 11.71 -2.73 -0.19
C ARG B 90 13.10 -2.67 -0.89
N VAL B 91 13.30 -1.64 -1.72
CA VAL B 91 14.62 -1.21 -2.23
C VAL B 91 15.49 -0.79 -1.02
N MET B 92 16.82 -0.85 -1.12
CA MET B 92 17.77 -0.56 -0.02
C MET B 92 17.69 0.86 0.60
N THR B 93 17.01 1.81 -0.05
CA THR B 93 16.75 3.20 0.37
C THR B 93 15.83 3.28 1.60
N ASN B 94 16.33 2.79 2.74
CA ASN B 94 15.64 2.77 4.04
C ASN B 94 15.55 4.15 4.73
N LYS B 95 16.37 5.13 4.30
CA LYS B 95 16.39 6.50 4.83
C LYS B 95 15.38 7.42 4.12
N LYS B 96 15.08 8.57 4.75
CA LYS B 96 14.19 9.65 4.26
C LYS B 96 14.88 11.02 4.39
N THR B 97 14.24 12.09 3.90
CA THR B 97 14.79 13.44 3.80
C THR B 97 15.27 14.03 5.14
N VAL B 98 14.37 14.19 6.12
CA VAL B 98 14.62 14.77 7.45
C VAL B 98 13.42 14.54 8.40
N ASN B 99 13.67 14.55 9.71
CA ASN B 99 12.70 14.39 10.79
C ASN B 99 12.90 15.46 11.90
N PRO B 100 12.58 16.74 11.63
CA PRO B 100 12.98 17.87 12.48
C PRO B 100 12.06 18.19 13.67
N TYR B 101 10.72 18.10 13.53
CA TYR B 101 9.78 18.63 14.54
C TYR B 101 9.32 17.54 15.54
N THR B 102 10.09 16.44 15.66
CA THR B 102 9.76 15.24 16.44
C THR B 102 9.57 15.49 17.94
N ASN B 103 10.21 16.52 18.51
CA ASN B 103 10.05 16.91 19.92
C ASN B 103 10.19 18.44 20.18
N GLY B 104 10.24 19.27 19.14
CA GLY B 104 10.41 20.73 19.25
C GLY B 104 10.64 21.41 17.90
#